data_3U7M
# 
_entry.id   3U7M 
# 
_audit_conform.dict_name       mmcif_pdbx.dic 
_audit_conform.dict_version    5.398 
_audit_conform.dict_location   http://mmcif.pdb.org/dictionaries/ascii/mmcif_pdbx.dic 
# 
loop_
_database_2.database_id 
_database_2.database_code 
_database_2.pdbx_database_accession 
_database_2.pdbx_DOI 
PDB   3U7M         pdb_00003u7m 10.2210/pdb3u7m/pdb 
RCSB  RCSB068407   ?            ?                   
WWPDB D_1000068407 ?            ?                   
# 
loop_
_pdbx_audit_revision_history.ordinal 
_pdbx_audit_revision_history.data_content_type 
_pdbx_audit_revision_history.major_revision 
_pdbx_audit_revision_history.minor_revision 
_pdbx_audit_revision_history.revision_date 
1 'Structure model' 1 0 2012-06-27 
2 'Structure model' 1 1 2017-03-01 
3 'Structure model' 1 2 2023-11-01 
4 'Structure model' 1 3 2024-11-13 
# 
_pdbx_audit_revision_details.ordinal             1 
_pdbx_audit_revision_details.revision_ordinal    1 
_pdbx_audit_revision_details.data_content_type   'Structure model' 
_pdbx_audit_revision_details.provider            repository 
_pdbx_audit_revision_details.type                'Initial release' 
_pdbx_audit_revision_details.description         ? 
_pdbx_audit_revision_details.details             ? 
# 
loop_
_pdbx_audit_revision_group.ordinal 
_pdbx_audit_revision_group.revision_ordinal 
_pdbx_audit_revision_group.data_content_type 
_pdbx_audit_revision_group.group 
1 2 'Structure model' 'Database references'    
2 3 'Structure model' 'Data collection'        
3 3 'Structure model' 'Database references'    
4 3 'Structure model' 'Derived calculations'   
5 3 'Structure model' 'Refinement description' 
6 4 'Structure model' 'Structure summary'      
# 
loop_
_pdbx_audit_revision_category.ordinal 
_pdbx_audit_revision_category.revision_ordinal 
_pdbx_audit_revision_category.data_content_type 
_pdbx_audit_revision_category.category 
1 3 'Structure model' chem_comp_atom                
2 3 'Structure model' chem_comp_bond                
3 3 'Structure model' database_2                    
4 3 'Structure model' pdbx_initial_refinement_model 
5 3 'Structure model' struct_conn                   
6 3 'Structure model' struct_ref_seq_dif            
7 3 'Structure model' struct_site                   
8 4 'Structure model' pdbx_entry_details            
9 4 'Structure model' pdbx_modification_feature     
# 
loop_
_pdbx_audit_revision_item.ordinal 
_pdbx_audit_revision_item.revision_ordinal 
_pdbx_audit_revision_item.data_content_type 
_pdbx_audit_revision_item.item 
1  3 'Structure model' '_database_2.pdbx_DOI'                
2  3 'Structure model' '_database_2.pdbx_database_accession' 
3  3 'Structure model' '_struct_conn.pdbx_leaving_atom_flag' 
4  3 'Structure model' '_struct_conn.ptnr1_auth_comp_id'     
5  3 'Structure model' '_struct_conn.ptnr1_auth_seq_id'      
6  3 'Structure model' '_struct_conn.ptnr1_label_asym_id'    
7  3 'Structure model' '_struct_conn.ptnr1_label_atom_id'    
8  3 'Structure model' '_struct_conn.ptnr1_label_comp_id'    
9  3 'Structure model' '_struct_conn.ptnr2_auth_comp_id'     
10 3 'Structure model' '_struct_conn.ptnr2_auth_seq_id'      
11 3 'Structure model' '_struct_conn.ptnr2_label_asym_id'    
12 3 'Structure model' '_struct_conn.ptnr2_label_atom_id'    
13 3 'Structure model' '_struct_conn.ptnr2_label_comp_id'    
14 3 'Structure model' '_struct_ref_seq_dif.details'         
15 3 'Structure model' '_struct_site.pdbx_auth_asym_id'      
16 3 'Structure model' '_struct_site.pdbx_auth_comp_id'      
17 3 'Structure model' '_struct_site.pdbx_auth_seq_id'       
# 
_pdbx_database_status.status_code                     REL 
_pdbx_database_status.entry_id                        3U7M 
_pdbx_database_status.recvd_initial_deposition_date   2011-10-14 
_pdbx_database_status.deposit_site                    RCSB 
_pdbx_database_status.process_site                    PDBJ 
_pdbx_database_status.status_code_sf                  REL 
_pdbx_database_status.status_code_mr                  ? 
_pdbx_database_status.SG_entry                        ? 
_pdbx_database_status.status_code_cs                  ? 
_pdbx_database_status.methods_development_category    ? 
_pdbx_database_status.pdb_format_compatible           Y 
_pdbx_database_status.status_code_nmr_data            ? 
# 
loop_
_pdbx_database_related.db_name 
_pdbx_database_related.db_id 
_pdbx_database_related.details 
_pdbx_database_related.content_type 
PDB 3U7K . unspecified 
PDB 3U7L . unspecified 
PDB 3U7N . unspecified 
# 
loop_
_audit_author.name 
_audit_author.pdbx_ordinal 
'Lee, S.J.'   1 
'Lee, S.-J.'  2 
'Lee, S.K.'   3 
'Yoon, H.-J.' 4 
'Lee, H.H.'   5 
'Kim, K.K.'   6 
'Lee, B.J.'   7 
'Suh, S.W.'   8 
# 
_citation.id                        primary 
_citation.title                     
'Structures of Staphylococcus aureus peptide deformylase in complex with two classes of new inhibitors' 
_citation.journal_abbrev            'Acta Crystallogr.,Sect.D' 
_citation.journal_volume            68 
_citation.page_first                784 
_citation.page_last                 793 
_citation.year                      2012 
_citation.journal_id_ASTM           ABCRE6 
_citation.country                   DK 
_citation.journal_id_ISSN           0907-4449 
_citation.journal_id_CSD            0766 
_citation.book_publisher            ? 
_citation.pdbx_database_id_PubMed   22751663 
_citation.pdbx_database_id_DOI      10.1107/S0907444912011912 
# 
loop_
_citation_author.citation_id 
_citation_author.name 
_citation_author.ordinal 
_citation_author.identifier_ORCID 
primary 'Lee, S.J.'   1 ? 
primary 'Lee, S.-J.'  2 ? 
primary 'Lee, S.K.'   3 ? 
primary 'Yoon, H.-J.' 4 ? 
primary 'Lee, H.H.'   5 ? 
primary 'Kim, K.K.'   6 ? 
primary 'Lee, B.J.'   7 ? 
primary 'Lee, B.I.'   8 ? 
primary 'Suh, S.W.'   9 ? 
# 
loop_
_entity.id 
_entity.type 
_entity.src_method 
_entity.pdbx_description 
_entity.formula_weight 
_entity.pdbx_number_of_molecules 
_entity.pdbx_ec 
_entity.pdbx_mutation 
_entity.pdbx_fragment 
_entity.details 
1 polymer     man 'Peptide deformylase'                                                                     21692.713 1   3.5.1.88 
? ? ? 
2 non-polymer syn 'ZINC ION'                                                                                65.409    1   ?        
? ? ? 
3 non-polymer syn 'N-((2R,4S)-2-butyl-4-(3-(2-fluorophenyl)ureido)-5-methyl-3-oxohexyl)-N-hydroxyformamide' 381.442   1   ?        
? ? ? 
4 water       nat water                                                                                     18.015    113 ?        
? ? ? 
# 
_entity_name_com.entity_id   1 
_entity_name_com.name        'PDF, Polypeptide deformylase' 
# 
_entity_poly.entity_id                      1 
_entity_poly.type                           'polypeptide(L)' 
_entity_poly.nstd_linkage                   no 
_entity_poly.nstd_monomer                   yes 
_entity_poly.pdbx_seq_one_letter_code       
;MLTMKDIIRDGHPTLRQKAAELELPLTKEEKETLIAMREFLVNSQDEEIAKRYGLRSGVGLAAPQINISKRMIAVLIPDD
GSGKSYDYMLVNPKIVSHSVQEAYLPTGEG(CSD)LSVDDNVAGLVHRHNRITIKAKDIEGNDIQLRLKGYPAIVFQHEI
DHLNGVMFYDHIDKDHPLQPHTDAVEVLEHHHHHH
;
_entity_poly.pdbx_seq_one_letter_code_can   
;MLTMKDIIRDGHPTLRQKAAELELPLTKEEKETLIAMREFLVNSQDEEIAKRYGLRSGVGLAAPQINISKRMIAVLIPDD
GSGKSYDYMLVNPKIVSHSVQEAYLPTGEGCLSVDDNVAGLVHRHNRITIKAKDIEGNDIQLRLKGYPAIVFQHEIDHLN
GVMFYDHIDKDHPLQPHTDAVEVLEHHHHHH
;
_entity_poly.pdbx_strand_id                 A 
_entity_poly.pdbx_target_identifier         ? 
# 
loop_
_pdbx_entity_nonpoly.entity_id 
_pdbx_entity_nonpoly.name 
_pdbx_entity_nonpoly.comp_id 
2 'ZINC ION'                                                                                ZN  
3 'N-((2R,4S)-2-butyl-4-(3-(2-fluorophenyl)ureido)-5-methyl-3-oxohexyl)-N-hydroxyformamide' FHF 
4 water                                                                                     HOH 
# 
loop_
_entity_poly_seq.entity_id 
_entity_poly_seq.num 
_entity_poly_seq.mon_id 
_entity_poly_seq.hetero 
1 1   MET n 
1 2   LEU n 
1 3   THR n 
1 4   MET n 
1 5   LYS n 
1 6   ASP n 
1 7   ILE n 
1 8   ILE n 
1 9   ARG n 
1 10  ASP n 
1 11  GLY n 
1 12  HIS n 
1 13  PRO n 
1 14  THR n 
1 15  LEU n 
1 16  ARG n 
1 17  GLN n 
1 18  LYS n 
1 19  ALA n 
1 20  ALA n 
1 21  GLU n 
1 22  LEU n 
1 23  GLU n 
1 24  LEU n 
1 25  PRO n 
1 26  LEU n 
1 27  THR n 
1 28  LYS n 
1 29  GLU n 
1 30  GLU n 
1 31  LYS n 
1 32  GLU n 
1 33  THR n 
1 34  LEU n 
1 35  ILE n 
1 36  ALA n 
1 37  MET n 
1 38  ARG n 
1 39  GLU n 
1 40  PHE n 
1 41  LEU n 
1 42  VAL n 
1 43  ASN n 
1 44  SER n 
1 45  GLN n 
1 46  ASP n 
1 47  GLU n 
1 48  GLU n 
1 49  ILE n 
1 50  ALA n 
1 51  LYS n 
1 52  ARG n 
1 53  TYR n 
1 54  GLY n 
1 55  LEU n 
1 56  ARG n 
1 57  SER n 
1 58  GLY n 
1 59  VAL n 
1 60  GLY n 
1 61  LEU n 
1 62  ALA n 
1 63  ALA n 
1 64  PRO n 
1 65  GLN n 
1 66  ILE n 
1 67  ASN n 
1 68  ILE n 
1 69  SER n 
1 70  LYS n 
1 71  ARG n 
1 72  MET n 
1 73  ILE n 
1 74  ALA n 
1 75  VAL n 
1 76  LEU n 
1 77  ILE n 
1 78  PRO n 
1 79  ASP n 
1 80  ASP n 
1 81  GLY n 
1 82  SER n 
1 83  GLY n 
1 84  LYS n 
1 85  SER n 
1 86  TYR n 
1 87  ASP n 
1 88  TYR n 
1 89  MET n 
1 90  LEU n 
1 91  VAL n 
1 92  ASN n 
1 93  PRO n 
1 94  LYS n 
1 95  ILE n 
1 96  VAL n 
1 97  SER n 
1 98  HIS n 
1 99  SER n 
1 100 VAL n 
1 101 GLN n 
1 102 GLU n 
1 103 ALA n 
1 104 TYR n 
1 105 LEU n 
1 106 PRO n 
1 107 THR n 
1 108 GLY n 
1 109 GLU n 
1 110 GLY n 
1 111 CSD n 
1 112 LEU n 
1 113 SER n 
1 114 VAL n 
1 115 ASP n 
1 116 ASP n 
1 117 ASN n 
1 118 VAL n 
1 119 ALA n 
1 120 GLY n 
1 121 LEU n 
1 122 VAL n 
1 123 HIS n 
1 124 ARG n 
1 125 HIS n 
1 126 ASN n 
1 127 ARG n 
1 128 ILE n 
1 129 THR n 
1 130 ILE n 
1 131 LYS n 
1 132 ALA n 
1 133 LYS n 
1 134 ASP n 
1 135 ILE n 
1 136 GLU n 
1 137 GLY n 
1 138 ASN n 
1 139 ASP n 
1 140 ILE n 
1 141 GLN n 
1 142 LEU n 
1 143 ARG n 
1 144 LEU n 
1 145 LYS n 
1 146 GLY n 
1 147 TYR n 
1 148 PRO n 
1 149 ALA n 
1 150 ILE n 
1 151 VAL n 
1 152 PHE n 
1 153 GLN n 
1 154 HIS n 
1 155 GLU n 
1 156 ILE n 
1 157 ASP n 
1 158 HIS n 
1 159 LEU n 
1 160 ASN n 
1 161 GLY n 
1 162 VAL n 
1 163 MET n 
1 164 PHE n 
1 165 TYR n 
1 166 ASP n 
1 167 HIS n 
1 168 ILE n 
1 169 ASP n 
1 170 LYS n 
1 171 ASP n 
1 172 HIS n 
1 173 PRO n 
1 174 LEU n 
1 175 GLN n 
1 176 PRO n 
1 177 HIS n 
1 178 THR n 
1 179 ASP n 
1 180 ALA n 
1 181 VAL n 
1 182 GLU n 
1 183 VAL n 
1 184 LEU n 
1 185 GLU n 
1 186 HIS n 
1 187 HIS n 
1 188 HIS n 
1 189 HIS n 
1 190 HIS n 
1 191 HIS n 
# 
_entity_src_gen.entity_id                          1 
_entity_src_gen.pdbx_src_id                        1 
_entity_src_gen.pdbx_alt_source_flag               sample 
_entity_src_gen.pdbx_seq_type                      ? 
_entity_src_gen.pdbx_beg_seq_num                   ? 
_entity_src_gen.pdbx_end_seq_num                   ? 
_entity_src_gen.gene_src_common_name               ? 
_entity_src_gen.gene_src_genus                     ? 
_entity_src_gen.pdbx_gene_src_gene                 sacol1100 
_entity_src_gen.gene_src_species                   ? 
_entity_src_gen.gene_src_strain                    COL 
_entity_src_gen.gene_src_tissue                    ? 
_entity_src_gen.gene_src_tissue_fraction           ? 
_entity_src_gen.gene_src_details                   ? 
_entity_src_gen.pdbx_gene_src_fragment             ? 
_entity_src_gen.pdbx_gene_src_scientific_name      'Staphylococcus aureus' 
_entity_src_gen.pdbx_gene_src_ncbi_taxonomy_id     93062 
_entity_src_gen.pdbx_gene_src_variant              ? 
_entity_src_gen.pdbx_gene_src_cell_line            ? 
_entity_src_gen.pdbx_gene_src_atcc                 ? 
_entity_src_gen.pdbx_gene_src_organ                ? 
_entity_src_gen.pdbx_gene_src_organelle            ? 
_entity_src_gen.pdbx_gene_src_cell                 ? 
_entity_src_gen.pdbx_gene_src_cellular_location    ? 
_entity_src_gen.host_org_common_name               ? 
_entity_src_gen.pdbx_host_org_scientific_name      'Escherichia coli' 
_entity_src_gen.pdbx_host_org_ncbi_taxonomy_id     562 
_entity_src_gen.host_org_genus                     ? 
_entity_src_gen.pdbx_host_org_gene                 ? 
_entity_src_gen.pdbx_host_org_organ                ? 
_entity_src_gen.host_org_species                   ? 
_entity_src_gen.pdbx_host_org_tissue               ? 
_entity_src_gen.pdbx_host_org_tissue_fraction      ? 
_entity_src_gen.pdbx_host_org_strain               'C41(DE3)' 
_entity_src_gen.pdbx_host_org_variant              ? 
_entity_src_gen.pdbx_host_org_cell_line            ? 
_entity_src_gen.pdbx_host_org_atcc                 ? 
_entity_src_gen.pdbx_host_org_culture_collection   ? 
_entity_src_gen.pdbx_host_org_cell                 ? 
_entity_src_gen.pdbx_host_org_organelle            ? 
_entity_src_gen.pdbx_host_org_cellular_location    ? 
_entity_src_gen.pdbx_host_org_vector_type          plasmid 
_entity_src_gen.pdbx_host_org_vector               ? 
_entity_src_gen.host_org_details                   ? 
_entity_src_gen.expression_system_id               ? 
_entity_src_gen.plasmid_name                       'pET-21a(+)' 
_entity_src_gen.plasmid_details                    ? 
_entity_src_gen.pdbx_description                   ? 
# 
loop_
_chem_comp.id 
_chem_comp.type 
_chem_comp.mon_nstd_flag 
_chem_comp.name 
_chem_comp.pdbx_synonyms 
_chem_comp.formula 
_chem_comp.formula_weight 
ALA 'L-peptide linking' y ALANINE                                                                                   ? 'C3 H7 N O2' 
89.093  
ARG 'L-peptide linking' y ARGININE                                                                                  ? 
'C6 H15 N4 O2 1'  175.209 
ASN 'L-peptide linking' y ASPARAGINE                                                                                ? 
'C4 H8 N2 O3'     132.118 
ASP 'L-peptide linking' y 'ASPARTIC ACID'                                                                           ? 'C4 H7 N O4' 
133.103 
CSD 'L-peptide linking' n 3-SULFINOALANINE                                                                          
'S-CYSTEINESULFINIC ACID; S-SULFINOCYSTEINE' 'C3 H7 N O4 S'    153.157 
FHF non-polymer         . 'N-((2R,4S)-2-butyl-4-(3-(2-fluorophenyl)ureido)-5-methyl-3-oxohexyl)-N-hydroxyformamide' ? 
'C19 H28 F N3 O4' 381.442 
GLN 'L-peptide linking' y GLUTAMINE                                                                                 ? 
'C5 H10 N2 O3'    146.144 
GLU 'L-peptide linking' y 'GLUTAMIC ACID'                                                                           ? 'C5 H9 N O4' 
147.129 
GLY 'peptide linking'   y GLYCINE                                                                                   ? 'C2 H5 N O2' 
75.067  
HIS 'L-peptide linking' y HISTIDINE                                                                                 ? 
'C6 H10 N3 O2 1'  156.162 
HOH non-polymer         . WATER                                                                                     ? 'H2 O' 
18.015  
ILE 'L-peptide linking' y ISOLEUCINE                                                                                ? 
'C6 H13 N O2'     131.173 
LEU 'L-peptide linking' y LEUCINE                                                                                   ? 
'C6 H13 N O2'     131.173 
LYS 'L-peptide linking' y LYSINE                                                                                    ? 
'C6 H15 N2 O2 1'  147.195 
MET 'L-peptide linking' y METHIONINE                                                                                ? 
'C5 H11 N O2 S'   149.211 
PHE 'L-peptide linking' y PHENYLALANINE                                                                             ? 
'C9 H11 N O2'     165.189 
PRO 'L-peptide linking' y PROLINE                                                                                   ? 'C5 H9 N O2' 
115.130 
SER 'L-peptide linking' y SERINE                                                                                    ? 'C3 H7 N O3' 
105.093 
THR 'L-peptide linking' y THREONINE                                                                                 ? 'C4 H9 N O3' 
119.119 
TYR 'L-peptide linking' y TYROSINE                                                                                  ? 
'C9 H11 N O3'     181.189 
VAL 'L-peptide linking' y VALINE                                                                                    ? 
'C5 H11 N O2'     117.146 
ZN  non-polymer         . 'ZINC ION'                                                                                ? 'Zn 2' 
65.409  
# 
loop_
_pdbx_poly_seq_scheme.asym_id 
_pdbx_poly_seq_scheme.entity_id 
_pdbx_poly_seq_scheme.seq_id 
_pdbx_poly_seq_scheme.mon_id 
_pdbx_poly_seq_scheme.ndb_seq_num 
_pdbx_poly_seq_scheme.pdb_seq_num 
_pdbx_poly_seq_scheme.auth_seq_num 
_pdbx_poly_seq_scheme.pdb_mon_id 
_pdbx_poly_seq_scheme.auth_mon_id 
_pdbx_poly_seq_scheme.pdb_strand_id 
_pdbx_poly_seq_scheme.pdb_ins_code 
_pdbx_poly_seq_scheme.hetero 
A 1 1   MET 1   1   1   MET MET A . n 
A 1 2   LEU 2   2   2   LEU LEU A . n 
A 1 3   THR 3   3   3   THR THR A . n 
A 1 4   MET 4   4   4   MET MET A . n 
A 1 5   LYS 5   5   5   LYS LYS A . n 
A 1 6   ASP 6   6   6   ASP ASP A . n 
A 1 7   ILE 7   7   7   ILE ILE A . n 
A 1 8   ILE 8   8   8   ILE ILE A . n 
A 1 9   ARG 9   9   9   ARG ARG A . n 
A 1 10  ASP 10  10  10  ASP ASP A . n 
A 1 11  GLY 11  11  11  GLY GLY A . n 
A 1 12  HIS 12  12  12  HIS HIS A . n 
A 1 13  PRO 13  13  13  PRO PRO A . n 
A 1 14  THR 14  14  14  THR THR A . n 
A 1 15  LEU 15  15  15  LEU LEU A . n 
A 1 16  ARG 16  16  16  ARG ARG A . n 
A 1 17  GLN 17  17  17  GLN GLN A . n 
A 1 18  LYS 18  18  18  LYS LYS A . n 
A 1 19  ALA 19  19  19  ALA ALA A . n 
A 1 20  ALA 20  20  20  ALA ALA A . n 
A 1 21  GLU 21  21  21  GLU GLU A . n 
A 1 22  LEU 22  22  22  LEU LEU A . n 
A 1 23  GLU 23  23  23  GLU GLU A . n 
A 1 24  LEU 24  24  24  LEU LEU A . n 
A 1 25  PRO 25  25  25  PRO PRO A . n 
A 1 26  LEU 26  26  26  LEU LEU A . n 
A 1 27  THR 27  27  27  THR THR A . n 
A 1 28  LYS 28  28  28  LYS LYS A . n 
A 1 29  GLU 29  29  29  GLU GLU A . n 
A 1 30  GLU 30  30  30  GLU GLU A . n 
A 1 31  LYS 31  31  31  LYS LYS A . n 
A 1 32  GLU 32  32  32  GLU GLU A . n 
A 1 33  THR 33  33  33  THR THR A . n 
A 1 34  LEU 34  34  34  LEU LEU A . n 
A 1 35  ILE 35  35  35  ILE ILE A . n 
A 1 36  ALA 36  36  36  ALA ALA A . n 
A 1 37  MET 37  37  37  MET MET A . n 
A 1 38  ARG 38  38  38  ARG ARG A . n 
A 1 39  GLU 39  39  39  GLU GLU A . n 
A 1 40  PHE 40  40  40  PHE PHE A . n 
A 1 41  LEU 41  41  41  LEU LEU A . n 
A 1 42  VAL 42  42  42  VAL VAL A . n 
A 1 43  ASN 43  43  43  ASN ASN A . n 
A 1 44  SER 44  44  44  SER SER A . n 
A 1 45  GLN 45  45  45  GLN GLN A . n 
A 1 46  ASP 46  46  46  ASP ASP A . n 
A 1 47  GLU 47  47  47  GLU GLU A . n 
A 1 48  GLU 48  48  48  GLU GLU A . n 
A 1 49  ILE 49  49  49  ILE ILE A . n 
A 1 50  ALA 50  50  50  ALA ALA A . n 
A 1 51  LYS 51  51  51  LYS LYS A . n 
A 1 52  ARG 52  52  52  ARG ARG A . n 
A 1 53  TYR 53  53  53  TYR TYR A . n 
A 1 54  GLY 54  54  54  GLY GLY A . n 
A 1 55  LEU 55  55  55  LEU LEU A . n 
A 1 56  ARG 56  56  56  ARG ARG A . n 
A 1 57  SER 57  57  57  SER SER A . n 
A 1 58  GLY 58  58  58  GLY GLY A . n 
A 1 59  VAL 59  59  59  VAL VAL A . n 
A 1 60  GLY 60  60  60  GLY GLY A . n 
A 1 61  LEU 61  61  61  LEU LEU A . n 
A 1 62  ALA 62  62  62  ALA ALA A . n 
A 1 63  ALA 63  63  63  ALA ALA A . n 
A 1 64  PRO 64  64  64  PRO PRO A . n 
A 1 65  GLN 65  65  65  GLN GLN A . n 
A 1 66  ILE 66  66  66  ILE ILE A . n 
A 1 67  ASN 67  67  67  ASN ASN A . n 
A 1 68  ILE 68  68  68  ILE ILE A . n 
A 1 69  SER 69  69  69  SER SER A . n 
A 1 70  LYS 70  70  70  LYS LYS A . n 
A 1 71  ARG 71  71  71  ARG ARG A . n 
A 1 72  MET 72  72  72  MET MET A . n 
A 1 73  ILE 73  73  73  ILE ILE A . n 
A 1 74  ALA 74  74  74  ALA ALA A . n 
A 1 75  VAL 75  75  75  VAL VAL A . n 
A 1 76  LEU 76  76  76  LEU LEU A . n 
A 1 77  ILE 77  77  77  ILE ILE A . n 
A 1 78  PRO 78  78  78  PRO PRO A . n 
A 1 79  ASP 79  79  79  ASP ASP A . n 
A 1 80  ASP 80  80  80  ASP ASP A . n 
A 1 81  GLY 81  81  81  GLY GLY A . n 
A 1 82  SER 82  82  82  SER SER A . n 
A 1 83  GLY 83  83  83  GLY GLY A . n 
A 1 84  LYS 84  84  84  LYS LYS A . n 
A 1 85  SER 85  85  85  SER SER A . n 
A 1 86  TYR 86  86  86  TYR TYR A . n 
A 1 87  ASP 87  87  87  ASP ASP A . n 
A 1 88  TYR 88  88  88  TYR TYR A . n 
A 1 89  MET 89  89  89  MET MET A . n 
A 1 90  LEU 90  90  90  LEU LEU A . n 
A 1 91  VAL 91  91  91  VAL VAL A . n 
A 1 92  ASN 92  92  92  ASN ASN A . n 
A 1 93  PRO 93  93  93  PRO PRO A . n 
A 1 94  LYS 94  94  94  LYS LYS A . n 
A 1 95  ILE 95  95  95  ILE ILE A . n 
A 1 96  VAL 96  96  96  VAL VAL A . n 
A 1 97  SER 97  97  97  SER SER A . n 
A 1 98  HIS 98  98  98  HIS HIS A . n 
A 1 99  SER 99  99  99  SER SER A . n 
A 1 100 VAL 100 100 100 VAL VAL A . n 
A 1 101 GLN 101 101 101 GLN GLN A . n 
A 1 102 GLU 102 102 102 GLU GLU A . n 
A 1 103 ALA 103 103 103 ALA ALA A . n 
A 1 104 TYR 104 104 104 TYR TYR A . n 
A 1 105 LEU 105 105 105 LEU LEU A . n 
A 1 106 PRO 106 106 106 PRO PRO A . n 
A 1 107 THR 107 107 107 THR THR A . n 
A 1 108 GLY 108 108 108 GLY GLY A . n 
A 1 109 GLU 109 109 109 GLU GLU A . n 
A 1 110 GLY 110 110 110 GLY GLY A . n 
A 1 111 CSD 111 111 111 CSD CSD A . n 
A 1 112 LEU 112 112 112 LEU LEU A . n 
A 1 113 SER 113 113 113 SER SER A . n 
A 1 114 VAL 114 114 114 VAL VAL A . n 
A 1 115 ASP 115 115 115 ASP ASP A . n 
A 1 116 ASP 116 116 116 ASP ASP A . n 
A 1 117 ASN 117 117 117 ASN ASN A . n 
A 1 118 VAL 118 118 118 VAL VAL A . n 
A 1 119 ALA 119 119 119 ALA ALA A . n 
A 1 120 GLY 120 120 120 GLY GLY A . n 
A 1 121 LEU 121 121 121 LEU LEU A . n 
A 1 122 VAL 122 122 122 VAL VAL A . n 
A 1 123 HIS 123 123 123 HIS HIS A . n 
A 1 124 ARG 124 124 124 ARG ARG A . n 
A 1 125 HIS 125 125 125 HIS HIS A . n 
A 1 126 ASN 126 126 126 ASN ASN A . n 
A 1 127 ARG 127 127 127 ARG ARG A . n 
A 1 128 ILE 128 128 128 ILE ILE A . n 
A 1 129 THR 129 129 129 THR THR A . n 
A 1 130 ILE 130 130 130 ILE ILE A . n 
A 1 131 LYS 131 131 131 LYS LYS A . n 
A 1 132 ALA 132 132 132 ALA ALA A . n 
A 1 133 LYS 133 133 133 LYS LYS A . n 
A 1 134 ASP 134 134 134 ASP ASP A . n 
A 1 135 ILE 135 135 135 ILE ILE A . n 
A 1 136 GLU 136 136 136 GLU GLU A . n 
A 1 137 GLY 137 137 137 GLY GLY A . n 
A 1 138 ASN 138 138 138 ASN ASN A . n 
A 1 139 ASP 139 139 139 ASP ASP A . n 
A 1 140 ILE 140 140 140 ILE ILE A . n 
A 1 141 GLN 141 141 141 GLN GLN A . n 
A 1 142 LEU 142 142 142 LEU LEU A . n 
A 1 143 ARG 143 143 143 ARG ARG A . n 
A 1 144 LEU 144 144 144 LEU LEU A . n 
A 1 145 LYS 145 145 145 LYS LYS A . n 
A 1 146 GLY 146 146 146 GLY GLY A . n 
A 1 147 TYR 147 147 147 TYR TYR A . n 
A 1 148 PRO 148 148 148 PRO PRO A . n 
A 1 149 ALA 149 149 149 ALA ALA A . n 
A 1 150 ILE 150 150 150 ILE ILE A . n 
A 1 151 VAL 151 151 151 VAL VAL A . n 
A 1 152 PHE 152 152 152 PHE PHE A . n 
A 1 153 GLN 153 153 153 GLN GLN A . n 
A 1 154 HIS 154 154 154 HIS HIS A . n 
A 1 155 GLU 155 155 155 GLU GLU A . n 
A 1 156 ILE 156 156 156 ILE ILE A . n 
A 1 157 ASP 157 157 157 ASP ASP A . n 
A 1 158 HIS 158 158 158 HIS HIS A . n 
A 1 159 LEU 159 159 159 LEU LEU A . n 
A 1 160 ASN 160 160 160 ASN ASN A . n 
A 1 161 GLY 161 161 161 GLY GLY A . n 
A 1 162 VAL 162 162 162 VAL VAL A . n 
A 1 163 MET 163 163 163 MET MET A . n 
A 1 164 PHE 164 164 164 PHE PHE A . n 
A 1 165 TYR 165 165 165 TYR TYR A . n 
A 1 166 ASP 166 166 166 ASP ASP A . n 
A 1 167 HIS 167 167 167 HIS HIS A . n 
A 1 168 ILE 168 168 168 ILE ILE A . n 
A 1 169 ASP 169 169 169 ASP ASP A . n 
A 1 170 LYS 170 170 170 LYS LYS A . n 
A 1 171 ASP 171 171 171 ASP ASP A . n 
A 1 172 HIS 172 172 172 HIS HIS A . n 
A 1 173 PRO 173 173 173 PRO PRO A . n 
A 1 174 LEU 174 174 174 LEU LEU A . n 
A 1 175 GLN 175 175 175 GLN GLN A . n 
A 1 176 PRO 176 176 176 PRO PRO A . n 
A 1 177 HIS 177 177 177 HIS HIS A . n 
A 1 178 THR 178 178 178 THR THR A . n 
A 1 179 ASP 179 179 179 ASP ASP A . n 
A 1 180 ALA 180 180 180 ALA ALA A . n 
A 1 181 VAL 181 181 181 VAL VAL A . n 
A 1 182 GLU 182 182 182 GLU GLU A . n 
A 1 183 VAL 183 183 183 VAL VAL A . n 
A 1 184 LEU 184 184 184 LEU LEU A . n 
A 1 185 GLU 185 185 185 GLU GLU A . n 
A 1 186 HIS 186 186 ?   ?   ?   A . n 
A 1 187 HIS 187 187 ?   ?   ?   A . n 
A 1 188 HIS 188 188 ?   ?   ?   A . n 
A 1 189 HIS 189 189 ?   ?   ?   A . n 
A 1 190 HIS 190 190 ?   ?   ?   A . n 
A 1 191 HIS 191 191 ?   ?   ?   A . n 
# 
loop_
_pdbx_nonpoly_scheme.asym_id 
_pdbx_nonpoly_scheme.entity_id 
_pdbx_nonpoly_scheme.mon_id 
_pdbx_nonpoly_scheme.ndb_seq_num 
_pdbx_nonpoly_scheme.pdb_seq_num 
_pdbx_nonpoly_scheme.auth_seq_num 
_pdbx_nonpoly_scheme.pdb_mon_id 
_pdbx_nonpoly_scheme.auth_mon_id 
_pdbx_nonpoly_scheme.pdb_strand_id 
_pdbx_nonpoly_scheme.pdb_ins_code 
B 2 ZN  1   350 350 ZN  ZN  A . 
C 3 FHF 1   192 1   FHF DRG A . 
D 4 HOH 1   193 1   HOH HOH A . 
D 4 HOH 2   194 2   HOH HOH A . 
D 4 HOH 3   195 3   HOH HOH A . 
D 4 HOH 4   196 4   HOH HOH A . 
D 4 HOH 5   197 5   HOH HOH A . 
D 4 HOH 6   198 6   HOH HOH A . 
D 4 HOH 7   199 7   HOH HOH A . 
D 4 HOH 8   200 8   HOH HOH A . 
D 4 HOH 9   201 9   HOH HOH A . 
D 4 HOH 10  202 10  HOH HOH A . 
D 4 HOH 11  203 11  HOH HOH A . 
D 4 HOH 12  204 12  HOH HOH A . 
D 4 HOH 13  205 13  HOH HOH A . 
D 4 HOH 14  206 14  HOH HOH A . 
D 4 HOH 15  207 15  HOH HOH A . 
D 4 HOH 16  208 16  HOH HOH A . 
D 4 HOH 17  209 17  HOH HOH A . 
D 4 HOH 18  210 18  HOH HOH A . 
D 4 HOH 19  211 19  HOH HOH A . 
D 4 HOH 20  212 20  HOH HOH A . 
D 4 HOH 21  213 21  HOH HOH A . 
D 4 HOH 22  214 22  HOH HOH A . 
D 4 HOH 23  215 23  HOH HOH A . 
D 4 HOH 24  216 24  HOH HOH A . 
D 4 HOH 25  217 25  HOH HOH A . 
D 4 HOH 26  218 26  HOH HOH A . 
D 4 HOH 27  219 27  HOH HOH A . 
D 4 HOH 28  220 28  HOH HOH A . 
D 4 HOH 29  221 29  HOH HOH A . 
D 4 HOH 30  222 30  HOH HOH A . 
D 4 HOH 31  223 31  HOH HOH A . 
D 4 HOH 32  224 32  HOH HOH A . 
D 4 HOH 33  225 33  HOH HOH A . 
D 4 HOH 34  226 34  HOH HOH A . 
D 4 HOH 35  227 36  HOH HOH A . 
D 4 HOH 36  228 37  HOH HOH A . 
D 4 HOH 37  229 38  HOH HOH A . 
D 4 HOH 38  230 39  HOH HOH A . 
D 4 HOH 39  231 40  HOH HOH A . 
D 4 HOH 40  232 41  HOH HOH A . 
D 4 HOH 41  233 42  HOH HOH A . 
D 4 HOH 42  234 43  HOH HOH A . 
D 4 HOH 43  235 44  HOH HOH A . 
D 4 HOH 44  236 45  HOH HOH A . 
D 4 HOH 45  237 46  HOH HOH A . 
D 4 HOH 46  238 48  HOH HOH A . 
D 4 HOH 47  239 49  HOH HOH A . 
D 4 HOH 48  240 50  HOH HOH A . 
D 4 HOH 49  241 51  HOH HOH A . 
D 4 HOH 50  242 52  HOH HOH A . 
D 4 HOH 51  243 53  HOH HOH A . 
D 4 HOH 52  244 54  HOH HOH A . 
D 4 HOH 53  245 56  HOH HOH A . 
D 4 HOH 54  246 57  HOH HOH A . 
D 4 HOH 55  247 58  HOH HOH A . 
D 4 HOH 56  248 59  HOH HOH A . 
D 4 HOH 57  249 60  HOH HOH A . 
D 4 HOH 58  250 61  HOH HOH A . 
D 4 HOH 59  251 62  HOH HOH A . 
D 4 HOH 60  252 63  HOH HOH A . 
D 4 HOH 61  253 65  HOH HOH A . 
D 4 HOH 62  254 66  HOH HOH A . 
D 4 HOH 63  255 67  HOH HOH A . 
D 4 HOH 64  256 68  HOH HOH A . 
D 4 HOH 65  257 69  HOH HOH A . 
D 4 HOH 66  258 70  HOH HOH A . 
D 4 HOH 67  259 71  HOH HOH A . 
D 4 HOH 68  260 74  HOH HOH A . 
D 4 HOH 69  261 75  HOH HOH A . 
D 4 HOH 70  262 76  HOH HOH A . 
D 4 HOH 71  263 77  HOH HOH A . 
D 4 HOH 72  264 78  HOH HOH A . 
D 4 HOH 73  265 80  HOH HOH A . 
D 4 HOH 74  266 81  HOH HOH A . 
D 4 HOH 75  267 82  HOH HOH A . 
D 4 HOH 76  268 86  HOH HOH A . 
D 4 HOH 77  269 93  HOH HOH A . 
D 4 HOH 78  270 94  HOH HOH A . 
D 4 HOH 79  271 97  HOH HOH A . 
D 4 HOH 80  272 100 HOH HOH A . 
D 4 HOH 81  273 102 HOH HOH A . 
D 4 HOH 82  274 104 HOH HOH A . 
D 4 HOH 83  275 106 HOH HOH A . 
D 4 HOH 84  276 107 HOH HOH A . 
D 4 HOH 85  277 109 HOH HOH A . 
D 4 HOH 86  278 110 HOH HOH A . 
D 4 HOH 87  279 112 HOH HOH A . 
D 4 HOH 88  280 113 HOH HOH A . 
D 4 HOH 89  281 117 HOH HOH A . 
D 4 HOH 90  282 119 HOH HOH A . 
D 4 HOH 91  283 120 HOH HOH A . 
D 4 HOH 92  284 121 HOH HOH A . 
D 4 HOH 93  285 122 HOH HOH A . 
D 4 HOH 94  286 123 HOH HOH A . 
D 4 HOH 95  287 124 HOH HOH A . 
D 4 HOH 96  288 125 HOH HOH A . 
D 4 HOH 97  289 127 HOH HOH A . 
D 4 HOH 98  290 129 HOH HOH A . 
D 4 HOH 99  291 132 HOH HOH A . 
D 4 HOH 100 292 133 HOH HOH A . 
D 4 HOH 101 293 134 HOH HOH A . 
D 4 HOH 102 294 136 HOH HOH A . 
D 4 HOH 103 295 137 HOH HOH A . 
D 4 HOH 104 296 138 HOH HOH A . 
D 4 HOH 105 297 146 HOH HOH A . 
D 4 HOH 106 298 150 HOH HOH A . 
D 4 HOH 107 299 151 HOH HOH A . 
D 4 HOH 108 300 152 HOH HOH A . 
D 4 HOH 109 301 156 HOH HOH A . 
D 4 HOH 110 302 157 HOH HOH A . 
D 4 HOH 111 303 160 HOH HOH A . 
D 4 HOH 112 304 161 HOH HOH A . 
D 4 HOH 113 305 171 HOH HOH A . 
# 
loop_
_software.name 
_software.classification 
_software.version 
_software.citation_id 
_software.pdbx_ordinal 
HKL-2000 'data collection' .        ? 1 
MOLREP   phasing           .        ? 2 
REFMAC   refinement        5.5.0102 ? 3 
HKL-2000 'data reduction'  .        ? 4 
HKL-2000 'data scaling'    .        ? 5 
# 
_cell.entry_id           3U7M 
_cell.length_a           94.580 
_cell.length_b           119.703 
_cell.length_c           47.268 
_cell.angle_alpha        90.00 
_cell.angle_beta         90.00 
_cell.angle_gamma        90.00 
_cell.Z_PDB              8 
_cell.pdbx_unique_axis   ? 
_cell.length_a_esd       ? 
_cell.length_b_esd       ? 
_cell.length_c_esd       ? 
_cell.angle_alpha_esd    ? 
_cell.angle_beta_esd     ? 
_cell.angle_gamma_esd    ? 
# 
_symmetry.entry_id                         3U7M 
_symmetry.space_group_name_H-M             'C 2 2 21' 
_symmetry.pdbx_full_space_group_name_H-M   ? 
_symmetry.cell_setting                     ? 
_symmetry.Int_Tables_number                20 
_symmetry.space_group_name_Hall            ? 
# 
_exptl.entry_id          3U7M 
_exptl.method            'X-RAY DIFFRACTION' 
_exptl.crystals_number   1 
# 
_exptl_crystal.id                    1 
_exptl_crystal.density_meas          ? 
_exptl_crystal.density_Matthews      3.08 
_exptl_crystal.density_percent_sol   60.11 
_exptl_crystal.description           ? 
_exptl_crystal.F_000                 ? 
_exptl_crystal.preparation           ? 
# 
_exptl_crystal_grow.crystal_id      1 
_exptl_crystal_grow.method          'VAPOR DIFFUSION, HANGING DROP' 
_exptl_crystal_grow.temp            297 
_exptl_crystal_grow.temp_details    ? 
_exptl_crystal_grow.pH              8.5 
_exptl_crystal_grow.pdbx_details    
;23%(w/v) PEG 4000, 50mM Tris-HCl, 15%(v/v) glycerol, 100mM MgCl2, 20mM CaCl2, pH 8.5, VAPOR DIFFUSION, HANGING DROP, temperature 297K
;
_exptl_crystal_grow.pdbx_pH_range   . 
# 
_diffrn.id                     1 
_diffrn.ambient_temp           100 
_diffrn.ambient_temp_details   ? 
_diffrn.crystal_id             1 
# 
_diffrn_detector.diffrn_id              1 
_diffrn_detector.detector               CCD 
_diffrn_detector.type                   'ADSC QUANTUM 315' 
_diffrn_detector.pdbx_collection_date   2006-06-02 
_diffrn_detector.details                ? 
# 
_diffrn_radiation.diffrn_id                        1 
_diffrn_radiation.wavelength_id                    1 
_diffrn_radiation.pdbx_monochromatic_or_laue_m_l   M 
_diffrn_radiation.monochromator                    ? 
_diffrn_radiation.pdbx_diffrn_protocol             'SINGLE WAVELENGTH' 
_diffrn_radiation.pdbx_scattering_type             x-ray 
# 
_diffrn_radiation_wavelength.id           1 
_diffrn_radiation_wavelength.wavelength   1.0000 
_diffrn_radiation_wavelength.wt           1.0 
# 
_diffrn_source.diffrn_id                   1 
_diffrn_source.source                      SYNCHROTRON 
_diffrn_source.type                        'PHOTON FACTORY BEAMLINE BL-5A' 
_diffrn_source.pdbx_synchrotron_site       'Photon Factory' 
_diffrn_source.pdbx_synchrotron_beamline   BL-5A 
_diffrn_source.pdbx_wavelength             ? 
_diffrn_source.pdbx_wavelength_list        1.0000 
# 
_reflns.entry_id                     3U7M 
_reflns.observed_criterion_sigma_I   ? 
_reflns.observed_criterion_sigma_F   ? 
_reflns.d_resolution_low             20 
_reflns.d_resolution_high            2.15 
_reflns.number_obs                   14864 
_reflns.number_all                   ? 
_reflns.percent_possible_obs         94.3 
_reflns.pdbx_Rmerge_I_obs            ? 
_reflns.pdbx_Rsym_value              ? 
_reflns.pdbx_netI_over_sigmaI        ? 
_reflns.B_iso_Wilson_estimate        ? 
_reflns.pdbx_redundancy              ? 
_reflns.R_free_details               ? 
_reflns.limit_h_max                  ? 
_reflns.limit_h_min                  ? 
_reflns.limit_k_max                  ? 
_reflns.limit_k_min                  ? 
_reflns.limit_l_max                  ? 
_reflns.limit_l_min                  ? 
_reflns.observed_criterion_F_max     ? 
_reflns.observed_criterion_F_min     ? 
_reflns.pdbx_chi_squared             ? 
_reflns.pdbx_scaling_rejects         ? 
_reflns.pdbx_ordinal                 1 
_reflns.pdbx_diffrn_id               1 
# 
_refine.entry_id                                 3U7M 
_refine.ls_number_reflns_obs                     14101 
_refine.ls_number_reflns_all                     ? 
_refine.pdbx_ls_sigma_I                          ? 
_refine.pdbx_ls_sigma_F                          ? 
_refine.pdbx_data_cutoff_high_absF               ? 
_refine.pdbx_data_cutoff_low_absF                ? 
_refine.pdbx_data_cutoff_high_rms_absF           ? 
_refine.ls_d_res_low                             20.00 
_refine.ls_d_res_high                            2.15 
_refine.ls_percent_reflns_obs                    99.32 
_refine.ls_R_factor_obs                          0.19618 
_refine.ls_R_factor_all                          ? 
_refine.ls_R_factor_R_work                       0.19479 
_refine.ls_R_factor_R_free                       0.22348 
_refine.ls_R_factor_R_free_error                 ? 
_refine.ls_R_factor_R_free_error_details         ? 
_refine.ls_percent_reflns_R_free                 5.1 
_refine.ls_number_reflns_R_free                  751 
_refine.ls_number_parameters                     ? 
_refine.ls_number_restraints                     ? 
_refine.occupancy_min                            ? 
_refine.occupancy_max                            ? 
_refine.correlation_coeff_Fo_to_Fc               0.942 
_refine.correlation_coeff_Fo_to_Fc_free          0.924 
_refine.B_iso_mean                               28.500 
_refine.aniso_B[1][1]                            2.10 
_refine.aniso_B[2][2]                            -2.21 
_refine.aniso_B[3][3]                            0.12 
_refine.aniso_B[1][2]                            0.00 
_refine.aniso_B[1][3]                            0.00 
_refine.aniso_B[2][3]                            0.00 
_refine.solvent_model_details                    MASK 
_refine.solvent_model_param_ksol                 ? 
_refine.solvent_model_param_bsol                 ? 
_refine.pdbx_solvent_vdw_probe_radii             1.40 
_refine.pdbx_solvent_ion_probe_radii             0.80 
_refine.pdbx_solvent_shrinkage_radii             0.80 
_refine.pdbx_ls_cross_valid_method               THROUGHOUT 
_refine.details                                  'HYDROGENS HAVE BEEN ADDED IN THE RIDING POSITIONS' 
_refine.pdbx_starting_model                      1Q1Y 
_refine.pdbx_method_to_determine_struct          'MOLECULAR REPLACEMENT' 
_refine.pdbx_isotropic_thermal_model             ? 
_refine.pdbx_stereochemistry_target_values       'MAXIMUM LIKELIHOOD' 
_refine.pdbx_stereochem_target_val_spec_case     ? 
_refine.pdbx_R_Free_selection_details            RANDOM 
_refine.pdbx_overall_ESU_R_Free                  0.165 
_refine.overall_SU_ML                            0.103 
_refine.pdbx_overall_phase_error                 ? 
_refine.overall_SU_B                             3.863 
_refine.overall_SU_R_Cruickshank_DPI             ? 
_refine.ls_redundancy_reflns_obs                 ? 
_refine.B_iso_min                                ? 
_refine.B_iso_max                                ? 
_refine.overall_SU_R_free                        ? 
_refine.ls_wR_factor_R_free                      ? 
_refine.ls_wR_factor_R_work                      ? 
_refine.overall_FOM_free_R_set                   ? 
_refine.overall_FOM_work_R_set                   ? 
_refine.pdbx_diffrn_id                           1 
_refine.pdbx_refine_id                           'X-RAY DIFFRACTION' 
_refine.pdbx_overall_ESU_R                       ? 
_refine.pdbx_TLS_residual_ADP_flag               ? 
_refine.pdbx_overall_SU_R_free_Cruickshank_DPI   ? 
_refine.pdbx_overall_SU_R_Blow_DPI               ? 
_refine.pdbx_overall_SU_R_free_Blow_DPI          ? 
# 
_refine_hist.pdbx_refine_id                   'X-RAY DIFFRACTION' 
_refine_hist.cycle_id                         LAST 
_refine_hist.pdbx_number_atoms_protein        1462 
_refine_hist.pdbx_number_atoms_nucleic_acid   0 
_refine_hist.pdbx_number_atoms_ligand         28 
_refine_hist.number_atoms_solvent             113 
_refine_hist.number_atoms_total               1603 
_refine_hist.d_res_high                       2.15 
_refine_hist.d_res_low                        20.00 
# 
loop_
_refine_ls_restr.type 
_refine_ls_restr.dev_ideal 
_refine_ls_restr.dev_ideal_target 
_refine_ls_restr.weight 
_refine_ls_restr.number 
_refine_ls_restr.pdbx_restraint_function 
_refine_ls_restr.pdbx_refine_id 
r_bond_refined_d             0.009  0.022  ? 1515 ? 'X-RAY DIFFRACTION' 
r_bond_other_d               ?      ?      ? ?    ? 'X-RAY DIFFRACTION' 
r_angle_refined_deg          1.375  1.996  ? 2047 ? 'X-RAY DIFFRACTION' 
r_angle_other_deg            ?      ?      ? ?    ? 'X-RAY DIFFRACTION' 
r_dihedral_angle_1_deg       5.777  5.000  ? 184  ? 'X-RAY DIFFRACTION' 
r_dihedral_angle_2_deg       38.044 24.857 ? 70   ? 'X-RAY DIFFRACTION' 
r_dihedral_angle_3_deg       12.811 15.000 ? 273  ? 'X-RAY DIFFRACTION' 
r_dihedral_angle_4_deg       12.142 15.000 ? 9    ? 'X-RAY DIFFRACTION' 
r_chiral_restr               0.084  0.200  ? 232  ? 'X-RAY DIFFRACTION' 
r_gen_planes_refined         0.005  0.021  ? 1132 ? 'X-RAY DIFFRACTION' 
r_gen_planes_other           ?      ?      ? ?    ? 'X-RAY DIFFRACTION' 
r_nbd_refined                ?      ?      ? ?    ? 'X-RAY DIFFRACTION' 
r_nbd_other                  ?      ?      ? ?    ? 'X-RAY DIFFRACTION' 
r_nbtor_refined              ?      ?      ? ?    ? 'X-RAY DIFFRACTION' 
r_nbtor_other                ?      ?      ? ?    ? 'X-RAY DIFFRACTION' 
r_xyhbond_nbd_refined        ?      ?      ? ?    ? 'X-RAY DIFFRACTION' 
r_xyhbond_nbd_other          ?      ?      ? ?    ? 'X-RAY DIFFRACTION' 
r_metal_ion_refined          ?      ?      ? ?    ? 'X-RAY DIFFRACTION' 
r_metal_ion_other            ?      ?      ? ?    ? 'X-RAY DIFFRACTION' 
r_symmetry_vdw_refined       ?      ?      ? ?    ? 'X-RAY DIFFRACTION' 
r_symmetry_vdw_other         ?      ?      ? ?    ? 'X-RAY DIFFRACTION' 
r_symmetry_hbond_refined     ?      ?      ? ?    ? 'X-RAY DIFFRACTION' 
r_symmetry_hbond_other       ?      ?      ? ?    ? 'X-RAY DIFFRACTION' 
r_symmetry_metal_ion_refined ?      ?      ? ?    ? 'X-RAY DIFFRACTION' 
r_symmetry_metal_ion_other   ?      ?      ? ?    ? 'X-RAY DIFFRACTION' 
r_mcbond_it                  0.618  1.500  ? 927  ? 'X-RAY DIFFRACTION' 
r_mcbond_other               ?      ?      ? ?    ? 'X-RAY DIFFRACTION' 
r_mcangle_it                 1.196  2.000  ? 1505 ? 'X-RAY DIFFRACTION' 
r_scbond_it                  1.850  3.000  ? 588  ? 'X-RAY DIFFRACTION' 
r_scangle_it                 3.265  4.500  ? 542  ? 'X-RAY DIFFRACTION' 
r_rigid_bond_restr           ?      ?      ? ?    ? 'X-RAY DIFFRACTION' 
r_sphericity_free            ?      ?      ? ?    ? 'X-RAY DIFFRACTION' 
r_sphericity_bonded          ?      ?      ? ?    ? 'X-RAY DIFFRACTION' 
# 
_refine_ls_shell.pdbx_refine_id                   'X-RAY DIFFRACTION' 
_refine_ls_shell.pdbx_total_number_of_bins_used   20 
_refine_ls_shell.d_res_high                       2.152 
_refine_ls_shell.d_res_low                        2.207 
_refine_ls_shell.number_reflns_R_work             934 
_refine_ls_shell.R_factor_R_work                  0.195 
_refine_ls_shell.percent_reflns_obs               91.72 
_refine_ls_shell.R_factor_R_free                  0.216 
_refine_ls_shell.R_factor_R_free_error            ? 
_refine_ls_shell.percent_reflns_R_free            ? 
_refine_ls_shell.number_reflns_R_free             52 
_refine_ls_shell.number_reflns_all                ? 
_refine_ls_shell.R_factor_all                     ? 
_refine_ls_shell.number_reflns_obs                ? 
_refine_ls_shell.redundancy_reflns_obs            ? 
# 
_struct.entry_id                  3U7M 
_struct.title                     
'Crystal structures of the Staphylococcus aureus peptide deformylase in complex with two classes of new inhibitors' 
_struct.pdbx_model_details        ? 
_struct.pdbx_CASP_flag            ? 
_struct.pdbx_model_type_details   ? 
# 
_struct_keywords.entry_id        3U7M 
_struct_keywords.pdbx_keywords   'HYDROLASE/HYDROLASE INHIBITOR' 
_struct_keywords.text            'PDF-INHIBITOR, PDF, PEPTIDE DEFORMYLASE, HYDROLASE, HYDROLASE-HYDROLASE INHIBITOR complex' 
# 
loop_
_struct_asym.id 
_struct_asym.pdbx_blank_PDB_chainid_flag 
_struct_asym.pdbx_modified 
_struct_asym.entity_id 
_struct_asym.details 
A N N 1 ? 
B N N 2 ? 
C N N 3 ? 
D N N 4 ? 
# 
_struct_ref.id                         1 
_struct_ref.db_name                    UNP 
_struct_ref.db_code                    DEF_STAAC 
_struct_ref.pdbx_db_accession          Q5HGZ3 
_struct_ref.entity_id                  1 
_struct_ref.pdbx_seq_one_letter_code   
;MLTMKDIIRDGHPTLRQKAAELELPLTKEEKETLIAMREFLVNSQDEEIAKRYGLRSGVGLAAPQINISKRMIAVLIPDD
GSGKSYDYMLVNPKIVSHSVQEAYLPTGEGCLSVDDNVAGLVHRHNRITIKAKDIEGNDIQLRLKGYPAIVFQHEIDHLN
GVMFYDHIDKDHPLQPHTDAVEV
;
_struct_ref.pdbx_align_begin           1 
_struct_ref.pdbx_db_isoform            ? 
# 
_struct_ref_seq.align_id                      1 
_struct_ref_seq.ref_id                        1 
_struct_ref_seq.pdbx_PDB_id_code              3U7M 
_struct_ref_seq.pdbx_strand_id                A 
_struct_ref_seq.seq_align_beg                 1 
_struct_ref_seq.pdbx_seq_align_beg_ins_code   ? 
_struct_ref_seq.seq_align_end                 183 
_struct_ref_seq.pdbx_seq_align_end_ins_code   ? 
_struct_ref_seq.pdbx_db_accession             Q5HGZ3 
_struct_ref_seq.db_align_beg                  1 
_struct_ref_seq.pdbx_db_align_beg_ins_code    ? 
_struct_ref_seq.db_align_end                  183 
_struct_ref_seq.pdbx_db_align_end_ins_code    ? 
_struct_ref_seq.pdbx_auth_seq_align_beg       1 
_struct_ref_seq.pdbx_auth_seq_align_end       183 
# 
loop_
_struct_ref_seq_dif.align_id 
_struct_ref_seq_dif.pdbx_pdb_id_code 
_struct_ref_seq_dif.mon_id 
_struct_ref_seq_dif.pdbx_pdb_strand_id 
_struct_ref_seq_dif.seq_num 
_struct_ref_seq_dif.pdbx_pdb_ins_code 
_struct_ref_seq_dif.pdbx_seq_db_name 
_struct_ref_seq_dif.pdbx_seq_db_accession_code 
_struct_ref_seq_dif.db_mon_id 
_struct_ref_seq_dif.pdbx_seq_db_seq_num 
_struct_ref_seq_dif.details 
_struct_ref_seq_dif.pdbx_auth_seq_num 
_struct_ref_seq_dif.pdbx_ordinal 
1 3U7M LEU A 184 ? UNP Q5HGZ3 ? ? 'expression tag' 184 1 
1 3U7M GLU A 185 ? UNP Q5HGZ3 ? ? 'expression tag' 185 2 
1 3U7M HIS A 186 ? UNP Q5HGZ3 ? ? 'expression tag' 186 3 
1 3U7M HIS A 187 ? UNP Q5HGZ3 ? ? 'expression tag' 187 4 
1 3U7M HIS A 188 ? UNP Q5HGZ3 ? ? 'expression tag' 188 5 
1 3U7M HIS A 189 ? UNP Q5HGZ3 ? ? 'expression tag' 189 6 
1 3U7M HIS A 190 ? UNP Q5HGZ3 ? ? 'expression tag' 190 7 
1 3U7M HIS A 191 ? UNP Q5HGZ3 ? ? 'expression tag' 191 8 
# 
_pdbx_struct_assembly.id                   1 
_pdbx_struct_assembly.details              author_and_software_defined_assembly 
_pdbx_struct_assembly.method_details       PISA 
_pdbx_struct_assembly.oligomeric_details   monomeric 
_pdbx_struct_assembly.oligomeric_count     1 
# 
_pdbx_struct_assembly_gen.assembly_id       1 
_pdbx_struct_assembly_gen.oper_expression   1 
_pdbx_struct_assembly_gen.asym_id_list      A,B,C,D 
# 
_pdbx_struct_oper_list.id                   1 
_pdbx_struct_oper_list.type                 'identity operation' 
_pdbx_struct_oper_list.name                 1_555 
_pdbx_struct_oper_list.symmetry_operation   x,y,z 
_pdbx_struct_oper_list.matrix[1][1]         1.0000000000 
_pdbx_struct_oper_list.matrix[1][2]         0.0000000000 
_pdbx_struct_oper_list.matrix[1][3]         0.0000000000 
_pdbx_struct_oper_list.vector[1]            0.0000000000 
_pdbx_struct_oper_list.matrix[2][1]         0.0000000000 
_pdbx_struct_oper_list.matrix[2][2]         1.0000000000 
_pdbx_struct_oper_list.matrix[2][3]         0.0000000000 
_pdbx_struct_oper_list.vector[2]            0.0000000000 
_pdbx_struct_oper_list.matrix[3][1]         0.0000000000 
_pdbx_struct_oper_list.matrix[3][2]         0.0000000000 
_pdbx_struct_oper_list.matrix[3][3]         1.0000000000 
_pdbx_struct_oper_list.vector[3]            0.0000000000 
# 
_struct_biol.id        1 
_struct_biol.details   ? 
# 
loop_
_struct_conf.conf_type_id 
_struct_conf.id 
_struct_conf.pdbx_PDB_helix_id 
_struct_conf.beg_label_comp_id 
_struct_conf.beg_label_asym_id 
_struct_conf.beg_label_seq_id 
_struct_conf.pdbx_beg_PDB_ins_code 
_struct_conf.end_label_comp_id 
_struct_conf.end_label_asym_id 
_struct_conf.end_label_seq_id 
_struct_conf.pdbx_end_PDB_ins_code 
_struct_conf.beg_auth_comp_id 
_struct_conf.beg_auth_asym_id 
_struct_conf.beg_auth_seq_id 
_struct_conf.end_auth_comp_id 
_struct_conf.end_auth_asym_id 
_struct_conf.end_auth_seq_id 
_struct_conf.pdbx_PDB_helix_class 
_struct_conf.details 
_struct_conf.pdbx_PDB_helix_length 
HELX_P HELX_P1 1 THR A 3   ? ILE A 7   ? THR A 3   ILE A 7   5 ? 5  
HELX_P HELX_P2 2 HIS A 12  ? GLN A 17  ? HIS A 12  GLN A 17  5 ? 6  
HELX_P HELX_P3 3 THR A 27  ? ASP A 46  ? THR A 27  ASP A 46  1 ? 20 
HELX_P HELX_P4 4 ASP A 46  ? TYR A 53  ? ASP A 46  TYR A 53  1 ? 8  
HELX_P HELX_P5 5 PRO A 64  ? ASN A 67  ? PRO A 64  ASN A 67  5 ? 4  
HELX_P HELX_P6 6 GLY A 146 ? ASN A 160 ? GLY A 146 ASN A 160 1 ? 15 
HELX_P HELX_P7 7 MET A 163 ? ILE A 168 ? MET A 163 ILE A 168 5 ? 6  
# 
_struct_conf_type.id          HELX_P 
_struct_conf_type.criteria    ? 
_struct_conf_type.reference   ? 
# 
loop_
_struct_conn.id 
_struct_conn.conn_type_id 
_struct_conn.pdbx_leaving_atom_flag 
_struct_conn.pdbx_PDB_id 
_struct_conn.ptnr1_label_asym_id 
_struct_conn.ptnr1_label_comp_id 
_struct_conn.ptnr1_label_seq_id 
_struct_conn.ptnr1_label_atom_id 
_struct_conn.pdbx_ptnr1_label_alt_id 
_struct_conn.pdbx_ptnr1_PDB_ins_code 
_struct_conn.pdbx_ptnr1_standard_comp_id 
_struct_conn.ptnr1_symmetry 
_struct_conn.ptnr2_label_asym_id 
_struct_conn.ptnr2_label_comp_id 
_struct_conn.ptnr2_label_seq_id 
_struct_conn.ptnr2_label_atom_id 
_struct_conn.pdbx_ptnr2_label_alt_id 
_struct_conn.pdbx_ptnr2_PDB_ins_code 
_struct_conn.ptnr1_auth_asym_id 
_struct_conn.ptnr1_auth_comp_id 
_struct_conn.ptnr1_auth_seq_id 
_struct_conn.ptnr2_auth_asym_id 
_struct_conn.ptnr2_auth_comp_id 
_struct_conn.ptnr2_auth_seq_id 
_struct_conn.ptnr2_symmetry 
_struct_conn.pdbx_ptnr3_label_atom_id 
_struct_conn.pdbx_ptnr3_label_seq_id 
_struct_conn.pdbx_ptnr3_label_comp_id 
_struct_conn.pdbx_ptnr3_label_asym_id 
_struct_conn.pdbx_ptnr3_label_alt_id 
_struct_conn.pdbx_ptnr3_PDB_ins_code 
_struct_conn.details 
_struct_conn.pdbx_dist_value 
_struct_conn.pdbx_value_order 
_struct_conn.pdbx_role 
covale1 covale both ? A GLY 110 C   ? ? ? 1_555 A CSD 111 N  ? ? A GLY 110 A CSD 111 1_555 ? ? ? ? ? ? ? 1.329 ? ? 
covale2 covale both ? A CSD 111 C   ? ? ? 1_555 A LEU 112 N  ? ? A CSD 111 A LEU 112 1_555 ? ? ? ? ? ? ? 1.332 ? ? 
metalc1 metalc ?    ? A CSD 111 SG  ? ? ? 1_555 B ZN  .   ZN ? ? A CSD 111 A ZN  350 1_555 ? ? ? ? ? ? ? 2.177 ? ? 
metalc2 metalc ?    ? A HIS 154 NE2 ? ? ? 1_555 B ZN  .   ZN ? ? A HIS 154 A ZN  350 1_555 ? ? ? ? ? ? ? 2.307 ? ? 
metalc3 metalc ?    ? A HIS 158 NE2 ? ? ? 1_555 B ZN  .   ZN ? ? A HIS 158 A ZN  350 1_555 ? ? ? ? ? ? ? 2.349 ? ? 
metalc4 metalc ?    ? C FHF .   OAD ? ? ? 1_555 B ZN  .   ZN ? ? A FHF 192 A ZN  350 1_555 ? ? ? ? ? ? ? 1.994 ? ? 
metalc5 metalc ?    ? C FHF .   OAG ? ? ? 1_555 B ZN  .   ZN ? ? A FHF 192 A ZN  350 1_555 ? ? ? ? ? ? ? 2.655 ? ? 
# 
loop_
_struct_conn_type.id 
_struct_conn_type.criteria 
_struct_conn_type.reference 
covale ? ? 
metalc ? ? 
# 
loop_
_pdbx_struct_conn_angle.id 
_pdbx_struct_conn_angle.ptnr1_label_atom_id 
_pdbx_struct_conn_angle.ptnr1_label_alt_id 
_pdbx_struct_conn_angle.ptnr1_label_asym_id 
_pdbx_struct_conn_angle.ptnr1_label_comp_id 
_pdbx_struct_conn_angle.ptnr1_label_seq_id 
_pdbx_struct_conn_angle.ptnr1_auth_atom_id 
_pdbx_struct_conn_angle.ptnr1_auth_asym_id 
_pdbx_struct_conn_angle.ptnr1_auth_comp_id 
_pdbx_struct_conn_angle.ptnr1_auth_seq_id 
_pdbx_struct_conn_angle.ptnr1_PDB_ins_code 
_pdbx_struct_conn_angle.ptnr1_symmetry 
_pdbx_struct_conn_angle.ptnr2_label_atom_id 
_pdbx_struct_conn_angle.ptnr2_label_alt_id 
_pdbx_struct_conn_angle.ptnr2_label_asym_id 
_pdbx_struct_conn_angle.ptnr2_label_comp_id 
_pdbx_struct_conn_angle.ptnr2_label_seq_id 
_pdbx_struct_conn_angle.ptnr2_auth_atom_id 
_pdbx_struct_conn_angle.ptnr2_auth_asym_id 
_pdbx_struct_conn_angle.ptnr2_auth_comp_id 
_pdbx_struct_conn_angle.ptnr2_auth_seq_id 
_pdbx_struct_conn_angle.ptnr2_PDB_ins_code 
_pdbx_struct_conn_angle.ptnr2_symmetry 
_pdbx_struct_conn_angle.ptnr3_label_atom_id 
_pdbx_struct_conn_angle.ptnr3_label_alt_id 
_pdbx_struct_conn_angle.ptnr3_label_asym_id 
_pdbx_struct_conn_angle.ptnr3_label_comp_id 
_pdbx_struct_conn_angle.ptnr3_label_seq_id 
_pdbx_struct_conn_angle.ptnr3_auth_atom_id 
_pdbx_struct_conn_angle.ptnr3_auth_asym_id 
_pdbx_struct_conn_angle.ptnr3_auth_comp_id 
_pdbx_struct_conn_angle.ptnr3_auth_seq_id 
_pdbx_struct_conn_angle.ptnr3_PDB_ins_code 
_pdbx_struct_conn_angle.ptnr3_symmetry 
_pdbx_struct_conn_angle.value 
_pdbx_struct_conn_angle.value_esd 
1  SG  ? A CSD 111 ? A CSD 111 ? 1_555 ZN ? B ZN . ? A ZN 350 ? 1_555 NE2 ? A HIS 154 ? A HIS 154 ? 1_555 114.4 ? 
2  SG  ? A CSD 111 ? A CSD 111 ? 1_555 ZN ? B ZN . ? A ZN 350 ? 1_555 NE2 ? A HIS 158 ? A HIS 158 ? 1_555 101.1 ? 
3  NE2 ? A HIS 154 ? A HIS 154 ? 1_555 ZN ? B ZN . ? A ZN 350 ? 1_555 NE2 ? A HIS 158 ? A HIS 158 ? 1_555 107.2 ? 
4  SG  ? A CSD 111 ? A CSD 111 ? 1_555 ZN ? B ZN . ? A ZN 350 ? 1_555 OAD ? C FHF .   ? A FHF 192 ? 1_555 145.6 ? 
5  NE2 ? A HIS 154 ? A HIS 154 ? 1_555 ZN ? B ZN . ? A ZN 350 ? 1_555 OAD ? C FHF .   ? A FHF 192 ? 1_555 95.8  ? 
6  NE2 ? A HIS 158 ? A HIS 158 ? 1_555 ZN ? B ZN . ? A ZN 350 ? 1_555 OAD ? C FHF .   ? A FHF 192 ? 1_555 84.1  ? 
7  SG  ? A CSD 111 ? A CSD 111 ? 1_555 ZN ? B ZN . ? A ZN 350 ? 1_555 OAG ? C FHF .   ? A FHF 192 ? 1_555 90.5  ? 
8  NE2 ? A HIS 154 ? A HIS 154 ? 1_555 ZN ? B ZN . ? A ZN 350 ? 1_555 OAG ? C FHF .   ? A FHF 192 ? 1_555 107.7 ? 
9  NE2 ? A HIS 158 ? A HIS 158 ? 1_555 ZN ? B ZN . ? A ZN 350 ? 1_555 OAG ? C FHF .   ? A FHF 192 ? 1_555 134.1 ? 
10 OAD ? C FHF .   ? A FHF 192 ? 1_555 ZN ? B ZN . ? A ZN 350 ? 1_555 OAG ? C FHF .   ? A FHF 192 ? 1_555 63.7  ? 
# 
loop_
_pdbx_modification_feature.ordinal 
_pdbx_modification_feature.label_comp_id 
_pdbx_modification_feature.label_asym_id 
_pdbx_modification_feature.label_seq_id 
_pdbx_modification_feature.label_alt_id 
_pdbx_modification_feature.modified_residue_label_comp_id 
_pdbx_modification_feature.modified_residue_label_asym_id 
_pdbx_modification_feature.modified_residue_label_seq_id 
_pdbx_modification_feature.modified_residue_label_alt_id 
_pdbx_modification_feature.auth_comp_id 
_pdbx_modification_feature.auth_asym_id 
_pdbx_modification_feature.auth_seq_id 
_pdbx_modification_feature.PDB_ins_code 
_pdbx_modification_feature.symmetry 
_pdbx_modification_feature.modified_residue_auth_comp_id 
_pdbx_modification_feature.modified_residue_auth_asym_id 
_pdbx_modification_feature.modified_residue_auth_seq_id 
_pdbx_modification_feature.modified_residue_PDB_ins_code 
_pdbx_modification_feature.modified_residue_symmetry 
_pdbx_modification_feature.comp_id_linking_atom 
_pdbx_modification_feature.modified_residue_id_linking_atom 
_pdbx_modification_feature.modified_residue_id 
_pdbx_modification_feature.ref_pcm_id 
_pdbx_modification_feature.ref_comp_id 
_pdbx_modification_feature.type 
_pdbx_modification_feature.category 
1 CSD A 111 ? . . . . CSD A 111 ? 1_555 . . . . . . . CYS 1 CSD Oxidation     'Named protein modification' 
2 CSD A 111 ? . . . . CSD A 111 ? 1_555 . . . . . . . CYS 2 CSD Hydroxylation 'Named protein modification' 
# 
loop_
_struct_mon_prot_cis.pdbx_id 
_struct_mon_prot_cis.label_comp_id 
_struct_mon_prot_cis.label_seq_id 
_struct_mon_prot_cis.label_asym_id 
_struct_mon_prot_cis.label_alt_id 
_struct_mon_prot_cis.pdbx_PDB_ins_code 
_struct_mon_prot_cis.auth_comp_id 
_struct_mon_prot_cis.auth_seq_id 
_struct_mon_prot_cis.auth_asym_id 
_struct_mon_prot_cis.pdbx_label_comp_id_2 
_struct_mon_prot_cis.pdbx_label_seq_id_2 
_struct_mon_prot_cis.pdbx_label_asym_id_2 
_struct_mon_prot_cis.pdbx_PDB_ins_code_2 
_struct_mon_prot_cis.pdbx_auth_comp_id_2 
_struct_mon_prot_cis.pdbx_auth_seq_id_2 
_struct_mon_prot_cis.pdbx_auth_asym_id_2 
_struct_mon_prot_cis.pdbx_PDB_model_num 
_struct_mon_prot_cis.pdbx_omega_angle 
1 LEU 24 A . ? LEU 24 A PRO 25 A ? PRO 25 A 1 -4.37 
2 ASP 80 A . ? ASP 80 A GLY 81 A ? GLY 81 A 1 11.77 
# 
loop_
_struct_sheet.id 
_struct_sheet.type 
_struct_sheet.number_strands 
_struct_sheet.details 
A ? 5 ? 
B ? 3 ? 
# 
loop_
_struct_sheet_order.sheet_id 
_struct_sheet_order.range_id_1 
_struct_sheet_order.range_id_2 
_struct_sheet_order.offset 
_struct_sheet_order.sense 
A 1 2 ? anti-parallel 
A 2 3 ? anti-parallel 
A 3 4 ? anti-parallel 
A 4 5 ? anti-parallel 
B 1 2 ? anti-parallel 
B 2 3 ? parallel      
# 
loop_
_struct_sheet_range.sheet_id 
_struct_sheet_range.id 
_struct_sheet_range.beg_label_comp_id 
_struct_sheet_range.beg_label_asym_id 
_struct_sheet_range.beg_label_seq_id 
_struct_sheet_range.pdbx_beg_PDB_ins_code 
_struct_sheet_range.end_label_comp_id 
_struct_sheet_range.end_label_asym_id 
_struct_sheet_range.end_label_seq_id 
_struct_sheet_range.pdbx_end_PDB_ins_code 
_struct_sheet_range.beg_auth_comp_id 
_struct_sheet_range.beg_auth_asym_id 
_struct_sheet_range.beg_auth_seq_id 
_struct_sheet_range.end_auth_comp_id 
_struct_sheet_range.end_auth_asym_id 
_struct_sheet_range.end_auth_seq_id 
A 1 GLY A 60  ? ALA A 62  ? GLY A 60  ALA A 62  
A 2 MET A 72  ? ILE A 77  ? MET A 72  ILE A 77  
A 3 TYR A 86  ? HIS A 98  ? TYR A 86  HIS A 98  
A 4 ARG A 127 ? LYS A 133 ? ARG A 127 LYS A 133 
A 5 ASP A 139 ? LYS A 145 ? ASP A 139 LYS A 145 
B 1 ARG A 124 ? HIS A 125 ? ARG A 124 HIS A 125 
B 2 GLU A 102 ? TYR A 104 ? GLU A 102 TYR A 104 
B 3 VAL A 181 ? GLU A 182 ? VAL A 181 GLU A 182 
# 
loop_
_pdbx_struct_sheet_hbond.sheet_id 
_pdbx_struct_sheet_hbond.range_id_1 
_pdbx_struct_sheet_hbond.range_id_2 
_pdbx_struct_sheet_hbond.range_1_label_atom_id 
_pdbx_struct_sheet_hbond.range_1_label_comp_id 
_pdbx_struct_sheet_hbond.range_1_label_asym_id 
_pdbx_struct_sheet_hbond.range_1_label_seq_id 
_pdbx_struct_sheet_hbond.range_1_PDB_ins_code 
_pdbx_struct_sheet_hbond.range_1_auth_atom_id 
_pdbx_struct_sheet_hbond.range_1_auth_comp_id 
_pdbx_struct_sheet_hbond.range_1_auth_asym_id 
_pdbx_struct_sheet_hbond.range_1_auth_seq_id 
_pdbx_struct_sheet_hbond.range_2_label_atom_id 
_pdbx_struct_sheet_hbond.range_2_label_comp_id 
_pdbx_struct_sheet_hbond.range_2_label_asym_id 
_pdbx_struct_sheet_hbond.range_2_label_seq_id 
_pdbx_struct_sheet_hbond.range_2_PDB_ins_code 
_pdbx_struct_sheet_hbond.range_2_auth_atom_id 
_pdbx_struct_sheet_hbond.range_2_auth_comp_id 
_pdbx_struct_sheet_hbond.range_2_auth_asym_id 
_pdbx_struct_sheet_hbond.range_2_auth_seq_id 
A 1 2 N LEU A 61  ? N LEU A 61  O ALA A 74  ? O ALA A 74  
A 2 3 N ILE A 77  ? N ILE A 77  O TYR A 86  ? O TYR A 86  
A 3 4 N VAL A 91  ? N VAL A 91  O LYS A 133 ? O LYS A 133 
A 4 5 N ILE A 128 ? N ILE A 128 O LEU A 144 ? O LEU A 144 
B 1 2 O ARG A 124 ? O ARG A 124 N ALA A 103 ? N ALA A 103 
B 2 3 N GLU A 102 ? N GLU A 102 O VAL A 181 ? O VAL A 181 
# 
loop_
_struct_site.id 
_struct_site.pdbx_evidence_code 
_struct_site.pdbx_auth_asym_id 
_struct_site.pdbx_auth_comp_id 
_struct_site.pdbx_auth_seq_id 
_struct_site.pdbx_auth_ins_code 
_struct_site.pdbx_num_residues 
_struct_site.details 
AC1 Software A ZN  350 ? 5  'BINDING SITE FOR RESIDUE ZN A 350'  
AC2 Software A FHF 192 ? 15 'BINDING SITE FOR RESIDUE FHF A 192' 
# 
loop_
_struct_site_gen.id 
_struct_site_gen.site_id 
_struct_site_gen.pdbx_num_res 
_struct_site_gen.label_comp_id 
_struct_site_gen.label_asym_id 
_struct_site_gen.label_seq_id 
_struct_site_gen.pdbx_auth_ins_code 
_struct_site_gen.auth_comp_id 
_struct_site_gen.auth_asym_id 
_struct_site_gen.auth_seq_id 
_struct_site_gen.label_atom_id 
_struct_site_gen.label_alt_id 
_struct_site_gen.symmetry 
_struct_site_gen.details 
1  AC1 5  GLN A 65  ? GLN A 65  . ? 1_555 ? 
2  AC1 5  CSD A 111 ? CSD A 111 . ? 1_555 ? 
3  AC1 5  HIS A 154 ? HIS A 154 . ? 1_555 ? 
4  AC1 5  HIS A 158 ? HIS A 158 . ? 1_555 ? 
5  AC1 5  FHF C .   ? FHF A 192 . ? 1_555 ? 
6  AC2 15 ARG A 56  ? ARG A 56  . ? 1_555 ? 
7  AC2 15 SER A 57  ? SER A 57  . ? 1_555 ? 
8  AC2 15 GLY A 58  ? GLY A 58  . ? 1_555 ? 
9  AC2 15 VAL A 59  ? VAL A 59  . ? 1_555 ? 
10 AC2 15 GLY A 60  ? GLY A 60  . ? 1_555 ? 
11 AC2 15 GLN A 65  ? GLN A 65  . ? 1_555 ? 
12 AC2 15 GLY A 110 ? GLY A 110 . ? 1_555 ? 
13 AC2 15 CSD A 111 ? CSD A 111 . ? 1_555 ? 
14 AC2 15 LEU A 112 ? LEU A 112 . ? 1_555 ? 
15 AC2 15 TYR A 147 ? TYR A 147 . ? 1_555 ? 
16 AC2 15 HIS A 154 ? HIS A 154 . ? 1_555 ? 
17 AC2 15 GLU A 155 ? GLU A 155 . ? 1_555 ? 
18 AC2 15 HIS A 158 ? HIS A 158 . ? 1_555 ? 
19 AC2 15 GLU A 185 ? GLU A 185 . ? 1_555 ? 
20 AC2 15 ZN  B .   ? ZN  A 350 . ? 1_555 ? 
# 
_pdbx_entry_details.entry_id                   3U7M 
_pdbx_entry_details.compound_details           ? 
_pdbx_entry_details.source_details             ? 
_pdbx_entry_details.nonpolymer_details         ? 
_pdbx_entry_details.sequence_details           ? 
_pdbx_entry_details.has_ligand_of_interest     ? 
_pdbx_entry_details.has_protein_modification   Y 
# 
_pdbx_struct_mod_residue.id               1 
_pdbx_struct_mod_residue.label_asym_id    A 
_pdbx_struct_mod_residue.label_comp_id    CSD 
_pdbx_struct_mod_residue.label_seq_id     111 
_pdbx_struct_mod_residue.auth_asym_id     A 
_pdbx_struct_mod_residue.auth_comp_id     CSD 
_pdbx_struct_mod_residue.auth_seq_id      111 
_pdbx_struct_mod_residue.PDB_ins_code     ? 
_pdbx_struct_mod_residue.parent_comp_id   CYS 
_pdbx_struct_mod_residue.details          3-SULFINOALANINE 
# 
_pdbx_struct_special_symmetry.id              1 
_pdbx_struct_special_symmetry.PDB_model_num   1 
_pdbx_struct_special_symmetry.auth_asym_id    A 
_pdbx_struct_special_symmetry.auth_comp_id    HOH 
_pdbx_struct_special_symmetry.auth_seq_id     278 
_pdbx_struct_special_symmetry.PDB_ins_code    ? 
_pdbx_struct_special_symmetry.label_asym_id   D 
_pdbx_struct_special_symmetry.label_comp_id   HOH 
_pdbx_struct_special_symmetry.label_seq_id    . 
# 
loop_
_pdbx_unobs_or_zero_occ_residues.id 
_pdbx_unobs_or_zero_occ_residues.PDB_model_num 
_pdbx_unobs_or_zero_occ_residues.polymer_flag 
_pdbx_unobs_or_zero_occ_residues.occupancy_flag 
_pdbx_unobs_or_zero_occ_residues.auth_asym_id 
_pdbx_unobs_or_zero_occ_residues.auth_comp_id 
_pdbx_unobs_or_zero_occ_residues.auth_seq_id 
_pdbx_unobs_or_zero_occ_residues.PDB_ins_code 
_pdbx_unobs_or_zero_occ_residues.label_asym_id 
_pdbx_unobs_or_zero_occ_residues.label_comp_id 
_pdbx_unobs_or_zero_occ_residues.label_seq_id 
1 1 Y 1 A HIS 186 ? A HIS 186 
2 1 Y 1 A HIS 187 ? A HIS 187 
3 1 Y 1 A HIS 188 ? A HIS 188 
4 1 Y 1 A HIS 189 ? A HIS 189 
5 1 Y 1 A HIS 190 ? A HIS 190 
6 1 Y 1 A HIS 191 ? A HIS 191 
# 
loop_
_chem_comp_atom.comp_id 
_chem_comp_atom.atom_id 
_chem_comp_atom.type_symbol 
_chem_comp_atom.pdbx_aromatic_flag 
_chem_comp_atom.pdbx_stereo_config 
_chem_comp_atom.pdbx_ordinal 
ALA N    N  N N 1   
ALA CA   C  N S 2   
ALA C    C  N N 3   
ALA O    O  N N 4   
ALA CB   C  N N 5   
ALA OXT  O  N N 6   
ALA H    H  N N 7   
ALA H2   H  N N 8   
ALA HA   H  N N 9   
ALA HB1  H  N N 10  
ALA HB2  H  N N 11  
ALA HB3  H  N N 12  
ALA HXT  H  N N 13  
ARG N    N  N N 14  
ARG CA   C  N S 15  
ARG C    C  N N 16  
ARG O    O  N N 17  
ARG CB   C  N N 18  
ARG CG   C  N N 19  
ARG CD   C  N N 20  
ARG NE   N  N N 21  
ARG CZ   C  N N 22  
ARG NH1  N  N N 23  
ARG NH2  N  N N 24  
ARG OXT  O  N N 25  
ARG H    H  N N 26  
ARG H2   H  N N 27  
ARG HA   H  N N 28  
ARG HB2  H  N N 29  
ARG HB3  H  N N 30  
ARG HG2  H  N N 31  
ARG HG3  H  N N 32  
ARG HD2  H  N N 33  
ARG HD3  H  N N 34  
ARG HE   H  N N 35  
ARG HH11 H  N N 36  
ARG HH12 H  N N 37  
ARG HH21 H  N N 38  
ARG HH22 H  N N 39  
ARG HXT  H  N N 40  
ASN N    N  N N 41  
ASN CA   C  N S 42  
ASN C    C  N N 43  
ASN O    O  N N 44  
ASN CB   C  N N 45  
ASN CG   C  N N 46  
ASN OD1  O  N N 47  
ASN ND2  N  N N 48  
ASN OXT  O  N N 49  
ASN H    H  N N 50  
ASN H2   H  N N 51  
ASN HA   H  N N 52  
ASN HB2  H  N N 53  
ASN HB3  H  N N 54  
ASN HD21 H  N N 55  
ASN HD22 H  N N 56  
ASN HXT  H  N N 57  
ASP N    N  N N 58  
ASP CA   C  N S 59  
ASP C    C  N N 60  
ASP O    O  N N 61  
ASP CB   C  N N 62  
ASP CG   C  N N 63  
ASP OD1  O  N N 64  
ASP OD2  O  N N 65  
ASP OXT  O  N N 66  
ASP H    H  N N 67  
ASP H2   H  N N 68  
ASP HA   H  N N 69  
ASP HB2  H  N N 70  
ASP HB3  H  N N 71  
ASP HD2  H  N N 72  
ASP HXT  H  N N 73  
CSD N    N  N N 74  
CSD CA   C  N R 75  
CSD CB   C  N N 76  
CSD SG   S  N N 77  
CSD C    C  N N 78  
CSD O    O  N N 79  
CSD OXT  O  N N 80  
CSD OD1  O  N N 81  
CSD OD2  O  N N 82  
CSD H    H  N N 83  
CSD H2   H  N N 84  
CSD HA   H  N N 85  
CSD HB2  H  N N 86  
CSD HB3  H  N N 87  
CSD HXT  H  N N 88  
CSD HD2  H  N N 89  
FHF C    C  N N 90  
FHF N    N  N N 91  
FHF O    O  N N 92  
FHF CA   C  N S 93  
FHF CB   C  N N 94  
FHF CAA  C  N N 95  
FHF OAD  O  N N 96  
FHF OAE  O  N N 97  
FHF OAG  O  N N 98  
FHF FAH  F  N N 99  
FHF CAI  C  N N 100 
FHF CAJ  C  Y N 101 
FHF CAK  C  Y N 102 
FHF CAL  C  Y N 103 
FHF CAM  C  Y N 104 
FHF CAN  C  N N 105 
FHF CAO  C  N N 106 
FHF CAP  C  N N 107 
FHF CAQ  C  N N 108 
FHF NAR  N  N N 109 
FHF CAT  C  N N 110 
FHF CAV  C  Y N 111 
FHF CAW  C  Y N 112 
FHF CAY  C  N R 113 
FHF NBA  N  N N 114 
FHF CG1  C  N N 115 
FHF CG2  C  N N 116 
FHF HN   H  N N 117 
FHF HA   H  N N 118 
FHF HB   H  N N 119 
FHF HAA  H  N N 120 
FHF HAAA H  N N 121 
FHF HAAB H  N N 122 
FHF HOAG H  N N 123 
FHF HAI  H  N N 124 
FHF HAJ  H  N N 125 
FHF HAK  H  N N 126 
FHF HAL  H  N N 127 
FHF HAM  H  N N 128 
FHF HAN  H  N N 129 
FHF HANA H  N N 130 
FHF HAO  H  N N 131 
FHF HAOA H  N N 132 
FHF HAP  H  N N 133 
FHF HAPA H  N N 134 
FHF HAQ  H  N N 135 
FHF HAQA H  N N 136 
FHF HNAR H  N N 137 
FHF HAY  H  N N 138 
FHF HG1  H  N N 139 
FHF HG1A H  N N 140 
FHF HG1B H  N N 141 
FHF HG2  H  N N 142 
FHF HG2A H  N N 143 
FHF HG2B H  N N 144 
GLN N    N  N N 145 
GLN CA   C  N S 146 
GLN C    C  N N 147 
GLN O    O  N N 148 
GLN CB   C  N N 149 
GLN CG   C  N N 150 
GLN CD   C  N N 151 
GLN OE1  O  N N 152 
GLN NE2  N  N N 153 
GLN OXT  O  N N 154 
GLN H    H  N N 155 
GLN H2   H  N N 156 
GLN HA   H  N N 157 
GLN HB2  H  N N 158 
GLN HB3  H  N N 159 
GLN HG2  H  N N 160 
GLN HG3  H  N N 161 
GLN HE21 H  N N 162 
GLN HE22 H  N N 163 
GLN HXT  H  N N 164 
GLU N    N  N N 165 
GLU CA   C  N S 166 
GLU C    C  N N 167 
GLU O    O  N N 168 
GLU CB   C  N N 169 
GLU CG   C  N N 170 
GLU CD   C  N N 171 
GLU OE1  O  N N 172 
GLU OE2  O  N N 173 
GLU OXT  O  N N 174 
GLU H    H  N N 175 
GLU H2   H  N N 176 
GLU HA   H  N N 177 
GLU HB2  H  N N 178 
GLU HB3  H  N N 179 
GLU HG2  H  N N 180 
GLU HG3  H  N N 181 
GLU HE2  H  N N 182 
GLU HXT  H  N N 183 
GLY N    N  N N 184 
GLY CA   C  N N 185 
GLY C    C  N N 186 
GLY O    O  N N 187 
GLY OXT  O  N N 188 
GLY H    H  N N 189 
GLY H2   H  N N 190 
GLY HA2  H  N N 191 
GLY HA3  H  N N 192 
GLY HXT  H  N N 193 
HIS N    N  N N 194 
HIS CA   C  N S 195 
HIS C    C  N N 196 
HIS O    O  N N 197 
HIS CB   C  N N 198 
HIS CG   C  Y N 199 
HIS ND1  N  Y N 200 
HIS CD2  C  Y N 201 
HIS CE1  C  Y N 202 
HIS NE2  N  Y N 203 
HIS OXT  O  N N 204 
HIS H    H  N N 205 
HIS H2   H  N N 206 
HIS HA   H  N N 207 
HIS HB2  H  N N 208 
HIS HB3  H  N N 209 
HIS HD1  H  N N 210 
HIS HD2  H  N N 211 
HIS HE1  H  N N 212 
HIS HE2  H  N N 213 
HIS HXT  H  N N 214 
HOH O    O  N N 215 
HOH H1   H  N N 216 
HOH H2   H  N N 217 
ILE N    N  N N 218 
ILE CA   C  N S 219 
ILE C    C  N N 220 
ILE O    O  N N 221 
ILE CB   C  N S 222 
ILE CG1  C  N N 223 
ILE CG2  C  N N 224 
ILE CD1  C  N N 225 
ILE OXT  O  N N 226 
ILE H    H  N N 227 
ILE H2   H  N N 228 
ILE HA   H  N N 229 
ILE HB   H  N N 230 
ILE HG12 H  N N 231 
ILE HG13 H  N N 232 
ILE HG21 H  N N 233 
ILE HG22 H  N N 234 
ILE HG23 H  N N 235 
ILE HD11 H  N N 236 
ILE HD12 H  N N 237 
ILE HD13 H  N N 238 
ILE HXT  H  N N 239 
LEU N    N  N N 240 
LEU CA   C  N S 241 
LEU C    C  N N 242 
LEU O    O  N N 243 
LEU CB   C  N N 244 
LEU CG   C  N N 245 
LEU CD1  C  N N 246 
LEU CD2  C  N N 247 
LEU OXT  O  N N 248 
LEU H    H  N N 249 
LEU H2   H  N N 250 
LEU HA   H  N N 251 
LEU HB2  H  N N 252 
LEU HB3  H  N N 253 
LEU HG   H  N N 254 
LEU HD11 H  N N 255 
LEU HD12 H  N N 256 
LEU HD13 H  N N 257 
LEU HD21 H  N N 258 
LEU HD22 H  N N 259 
LEU HD23 H  N N 260 
LEU HXT  H  N N 261 
LYS N    N  N N 262 
LYS CA   C  N S 263 
LYS C    C  N N 264 
LYS O    O  N N 265 
LYS CB   C  N N 266 
LYS CG   C  N N 267 
LYS CD   C  N N 268 
LYS CE   C  N N 269 
LYS NZ   N  N N 270 
LYS OXT  O  N N 271 
LYS H    H  N N 272 
LYS H2   H  N N 273 
LYS HA   H  N N 274 
LYS HB2  H  N N 275 
LYS HB3  H  N N 276 
LYS HG2  H  N N 277 
LYS HG3  H  N N 278 
LYS HD2  H  N N 279 
LYS HD3  H  N N 280 
LYS HE2  H  N N 281 
LYS HE3  H  N N 282 
LYS HZ1  H  N N 283 
LYS HZ2  H  N N 284 
LYS HZ3  H  N N 285 
LYS HXT  H  N N 286 
MET N    N  N N 287 
MET CA   C  N S 288 
MET C    C  N N 289 
MET O    O  N N 290 
MET CB   C  N N 291 
MET CG   C  N N 292 
MET SD   S  N N 293 
MET CE   C  N N 294 
MET OXT  O  N N 295 
MET H    H  N N 296 
MET H2   H  N N 297 
MET HA   H  N N 298 
MET HB2  H  N N 299 
MET HB3  H  N N 300 
MET HG2  H  N N 301 
MET HG3  H  N N 302 
MET HE1  H  N N 303 
MET HE2  H  N N 304 
MET HE3  H  N N 305 
MET HXT  H  N N 306 
PHE N    N  N N 307 
PHE CA   C  N S 308 
PHE C    C  N N 309 
PHE O    O  N N 310 
PHE CB   C  N N 311 
PHE CG   C  Y N 312 
PHE CD1  C  Y N 313 
PHE CD2  C  Y N 314 
PHE CE1  C  Y N 315 
PHE CE2  C  Y N 316 
PHE CZ   C  Y N 317 
PHE OXT  O  N N 318 
PHE H    H  N N 319 
PHE H2   H  N N 320 
PHE HA   H  N N 321 
PHE HB2  H  N N 322 
PHE HB3  H  N N 323 
PHE HD1  H  N N 324 
PHE HD2  H  N N 325 
PHE HE1  H  N N 326 
PHE HE2  H  N N 327 
PHE HZ   H  N N 328 
PHE HXT  H  N N 329 
PRO N    N  N N 330 
PRO CA   C  N S 331 
PRO C    C  N N 332 
PRO O    O  N N 333 
PRO CB   C  N N 334 
PRO CG   C  N N 335 
PRO CD   C  N N 336 
PRO OXT  O  N N 337 
PRO H    H  N N 338 
PRO HA   H  N N 339 
PRO HB2  H  N N 340 
PRO HB3  H  N N 341 
PRO HG2  H  N N 342 
PRO HG3  H  N N 343 
PRO HD2  H  N N 344 
PRO HD3  H  N N 345 
PRO HXT  H  N N 346 
SER N    N  N N 347 
SER CA   C  N S 348 
SER C    C  N N 349 
SER O    O  N N 350 
SER CB   C  N N 351 
SER OG   O  N N 352 
SER OXT  O  N N 353 
SER H    H  N N 354 
SER H2   H  N N 355 
SER HA   H  N N 356 
SER HB2  H  N N 357 
SER HB3  H  N N 358 
SER HG   H  N N 359 
SER HXT  H  N N 360 
THR N    N  N N 361 
THR CA   C  N S 362 
THR C    C  N N 363 
THR O    O  N N 364 
THR CB   C  N R 365 
THR OG1  O  N N 366 
THR CG2  C  N N 367 
THR OXT  O  N N 368 
THR H    H  N N 369 
THR H2   H  N N 370 
THR HA   H  N N 371 
THR HB   H  N N 372 
THR HG1  H  N N 373 
THR HG21 H  N N 374 
THR HG22 H  N N 375 
THR HG23 H  N N 376 
THR HXT  H  N N 377 
TYR N    N  N N 378 
TYR CA   C  N S 379 
TYR C    C  N N 380 
TYR O    O  N N 381 
TYR CB   C  N N 382 
TYR CG   C  Y N 383 
TYR CD1  C  Y N 384 
TYR CD2  C  Y N 385 
TYR CE1  C  Y N 386 
TYR CE2  C  Y N 387 
TYR CZ   C  Y N 388 
TYR OH   O  N N 389 
TYR OXT  O  N N 390 
TYR H    H  N N 391 
TYR H2   H  N N 392 
TYR HA   H  N N 393 
TYR HB2  H  N N 394 
TYR HB3  H  N N 395 
TYR HD1  H  N N 396 
TYR HD2  H  N N 397 
TYR HE1  H  N N 398 
TYR HE2  H  N N 399 
TYR HH   H  N N 400 
TYR HXT  H  N N 401 
VAL N    N  N N 402 
VAL CA   C  N S 403 
VAL C    C  N N 404 
VAL O    O  N N 405 
VAL CB   C  N N 406 
VAL CG1  C  N N 407 
VAL CG2  C  N N 408 
VAL OXT  O  N N 409 
VAL H    H  N N 410 
VAL H2   H  N N 411 
VAL HA   H  N N 412 
VAL HB   H  N N 413 
VAL HG11 H  N N 414 
VAL HG12 H  N N 415 
VAL HG13 H  N N 416 
VAL HG21 H  N N 417 
VAL HG22 H  N N 418 
VAL HG23 H  N N 419 
VAL HXT  H  N N 420 
ZN  ZN   ZN N N 421 
# 
loop_
_chem_comp_bond.comp_id 
_chem_comp_bond.atom_id_1 
_chem_comp_bond.atom_id_2 
_chem_comp_bond.value_order 
_chem_comp_bond.pdbx_aromatic_flag 
_chem_comp_bond.pdbx_stereo_config 
_chem_comp_bond.pdbx_ordinal 
ALA N   CA   sing N N 1   
ALA N   H    sing N N 2   
ALA N   H2   sing N N 3   
ALA CA  C    sing N N 4   
ALA CA  CB   sing N N 5   
ALA CA  HA   sing N N 6   
ALA C   O    doub N N 7   
ALA C   OXT  sing N N 8   
ALA CB  HB1  sing N N 9   
ALA CB  HB2  sing N N 10  
ALA CB  HB3  sing N N 11  
ALA OXT HXT  sing N N 12  
ARG N   CA   sing N N 13  
ARG N   H    sing N N 14  
ARG N   H2   sing N N 15  
ARG CA  C    sing N N 16  
ARG CA  CB   sing N N 17  
ARG CA  HA   sing N N 18  
ARG C   O    doub N N 19  
ARG C   OXT  sing N N 20  
ARG CB  CG   sing N N 21  
ARG CB  HB2  sing N N 22  
ARG CB  HB3  sing N N 23  
ARG CG  CD   sing N N 24  
ARG CG  HG2  sing N N 25  
ARG CG  HG3  sing N N 26  
ARG CD  NE   sing N N 27  
ARG CD  HD2  sing N N 28  
ARG CD  HD3  sing N N 29  
ARG NE  CZ   sing N N 30  
ARG NE  HE   sing N N 31  
ARG CZ  NH1  sing N N 32  
ARG CZ  NH2  doub N N 33  
ARG NH1 HH11 sing N N 34  
ARG NH1 HH12 sing N N 35  
ARG NH2 HH21 sing N N 36  
ARG NH2 HH22 sing N N 37  
ARG OXT HXT  sing N N 38  
ASN N   CA   sing N N 39  
ASN N   H    sing N N 40  
ASN N   H2   sing N N 41  
ASN CA  C    sing N N 42  
ASN CA  CB   sing N N 43  
ASN CA  HA   sing N N 44  
ASN C   O    doub N N 45  
ASN C   OXT  sing N N 46  
ASN CB  CG   sing N N 47  
ASN CB  HB2  sing N N 48  
ASN CB  HB3  sing N N 49  
ASN CG  OD1  doub N N 50  
ASN CG  ND2  sing N N 51  
ASN ND2 HD21 sing N N 52  
ASN ND2 HD22 sing N N 53  
ASN OXT HXT  sing N N 54  
ASP N   CA   sing N N 55  
ASP N   H    sing N N 56  
ASP N   H2   sing N N 57  
ASP CA  C    sing N N 58  
ASP CA  CB   sing N N 59  
ASP CA  HA   sing N N 60  
ASP C   O    doub N N 61  
ASP C   OXT  sing N N 62  
ASP CB  CG   sing N N 63  
ASP CB  HB2  sing N N 64  
ASP CB  HB3  sing N N 65  
ASP CG  OD1  doub N N 66  
ASP CG  OD2  sing N N 67  
ASP OD2 HD2  sing N N 68  
ASP OXT HXT  sing N N 69  
CSD N   CA   sing N N 70  
CSD N   H    sing N N 71  
CSD N   H2   sing N N 72  
CSD CA  CB   sing N N 73  
CSD CA  C    sing N N 74  
CSD CA  HA   sing N N 75  
CSD CB  SG   sing N N 76  
CSD CB  HB2  sing N N 77  
CSD CB  HB3  sing N N 78  
CSD SG  OD1  doub N N 79  
CSD SG  OD2  sing N N 80  
CSD C   O    doub N N 81  
CSD C   OXT  sing N N 82  
CSD OXT HXT  sing N N 83  
CSD OD2 HD2  sing N N 84  
FHF C   O    doub N N 85  
FHF C   CA   sing N N 86  
FHF C   CAY  sing N N 87  
FHF N   CA   sing N N 88  
FHF N   CAT  sing N N 89  
FHF CA  CB   sing N N 90  
FHF CB  CG1  sing N N 91  
FHF CB  CG2  sing N N 92  
FHF CAA CAN  sing N N 93  
FHF OAD CAI  doub N N 94  
FHF OAE CAT  doub N N 95  
FHF OAG NBA  sing N N 96  
FHF FAH CAV  sing N N 97  
FHF CAI NBA  sing N N 98  
FHF CAJ CAK  doub Y N 99  
FHF CAJ CAL  sing Y N 100 
FHF CAK CAM  sing Y N 101 
FHF CAL CAV  doub Y N 102 
FHF CAM CAW  doub Y N 103 
FHF CAN CAO  sing N N 104 
FHF CAO CAP  sing N N 105 
FHF CAP CAY  sing N N 106 
FHF CAQ CAY  sing N N 107 
FHF CAQ NBA  sing N N 108 
FHF NAR CAT  sing N N 109 
FHF NAR CAW  sing N N 110 
FHF CAV CAW  sing Y N 111 
FHF N   HN   sing N N 112 
FHF CA  HA   sing N N 113 
FHF CB  HB   sing N N 114 
FHF CAA HAA  sing N N 115 
FHF CAA HAAA sing N N 116 
FHF CAA HAAB sing N N 117 
FHF OAG HOAG sing N N 118 
FHF CAI HAI  sing N N 119 
FHF CAJ HAJ  sing N N 120 
FHF CAK HAK  sing N N 121 
FHF CAL HAL  sing N N 122 
FHF CAM HAM  sing N N 123 
FHF CAN HAN  sing N N 124 
FHF CAN HANA sing N N 125 
FHF CAO HAO  sing N N 126 
FHF CAO HAOA sing N N 127 
FHF CAP HAP  sing N N 128 
FHF CAP HAPA sing N N 129 
FHF CAQ HAQ  sing N N 130 
FHF CAQ HAQA sing N N 131 
FHF NAR HNAR sing N N 132 
FHF CAY HAY  sing N N 133 
FHF CG1 HG1  sing N N 134 
FHF CG1 HG1A sing N N 135 
FHF CG1 HG1B sing N N 136 
FHF CG2 HG2  sing N N 137 
FHF CG2 HG2A sing N N 138 
FHF CG2 HG2B sing N N 139 
GLN N   CA   sing N N 140 
GLN N   H    sing N N 141 
GLN N   H2   sing N N 142 
GLN CA  C    sing N N 143 
GLN CA  CB   sing N N 144 
GLN CA  HA   sing N N 145 
GLN C   O    doub N N 146 
GLN C   OXT  sing N N 147 
GLN CB  CG   sing N N 148 
GLN CB  HB2  sing N N 149 
GLN CB  HB3  sing N N 150 
GLN CG  CD   sing N N 151 
GLN CG  HG2  sing N N 152 
GLN CG  HG3  sing N N 153 
GLN CD  OE1  doub N N 154 
GLN CD  NE2  sing N N 155 
GLN NE2 HE21 sing N N 156 
GLN NE2 HE22 sing N N 157 
GLN OXT HXT  sing N N 158 
GLU N   CA   sing N N 159 
GLU N   H    sing N N 160 
GLU N   H2   sing N N 161 
GLU CA  C    sing N N 162 
GLU CA  CB   sing N N 163 
GLU CA  HA   sing N N 164 
GLU C   O    doub N N 165 
GLU C   OXT  sing N N 166 
GLU CB  CG   sing N N 167 
GLU CB  HB2  sing N N 168 
GLU CB  HB3  sing N N 169 
GLU CG  CD   sing N N 170 
GLU CG  HG2  sing N N 171 
GLU CG  HG3  sing N N 172 
GLU CD  OE1  doub N N 173 
GLU CD  OE2  sing N N 174 
GLU OE2 HE2  sing N N 175 
GLU OXT HXT  sing N N 176 
GLY N   CA   sing N N 177 
GLY N   H    sing N N 178 
GLY N   H2   sing N N 179 
GLY CA  C    sing N N 180 
GLY CA  HA2  sing N N 181 
GLY CA  HA3  sing N N 182 
GLY C   O    doub N N 183 
GLY C   OXT  sing N N 184 
GLY OXT HXT  sing N N 185 
HIS N   CA   sing N N 186 
HIS N   H    sing N N 187 
HIS N   H2   sing N N 188 
HIS CA  C    sing N N 189 
HIS CA  CB   sing N N 190 
HIS CA  HA   sing N N 191 
HIS C   O    doub N N 192 
HIS C   OXT  sing N N 193 
HIS CB  CG   sing N N 194 
HIS CB  HB2  sing N N 195 
HIS CB  HB3  sing N N 196 
HIS CG  ND1  sing Y N 197 
HIS CG  CD2  doub Y N 198 
HIS ND1 CE1  doub Y N 199 
HIS ND1 HD1  sing N N 200 
HIS CD2 NE2  sing Y N 201 
HIS CD2 HD2  sing N N 202 
HIS CE1 NE2  sing Y N 203 
HIS CE1 HE1  sing N N 204 
HIS NE2 HE2  sing N N 205 
HIS OXT HXT  sing N N 206 
HOH O   H1   sing N N 207 
HOH O   H2   sing N N 208 
ILE N   CA   sing N N 209 
ILE N   H    sing N N 210 
ILE N   H2   sing N N 211 
ILE CA  C    sing N N 212 
ILE CA  CB   sing N N 213 
ILE CA  HA   sing N N 214 
ILE C   O    doub N N 215 
ILE C   OXT  sing N N 216 
ILE CB  CG1  sing N N 217 
ILE CB  CG2  sing N N 218 
ILE CB  HB   sing N N 219 
ILE CG1 CD1  sing N N 220 
ILE CG1 HG12 sing N N 221 
ILE CG1 HG13 sing N N 222 
ILE CG2 HG21 sing N N 223 
ILE CG2 HG22 sing N N 224 
ILE CG2 HG23 sing N N 225 
ILE CD1 HD11 sing N N 226 
ILE CD1 HD12 sing N N 227 
ILE CD1 HD13 sing N N 228 
ILE OXT HXT  sing N N 229 
LEU N   CA   sing N N 230 
LEU N   H    sing N N 231 
LEU N   H2   sing N N 232 
LEU CA  C    sing N N 233 
LEU CA  CB   sing N N 234 
LEU CA  HA   sing N N 235 
LEU C   O    doub N N 236 
LEU C   OXT  sing N N 237 
LEU CB  CG   sing N N 238 
LEU CB  HB2  sing N N 239 
LEU CB  HB3  sing N N 240 
LEU CG  CD1  sing N N 241 
LEU CG  CD2  sing N N 242 
LEU CG  HG   sing N N 243 
LEU CD1 HD11 sing N N 244 
LEU CD1 HD12 sing N N 245 
LEU CD1 HD13 sing N N 246 
LEU CD2 HD21 sing N N 247 
LEU CD2 HD22 sing N N 248 
LEU CD2 HD23 sing N N 249 
LEU OXT HXT  sing N N 250 
LYS N   CA   sing N N 251 
LYS N   H    sing N N 252 
LYS N   H2   sing N N 253 
LYS CA  C    sing N N 254 
LYS CA  CB   sing N N 255 
LYS CA  HA   sing N N 256 
LYS C   O    doub N N 257 
LYS C   OXT  sing N N 258 
LYS CB  CG   sing N N 259 
LYS CB  HB2  sing N N 260 
LYS CB  HB3  sing N N 261 
LYS CG  CD   sing N N 262 
LYS CG  HG2  sing N N 263 
LYS CG  HG3  sing N N 264 
LYS CD  CE   sing N N 265 
LYS CD  HD2  sing N N 266 
LYS CD  HD3  sing N N 267 
LYS CE  NZ   sing N N 268 
LYS CE  HE2  sing N N 269 
LYS CE  HE3  sing N N 270 
LYS NZ  HZ1  sing N N 271 
LYS NZ  HZ2  sing N N 272 
LYS NZ  HZ3  sing N N 273 
LYS OXT HXT  sing N N 274 
MET N   CA   sing N N 275 
MET N   H    sing N N 276 
MET N   H2   sing N N 277 
MET CA  C    sing N N 278 
MET CA  CB   sing N N 279 
MET CA  HA   sing N N 280 
MET C   O    doub N N 281 
MET C   OXT  sing N N 282 
MET CB  CG   sing N N 283 
MET CB  HB2  sing N N 284 
MET CB  HB3  sing N N 285 
MET CG  SD   sing N N 286 
MET CG  HG2  sing N N 287 
MET CG  HG3  sing N N 288 
MET SD  CE   sing N N 289 
MET CE  HE1  sing N N 290 
MET CE  HE2  sing N N 291 
MET CE  HE3  sing N N 292 
MET OXT HXT  sing N N 293 
PHE N   CA   sing N N 294 
PHE N   H    sing N N 295 
PHE N   H2   sing N N 296 
PHE CA  C    sing N N 297 
PHE CA  CB   sing N N 298 
PHE CA  HA   sing N N 299 
PHE C   O    doub N N 300 
PHE C   OXT  sing N N 301 
PHE CB  CG   sing N N 302 
PHE CB  HB2  sing N N 303 
PHE CB  HB3  sing N N 304 
PHE CG  CD1  doub Y N 305 
PHE CG  CD2  sing Y N 306 
PHE CD1 CE1  sing Y N 307 
PHE CD1 HD1  sing N N 308 
PHE CD2 CE2  doub Y N 309 
PHE CD2 HD2  sing N N 310 
PHE CE1 CZ   doub Y N 311 
PHE CE1 HE1  sing N N 312 
PHE CE2 CZ   sing Y N 313 
PHE CE2 HE2  sing N N 314 
PHE CZ  HZ   sing N N 315 
PHE OXT HXT  sing N N 316 
PRO N   CA   sing N N 317 
PRO N   CD   sing N N 318 
PRO N   H    sing N N 319 
PRO CA  C    sing N N 320 
PRO CA  CB   sing N N 321 
PRO CA  HA   sing N N 322 
PRO C   O    doub N N 323 
PRO C   OXT  sing N N 324 
PRO CB  CG   sing N N 325 
PRO CB  HB2  sing N N 326 
PRO CB  HB3  sing N N 327 
PRO CG  CD   sing N N 328 
PRO CG  HG2  sing N N 329 
PRO CG  HG3  sing N N 330 
PRO CD  HD2  sing N N 331 
PRO CD  HD3  sing N N 332 
PRO OXT HXT  sing N N 333 
SER N   CA   sing N N 334 
SER N   H    sing N N 335 
SER N   H2   sing N N 336 
SER CA  C    sing N N 337 
SER CA  CB   sing N N 338 
SER CA  HA   sing N N 339 
SER C   O    doub N N 340 
SER C   OXT  sing N N 341 
SER CB  OG   sing N N 342 
SER CB  HB2  sing N N 343 
SER CB  HB3  sing N N 344 
SER OG  HG   sing N N 345 
SER OXT HXT  sing N N 346 
THR N   CA   sing N N 347 
THR N   H    sing N N 348 
THR N   H2   sing N N 349 
THR CA  C    sing N N 350 
THR CA  CB   sing N N 351 
THR CA  HA   sing N N 352 
THR C   O    doub N N 353 
THR C   OXT  sing N N 354 
THR CB  OG1  sing N N 355 
THR CB  CG2  sing N N 356 
THR CB  HB   sing N N 357 
THR OG1 HG1  sing N N 358 
THR CG2 HG21 sing N N 359 
THR CG2 HG22 sing N N 360 
THR CG2 HG23 sing N N 361 
THR OXT HXT  sing N N 362 
TYR N   CA   sing N N 363 
TYR N   H    sing N N 364 
TYR N   H2   sing N N 365 
TYR CA  C    sing N N 366 
TYR CA  CB   sing N N 367 
TYR CA  HA   sing N N 368 
TYR C   O    doub N N 369 
TYR C   OXT  sing N N 370 
TYR CB  CG   sing N N 371 
TYR CB  HB2  sing N N 372 
TYR CB  HB3  sing N N 373 
TYR CG  CD1  doub Y N 374 
TYR CG  CD2  sing Y N 375 
TYR CD1 CE1  sing Y N 376 
TYR CD1 HD1  sing N N 377 
TYR CD2 CE2  doub Y N 378 
TYR CD2 HD2  sing N N 379 
TYR CE1 CZ   doub Y N 380 
TYR CE1 HE1  sing N N 381 
TYR CE2 CZ   sing Y N 382 
TYR CE2 HE2  sing N N 383 
TYR CZ  OH   sing N N 384 
TYR OH  HH   sing N N 385 
TYR OXT HXT  sing N N 386 
VAL N   CA   sing N N 387 
VAL N   H    sing N N 388 
VAL N   H2   sing N N 389 
VAL CA  C    sing N N 390 
VAL CA  CB   sing N N 391 
VAL CA  HA   sing N N 392 
VAL C   O    doub N N 393 
VAL C   OXT  sing N N 394 
VAL CB  CG1  sing N N 395 
VAL CB  CG2  sing N N 396 
VAL CB  HB   sing N N 397 
VAL CG1 HG11 sing N N 398 
VAL CG1 HG12 sing N N 399 
VAL CG1 HG13 sing N N 400 
VAL CG2 HG21 sing N N 401 
VAL CG2 HG22 sing N N 402 
VAL CG2 HG23 sing N N 403 
VAL OXT HXT  sing N N 404 
# 
_pdbx_initial_refinement_model.id               1 
_pdbx_initial_refinement_model.entity_id_list   ? 
_pdbx_initial_refinement_model.type             'experimental model' 
_pdbx_initial_refinement_model.source_name      PDB 
_pdbx_initial_refinement_model.accession_code   1Q1Y 
_pdbx_initial_refinement_model.details          ? 
# 
_atom_sites.entry_id                    3U7M 
_atom_sites.fract_transf_matrix[1][1]   -0.00982537 
_atom_sites.fract_transf_matrix[1][2]   0.00240186 
_atom_sites.fract_transf_matrix[1][3]   -0.00307920 
_atom_sites.fract_transf_matrix[2][1]   0.00186385 
_atom_sites.fract_transf_matrix[2][2]   0.00813373 
_atom_sites.fract_transf_matrix[2][3]   0.00039720 
_atom_sites.fract_transf_matrix[3][1]   0.00622737 
_atom_sites.fract_transf_matrix[3][2]   -0.00043990 
_atom_sites.fract_transf_matrix[3][3]   -0.02021392 
_atom_sites.fract_transf_vector[1]      -0.164152 
_atom_sites.fract_transf_vector[2]      1.151258 
_atom_sites.fract_transf_vector[3]      0.867158 
# 
loop_
_atom_type.symbol 
C  
F  
N  
O  
S  
ZN 
# 
loop_
_atom_site.group_PDB 
_atom_site.id 
_atom_site.type_symbol 
_atom_site.label_atom_id 
_atom_site.label_alt_id 
_atom_site.label_comp_id 
_atom_site.label_asym_id 
_atom_site.label_entity_id 
_atom_site.label_seq_id 
_atom_site.pdbx_PDB_ins_code 
_atom_site.Cartn_x 
_atom_site.Cartn_y 
_atom_site.Cartn_z 
_atom_site.occupancy 
_atom_site.B_iso_or_equiv 
_atom_site.pdbx_formal_charge 
_atom_site.auth_seq_id 
_atom_site.auth_comp_id 
_atom_site.auth_asym_id 
_atom_site.auth_atom_id 
_atom_site.pdbx_PDB_model_num 
ATOM   1    N  N   . MET A 1 1   ? -3.377  15.502  12.630  1.00 33.29 ? 1   MET A N   1 
ATOM   2    C  CA  . MET A 1 1   ? -2.911  15.362  11.234  1.00 33.03 ? 1   MET A CA  1 
ATOM   3    C  C   . MET A 1 1   ? -1.597  14.594  11.206  1.00 32.22 ? 1   MET A C   1 
ATOM   4    O  O   . MET A 1 1   ? -0.634  14.975  11.875  1.00 32.35 ? 1   MET A O   1 
ATOM   5    C  CB  . MET A 1 1   ? -2.738  16.748  10.615  1.00 33.81 ? 1   MET A CB  1 
ATOM   6    C  CG  . MET A 1 1   ? -2.185  16.752  9.207   1.00 35.79 ? 1   MET A CG  1 
ATOM   7    S  SD  . MET A 1 1   ? -1.676  18.394  8.666   1.00 39.73 ? 1   MET A SD  1 
ATOM   8    C  CE  . MET A 1 1   ? -3.265  19.234  8.674   1.00 40.57 ? 1   MET A CE  1 
ATOM   9    N  N   . LEU A 1 2   ? -1.551  13.513  10.434  1.00 30.74 ? 2   LEU A N   1 
ATOM   10   C  CA  . LEU A 1 2   ? -0.289  12.804  10.227  1.00 29.53 ? 2   LEU A CA  1 
ATOM   11   C  C   . LEU A 1 2   ? 0.586   13.579  9.257   1.00 29.05 ? 2   LEU A C   1 
ATOM   12   O  O   . LEU A 1 2   ? 0.086   14.207  8.317   1.00 28.78 ? 2   LEU A O   1 
ATOM   13   C  CB  . LEU A 1 2   ? -0.512  11.375  9.697   1.00 29.12 ? 2   LEU A CB  1 
ATOM   14   C  CG  . LEU A 1 2   ? -1.408  10.413  10.486  1.00 28.44 ? 2   LEU A CG  1 
ATOM   15   C  CD1 . LEU A 1 2   ? -1.663  9.149   9.664   1.00 27.01 ? 2   LEU A CD1 1 
ATOM   16   C  CD2 . LEU A 1 2   ? -0.809  10.067  11.844  1.00 27.81 ? 2   LEU A CD2 1 
ATOM   17   N  N   . THR A 1 3   ? 1.891   13.545  9.500   1.00 28.70 ? 3   THR A N   1 
ATOM   18   C  CA  . THR A 1 3   ? 2.873   14.069  8.554   1.00 28.98 ? 3   THR A CA  1 
ATOM   19   C  C   . THR A 1 3   ? 3.995   13.049  8.421   1.00 29.16 ? 3   THR A C   1 
ATOM   20   O  O   . THR A 1 3   ? 3.886   11.944  8.959   1.00 29.22 ? 3   THR A O   1 
ATOM   21   C  CB  . THR A 1 3   ? 3.447   15.436  9.002   1.00 29.07 ? 3   THR A CB  1 
ATOM   22   O  OG1 . THR A 1 3   ? 4.131   15.286  10.251  1.00 29.74 ? 3   THR A OG1 1 
ATOM   23   C  CG2 . THR A 1 3   ? 2.340   16.482  9.141   1.00 28.02 ? 3   THR A CG2 1 
ATOM   24   N  N   . MET A 1 4   ? 5.073   13.412  7.727   1.00 29.46 ? 4   MET A N   1 
ATOM   25   C  CA  . MET A 1 4   ? 6.220   12.505  7.564   1.00 29.55 ? 4   MET A CA  1 
ATOM   26   C  C   . MET A 1 4   ? 6.852   12.072  8.899   1.00 29.73 ? 4   MET A C   1 
ATOM   27   O  O   . MET A 1 4   ? 7.436   10.989  8.997   1.00 29.09 ? 4   MET A O   1 
ATOM   28   C  CB  . MET A 1 4   ? 7.295   13.103  6.639   1.00 29.55 ? 4   MET A CB  1 
ATOM   29   C  CG  . MET A 1 4   ? 6.823   13.459  5.229   1.00 29.81 ? 4   MET A CG  1 
ATOM   30   S  SD  . MET A 1 4   ? 5.962   12.138  4.333   1.00 30.95 ? 4   MET A SD  1 
ATOM   31   C  CE  . MET A 1 4   ? 7.262   10.934  4.103   1.00 28.04 ? 4   MET A CE  1 
ATOM   32   N  N   . LYS A 1 5   ? 6.733   12.903  9.929   1.00 29.92 ? 5   LYS A N   1 
ATOM   33   C  CA  . LYS A 1 5   ? 7.329   12.525  11.205  1.00 30.52 ? 5   LYS A CA  1 
ATOM   34   C  C   . LYS A 1 5   ? 6.602   11.337  11.871  1.00 30.11 ? 5   LYS A C   1 
ATOM   35   O  O   . LYS A 1 5   ? 7.178   10.646  12.706  1.00 29.76 ? 5   LYS A O   1 
ATOM   36   C  CB  . LYS A 1 5   ? 7.549   13.730  12.137  1.00 30.79 ? 5   LYS A CB  1 
ATOM   37   C  CG  . LYS A 1 5   ? 6.318   14.352  12.731  1.00 32.71 ? 5   LYS A CG  1 
ATOM   38   C  CD  . LYS A 1 5   ? 6.655   15.651  13.486  1.00 35.19 ? 5   LYS A CD  1 
ATOM   39   C  CE  . LYS A 1 5   ? 7.548   15.419  14.699  1.00 36.39 ? 5   LYS A CE  1 
ATOM   40   N  NZ  . LYS A 1 5   ? 7.687   16.662  15.522  1.00 38.01 ? 5   LYS A NZ  1 
ATOM   41   N  N   . ASP A 1 6   ? 5.363   11.084  11.457  1.00 29.81 ? 6   ASP A N   1 
ATOM   42   C  CA  . ASP A 1 6   ? 4.630   9.897   11.903  1.00 29.66 ? 6   ASP A CA  1 
ATOM   43   C  C   . ASP A 1 6   ? 5.045   8.622   11.159  1.00 29.41 ? 6   ASP A C   1 
ATOM   44   O  O   . ASP A 1 6   ? 4.772   7.515   11.624  1.00 29.27 ? 6   ASP A O   1 
ATOM   45   C  CB  . ASP A 1 6   ? 3.129   10.117  11.749  1.00 29.90 ? 6   ASP A CB  1 
ATOM   46   C  CG  . ASP A 1 6   ? 2.632   11.282  12.569  1.00 30.73 ? 6   ASP A CG  1 
ATOM   47   O  OD1 . ASP A 1 6   ? 2.429   11.089  13.784  1.00 30.47 ? 6   ASP A OD1 1 
ATOM   48   O  OD2 . ASP A 1 6   ? 2.437   12.378  11.994  1.00 30.22 ? 6   ASP A OD2 1 
ATOM   49   N  N   . ILE A 1 7   ? 5.695   8.779   10.009  1.00 29.37 ? 7   ILE A N   1 
ATOM   50   C  CA  . ILE A 1 7   ? 6.130   7.629   9.215   1.00 29.65 ? 7   ILE A CA  1 
ATOM   51   C  C   . ILE A 1 7   ? 7.471   7.129   9.713   1.00 29.83 ? 7   ILE A C   1 
ATOM   52   O  O   . ILE A 1 7   ? 8.474   7.849   9.653   1.00 29.56 ? 7   ILE A O   1 
ATOM   53   C  CB  . ILE A 1 7   ? 6.267   7.967   7.700   1.00 29.85 ? 7   ILE A CB  1 
ATOM   54   C  CG1 . ILE A 1 7   ? 5.035   8.723   7.177   1.00 30.27 ? 7   ILE A CG1 1 
ATOM   55   C  CG2 . ILE A 1 7   ? 6.621   6.700   6.873   1.00 28.90 ? 7   ILE A CG2 1 
ATOM   56   C  CD1 . ILE A 1 7   ? 3.802   7.913   7.017   1.00 32.15 ? 7   ILE A CD1 1 
ATOM   57   N  N   . ILE A 1 8   ? 7.493   5.887   10.184  1.00 30.08 ? 8   ILE A N   1 
ATOM   58   C  CA  . ILE A 1 8   ? 8.725   5.280   10.675  1.00 30.49 ? 8   ILE A CA  1 
ATOM   59   C  C   . ILE A 1 8   ? 9.598   4.820   9.506   1.00 31.45 ? 8   ILE A C   1 
ATOM   60   O  O   . ILE A 1 8   ? 9.092   4.513   8.413   1.00 31.03 ? 8   ILE A O   1 
ATOM   61   C  CB  . ILE A 1 8   ? 8.457   4.134   11.701  1.00 30.72 ? 8   ILE A CB  1 
ATOM   62   C  CG1 . ILE A 1 8   ? 7.613   3.003   11.076  1.00 30.04 ? 8   ILE A CG1 1 
ATOM   63   C  CG2 . ILE A 1 8   ? 7.809   4.712   12.970  1.00 29.62 ? 8   ILE A CG2 1 
ATOM   64   C  CD1 . ILE A 1 8   ? 7.539   1.722   11.928  1.00 29.62 ? 8   ILE A CD1 1 
ATOM   65   N  N   . ARG A 1 9   ? 10.907  4.800   9.732   1.00 32.11 ? 9   ARG A N   1 
ATOM   66   C  CA  . ARG A 1 9   ? 11.857  4.543   8.660   1.00 33.59 ? 9   ARG A CA  1 
ATOM   67   C  C   . ARG A 1 9   ? 12.262  3.084   8.611   1.00 33.61 ? 9   ARG A C   1 
ATOM   68   O  O   . ARG A 1 9   ? 12.195  2.374   9.611   1.00 33.90 ? 9   ARG A O   1 
ATOM   69   C  CB  . ARG A 1 9   ? 13.105  5.431   8.803   1.00 33.84 ? 9   ARG A CB  1 
ATOM   70   C  CG  . ARG A 1 9   ? 12.825  6.921   8.805   1.00 37.27 ? 9   ARG A CG  1 
ATOM   71   C  CD  . ARG A 1 9   ? 12.265  7.418   7.462   1.00 43.39 ? 9   ARG A CD  1 
ATOM   72   N  NE  . ARG A 1 9   ? 11.300  8.497   7.673   1.00 47.20 ? 9   ARG A NE  1 
ATOM   73   C  CZ  . ARG A 1 9   ? 10.483  8.977   6.740   1.00 48.97 ? 9   ARG A CZ  1 
ATOM   74   N  NH1 . ARG A 1 9   ? 10.508  8.484   5.508   1.00 49.43 ? 9   ARG A NH1 1 
ATOM   75   N  NH2 . ARG A 1 9   ? 9.641   9.955   7.046   1.00 49.88 ? 9   ARG A NH2 1 
ATOM   76   N  N   . ASP A 1 10  ? 12.680  2.652   7.429   1.00 33.70 ? 10  ASP A N   1 
ATOM   77   C  CA  . ASP A 1 10  ? 13.261  1.334   7.232   1.00 34.13 ? 10  ASP A CA  1 
ATOM   78   C  C   . ASP A 1 10  ? 14.338  1.053   8.286   1.00 34.00 ? 10  ASP A C   1 
ATOM   79   O  O   . ASP A 1 10  ? 15.178  1.909   8.574   1.00 34.13 ? 10  ASP A O   1 
ATOM   80   C  CB  . ASP A 1 10  ? 13.858  1.257   5.831   1.00 34.21 ? 10  ASP A CB  1 
ATOM   81   C  CG  . ASP A 1 10  ? 13.995  -0.156  5.337   1.00 35.55 ? 10  ASP A CG  1 
ATOM   82   O  OD1 . ASP A 1 10  ? 14.537  -0.346  4.235   1.00 38.78 ? 10  ASP A OD1 1 
ATOM   83   O  OD2 . ASP A 1 10  ? 13.570  -1.087  6.041   1.00 37.80 ? 10  ASP A OD2 1 
ATOM   84   N  N   . GLY A 1 11  ? 14.313  -0.146  8.856   1.00 33.87 ? 11  GLY A N   1 
ATOM   85   C  CA  . GLY A 1 11  ? 15.182  -0.460  9.987   1.00 33.36 ? 11  GLY A CA  1 
ATOM   86   C  C   . GLY A 1 11  ? 14.410  -0.511  11.294  1.00 32.92 ? 11  GLY A C   1 
ATOM   87   O  O   . GLY A 1 11  ? 14.827  -1.206  12.218  1.00 33.16 ? 11  GLY A O   1 
ATOM   88   N  N   . HIS A 1 12  ? 13.285  0.213   11.372  1.00 32.24 ? 12  HIS A N   1 
ATOM   89   C  CA  . HIS A 1 12  ? 12.399  0.145   12.542  1.00 31.64 ? 12  HIS A CA  1 
ATOM   90   C  C   . HIS A 1 12  ? 11.761  -1.236  12.631  1.00 31.34 ? 12  HIS A C   1 
ATOM   91   O  O   . HIS A 1 12  ? 11.184  -1.713  11.645  1.00 31.69 ? 12  HIS A O   1 
ATOM   92   C  CB  . HIS A 1 12  ? 11.309  1.217   12.484  1.00 31.61 ? 12  HIS A CB  1 
ATOM   93   C  CG  . HIS A 1 12  ? 10.611  1.445   13.791  1.00 30.84 ? 12  HIS A CG  1 
ATOM   94   N  ND1 . HIS A 1 12  ? 9.822   0.489   14.396  1.00 31.40 ? 12  HIS A ND1 1 
ATOM   95   C  CD2 . HIS A 1 12  ? 10.570  2.530   14.602  1.00 30.53 ? 12  HIS A CD2 1 
ATOM   96   C  CE1 . HIS A 1 12  ? 9.337   0.968   15.529  1.00 30.22 ? 12  HIS A CE1 1 
ATOM   97   N  NE2 . HIS A 1 12  ? 9.772   2.207   15.674  1.00 30.94 ? 12  HIS A NE2 1 
ATOM   98   N  N   . PRO A 1 13  ? 11.861  -1.887  13.808  1.00 30.99 ? 13  PRO A N   1 
ATOM   99   C  CA  . PRO A 1 13  ? 11.396  -3.268  13.993  1.00 30.30 ? 13  PRO A CA  1 
ATOM   100  C  C   . PRO A 1 13  ? 9.929   -3.495  13.624  1.00 29.25 ? 13  PRO A C   1 
ATOM   101  O  O   . PRO A 1 13  ? 9.601   -4.548  13.094  1.00 28.88 ? 13  PRO A O   1 
ATOM   102  C  CB  . PRO A 1 13  ? 11.602  -3.515  15.497  1.00 30.44 ? 13  PRO A CB  1 
ATOM   103  C  CG  . PRO A 1 13  ? 12.699  -2.571  15.879  1.00 31.28 ? 13  PRO A CG  1 
ATOM   104  C  CD  . PRO A 1 13  ? 12.504  -1.352  15.029  1.00 31.00 ? 13  PRO A CD  1 
ATOM   105  N  N   . THR A 1 14  ? 9.066   -2.517  13.895  1.00 28.80 ? 14  THR A N   1 
ATOM   106  C  CA  . THR A 1 14  ? 7.627   -2.649  13.631  1.00 28.17 ? 14  THR A CA  1 
ATOM   107  C  C   . THR A 1 14  ? 7.314   -2.981  12.164  1.00 27.82 ? 14  THR A C   1 
ATOM   108  O  O   . THR A 1 14  ? 6.333   -3.679  11.877  1.00 27.53 ? 14  THR A O   1 
ATOM   109  C  CB  . THR A 1 14  ? 6.858   -1.390  14.055  1.00 28.23 ? 14  THR A CB  1 
ATOM   110  O  OG1 . THR A 1 14  ? 7.082   -1.157  15.444  1.00 28.24 ? 14  THR A OG1 1 
ATOM   111  C  CG2 . THR A 1 14  ? 5.344   -1.551  13.830  1.00 28.09 ? 14  THR A CG2 1 
ATOM   112  N  N   . LEU A 1 15  ? 8.156   -2.493  11.255  1.00 27.40 ? 15  LEU A N   1 
ATOM   113  C  CA  . LEU A 1 15  ? 7.987   -2.728  9.822   1.00 27.41 ? 15  LEU A CA  1 
ATOM   114  C  C   . LEU A 1 15  ? 8.296   -4.167  9.433   1.00 27.89 ? 15  LEU A C   1 
ATOM   115  O  O   . LEU A 1 15  ? 7.952   -4.599  8.326   1.00 27.43 ? 15  LEU A O   1 
ATOM   116  C  CB  . LEU A 1 15  ? 8.889   -1.792  9.007   1.00 27.28 ? 15  LEU A CB  1 
ATOM   117  C  CG  . LEU A 1 15  ? 8.600   -0.293  9.005   1.00 26.58 ? 15  LEU A CG  1 
ATOM   118  C  CD1 . LEU A 1 15  ? 9.776   0.444   8.372   1.00 26.11 ? 15  LEU A CD1 1 
ATOM   119  C  CD2 . LEU A 1 15  ? 7.299   0.020   8.277   1.00 26.36 ? 15  LEU A CD2 1 
ATOM   120  N  N   . ARG A 1 16  ? 8.958   -4.898  10.332  1.00 28.05 ? 16  ARG A N   1 
ATOM   121  C  CA  . ARG A 1 16  ? 9.325   -6.293  10.066  1.00 28.75 ? 16  ARG A CA  1 
ATOM   122  C  C   . ARG A 1 16  ? 8.485   -7.284  10.856  1.00 29.10 ? 16  ARG A C   1 
ATOM   123  O  O   . ARG A 1 16  ? 8.705   -8.486  10.766  1.00 29.42 ? 16  ARG A O   1 
ATOM   124  C  CB  . ARG A 1 16  ? 10.829  -6.535  10.310  1.00 28.79 ? 16  ARG A CB  1 
ATOM   125  C  CG  . ARG A 1 16  ? 11.738  -5.919  9.243   1.00 29.11 ? 16  ARG A CG  1 
ATOM   126  C  CD  . ARG A 1 16  ? 11.292  -6.364  7.856   1.00 29.70 ? 16  ARG A CD  1 
ATOM   127  N  NE  . ARG A 1 16  ? 12.221  -5.989  6.797   1.00 29.97 ? 16  ARG A NE  1 
ATOM   128  C  CZ  . ARG A 1 16  ? 12.149  -6.440  5.546   1.00 30.03 ? 16  ARG A CZ  1 
ATOM   129  N  NH1 . ARG A 1 16  ? 11.181  -7.281  5.185   1.00 29.07 ? 16  ARG A NH1 1 
ATOM   130  N  NH2 . ARG A 1 16  ? 13.041  -6.044  4.646   1.00 29.21 ? 16  ARG A NH2 1 
ATOM   131  N  N   . GLN A 1 17  ? 7.522   -6.782  11.626  1.00 29.38 ? 17  GLN A N   1 
ATOM   132  C  CA  . GLN A 1 17  ? 6.630   -7.651  12.380  1.00 29.93 ? 17  GLN A CA  1 
ATOM   133  C  C   . GLN A 1 17  ? 5.415   -7.993  11.537  1.00 29.62 ? 17  GLN A C   1 
ATOM   134  O  O   . GLN A 1 17  ? 5.146   -7.334  10.534  1.00 29.79 ? 17  GLN A O   1 
ATOM   135  C  CB  . GLN A 1 17  ? 6.189   -6.980  13.688  1.00 30.32 ? 17  GLN A CB  1 
ATOM   136  C  CG  . GLN A 1 17  ? 7.332   -6.702  14.671  1.00 32.28 ? 17  GLN A CG  1 
ATOM   137  C  CD  . GLN A 1 17  ? 6.915   -5.823  15.839  1.00 36.81 ? 17  GLN A CD  1 
ATOM   138  O  OE1 . GLN A 1 17  ? 5.924   -5.088  15.769  1.00 37.05 ? 17  GLN A OE1 1 
ATOM   139  N  NE2 . GLN A 1 17  ? 7.684   -5.886  16.926  1.00 39.07 ? 17  GLN A NE2 1 
ATOM   140  N  N   . LYS A 1 18  ? 4.691   -9.030  11.941  1.00 29.11 ? 18  LYS A N   1 
ATOM   141  C  CA  . LYS A 1 18  ? 3.401   -9.337  11.350  1.00 29.11 ? 18  LYS A CA  1 
ATOM   142  C  C   . LYS A 1 18  ? 2.326   -8.624  12.161  1.00 28.32 ? 18  LYS A C   1 
ATOM   143  O  O   . LYS A 1 18  ? 2.171   -8.897  13.357  1.00 28.33 ? 18  LYS A O   1 
ATOM   144  C  CB  . LYS A 1 18  ? 3.152   -10.850 11.325  1.00 29.63 ? 18  LYS A CB  1 
ATOM   145  C  CG  . LYS A 1 18  ? 1.825   -11.220 10.655  1.00 31.79 ? 18  LYS A CG  1 
ATOM   146  C  CD  . LYS A 1 18  ? 1.696   -12.703 10.319  1.00 33.99 ? 18  LYS A CD  1 
ATOM   147  C  CE  . LYS A 1 18  ? 0.325   -12.967 9.692   1.00 35.02 ? 18  LYS A CE  1 
ATOM   148  N  NZ  . LYS A 1 18  ? 0.079   -14.410 9.413   1.00 37.65 ? 18  LYS A NZ  1 
ATOM   149  N  N   . ALA A 1 19  ? 1.608   -7.703  11.515  1.00 27.08 ? 19  ALA A N   1 
ATOM   150  C  CA  . ALA A 1 19  ? 0.571   -6.905  12.163  1.00 26.73 ? 19  ALA A CA  1 
ATOM   151  C  C   . ALA A 1 19  ? -0.584  -7.763  12.676  1.00 26.75 ? 19  ALA A C   1 
ATOM   152  O  O   . ALA A 1 19  ? -0.944  -8.787  12.064  1.00 26.37 ? 19  ALA A O   1 
ATOM   153  C  CB  . ALA A 1 19  ? 0.047   -5.815  11.211  1.00 26.64 ? 19  ALA A CB  1 
ATOM   154  N  N   . ALA A 1 20  ? -1.158  -7.334  13.796  1.00 26.59 ? 20  ALA A N   1 
ATOM   155  C  CA  . ALA A 1 20  ? -2.249  -8.059  14.436  1.00 27.19 ? 20  ALA A CA  1 
ATOM   156  C  C   . ALA A 1 20  ? -3.575  -7.771  13.752  1.00 27.67 ? 20  ALA A C   1 
ATOM   157  O  O   . ALA A 1 20  ? -3.872  -6.626  13.384  1.00 26.76 ? 20  ALA A O   1 
ATOM   158  C  CB  . ALA A 1 20  ? -2.340  -7.721  15.946  1.00 26.64 ? 20  ALA A CB  1 
ATOM   159  N  N   . GLU A 1 21  ? -4.364  -8.830  13.611  1.00 28.28 ? 21  GLU A N   1 
ATOM   160  C  CA  . GLU A 1 21  ? -5.734  -8.738  13.148  1.00 29.77 ? 21  GLU A CA  1 
ATOM   161  C  C   . GLU A 1 21  ? -6.546  -7.828  14.063  1.00 29.49 ? 21  GLU A C   1 
ATOM   162  O  O   . GLU A 1 21  ? -6.318  -7.780  15.274  1.00 29.13 ? 21  GLU A O   1 
ATOM   163  C  CB  . GLU A 1 21  ? -6.358  -10.125 13.133  1.00 30.26 ? 21  GLU A CB  1 
ATOM   164  C  CG  . GLU A 1 21  ? -6.866  -10.536 11.776  1.00 34.76 ? 21  GLU A CG  1 
ATOM   165  C  CD  . GLU A 1 21  ? -7.222  -12.007 11.708  1.00 39.90 ? 21  GLU A CD  1 
ATOM   166  O  OE1 . GLU A 1 21  ? -6.789  -12.671 10.741  1.00 42.92 ? 21  GLU A OE1 1 
ATOM   167  O  OE2 . GLU A 1 21  ? -7.934  -12.498 12.613  1.00 41.26 ? 21  GLU A OE2 1 
ATOM   168  N  N   . LEU A 1 22  ? -7.480  -7.089  13.470  1.00 29.35 ? 22  LEU A N   1 
ATOM   169  C  CA  . LEU A 1 22  ? -8.381  -6.239  14.234  1.00 29.35 ? 22  LEU A CA  1 
ATOM   170  C  C   . LEU A 1 22  ? -9.602  -7.012  14.702  1.00 29.91 ? 22  LEU A C   1 
ATOM   171  O  O   . LEU A 1 22  ? -10.169 -7.821  13.964  1.00 29.51 ? 22  LEU A O   1 
ATOM   172  C  CB  . LEU A 1 22  ? -8.870  -5.061  13.385  1.00 28.99 ? 22  LEU A CB  1 
ATOM   173  C  CG  . LEU A 1 22  ? -8.005  -3.831  13.131  1.00 28.44 ? 22  LEU A CG  1 
ATOM   174  C  CD1 . LEU A 1 22  ? -7.611  -3.142  14.447  1.00 28.23 ? 22  LEU A CD1 1 
ATOM   175  C  CD2 . LEU A 1 22  ? -6.799  -4.182  12.302  1.00 27.20 ? 22  LEU A CD2 1 
ATOM   176  N  N   . GLU A 1 23  ? -10.015 -6.734  15.929  1.00 30.72 ? 23  GLU A N   1 
ATOM   177  C  CA  . GLU A 1 23  ? -11.336 -7.119  16.401  1.00 32.05 ? 23  GLU A CA  1 
ATOM   178  C  C   . GLU A 1 23  ? -12.370 -6.131  15.875  1.00 31.36 ? 23  GLU A C   1 
ATOM   179  O  O   . GLU A 1 23  ? -12.131 -4.921  15.863  1.00 31.31 ? 23  GLU A O   1 
ATOM   180  C  CB  . GLU A 1 23  ? -11.350 -7.113  17.927  1.00 32.72 ? 23  GLU A CB  1 
ATOM   181  C  CG  . GLU A 1 23  ? -10.551 -8.243  18.533  1.00 37.40 ? 23  GLU A CG  1 
ATOM   182  C  CD  . GLU A 1 23  ? -11.416 -9.438  18.823  1.00 43.59 ? 23  GLU A CD  1 
ATOM   183  O  OE1 . GLU A 1 23  ? -12.041 -9.459  19.909  1.00 46.99 ? 23  GLU A OE1 1 
ATOM   184  O  OE2 . GLU A 1 23  ? -11.479 -10.350 17.968  1.00 45.65 ? 23  GLU A OE2 1 
ATOM   185  N  N   . LEU A 1 24  ? -13.509 -6.649  15.423  1.00 31.16 ? 24  LEU A N   1 
ATOM   186  C  CA  . LEU A 1 24  ? -14.624 -5.805  15.006  1.00 30.86 ? 24  LEU A CA  1 
ATOM   187  C  C   . LEU A 1 24  ? -15.698 -5.811  16.090  1.00 30.70 ? 24  LEU A C   1 
ATOM   188  O  O   . LEU A 1 24  ? -15.909 -6.835  16.741  1.00 31.38 ? 24  LEU A O   1 
ATOM   189  C  CB  . LEU A 1 24  ? -15.209 -6.264  13.651  1.00 30.82 ? 24  LEU A CB  1 
ATOM   190  C  CG  . LEU A 1 24  ? -14.526 -5.882  12.323  1.00 30.86 ? 24  LEU A CG  1 
ATOM   191  C  CD1 . LEU A 1 24  ? -14.296 -4.374  12.227  1.00 30.14 ? 24  LEU A CD1 1 
ATOM   192  C  CD2 . LEU A 1 24  ? -13.208 -6.614  12.103  1.00 30.66 ? 24  LEU A CD2 1 
ATOM   193  N  N   . PRO A 1 25  ? -16.360 -4.663  16.319  1.00 30.20 ? 25  PRO A N   1 
ATOM   194  C  CA  . PRO A 1 25  ? -16.093 -3.368  15.687  1.00 29.51 ? 25  PRO A CA  1 
ATOM   195  C  C   . PRO A 1 25  ? -14.793 -2.730  16.172  1.00 29.01 ? 25  PRO A C   1 
ATOM   196  O  O   . PRO A 1 25  ? -14.321 -3.017  17.284  1.00 28.66 ? 25  PRO A O   1 
ATOM   197  C  CB  . PRO A 1 25  ? -17.298 -2.511  16.107  1.00 29.70 ? 25  PRO A CB  1 
ATOM   198  C  CG  . PRO A 1 25  ? -17.794 -3.133  17.369  1.00 30.10 ? 25  PRO A CG  1 
ATOM   199  C  CD  . PRO A 1 25  ? -17.496 -4.602  17.263  1.00 30.22 ? 25  PRO A CD  1 
ATOM   200  N  N   . LEU A 1 26  ? -14.223 -1.868  15.337  1.00 28.19 ? 26  LEU A N   1 
ATOM   201  C  CA  . LEU A 1 26  ? -13.031 -1.110  15.688  1.00 27.82 ? 26  LEU A CA  1 
ATOM   202  C  C   . LEU A 1 26  ? -13.292 -0.212  16.887  1.00 27.91 ? 26  LEU A C   1 
ATOM   203  O  O   . LEU A 1 26  ? -14.430 0.199   17.117  1.00 27.68 ? 26  LEU A O   1 
ATOM   204  C  CB  . LEU A 1 26  ? -12.592 -0.229  14.516  1.00 27.68 ? 26  LEU A CB  1 
ATOM   205  C  CG  . LEU A 1 26  ? -12.126 -0.886  13.212  1.00 26.98 ? 26  LEU A CG  1 
ATOM   206  C  CD1 . LEU A 1 26  ? -11.605 0.196   12.306  1.00 25.70 ? 26  LEU A CD1 1 
ATOM   207  C  CD2 . LEU A 1 26  ? -11.060 -1.938  13.454  1.00 25.89 ? 26  LEU A CD2 1 
ATOM   208  N  N   . THR A 1 27  ? -12.237 0.104   17.637  1.00 27.82 ? 27  THR A N   1 
ATOM   209  C  CA  . THR A 1 27  ? -12.358 1.138   18.665  1.00 28.21 ? 27  THR A CA  1 
ATOM   210  C  C   . THR A 1 27  ? -12.448 2.488   17.968  1.00 28.79 ? 27  THR A C   1 
ATOM   211  O  O   . THR A 1 27  ? -12.051 2.620   16.797  1.00 28.65 ? 27  THR A O   1 
ATOM   212  C  CB  . THR A 1 27  ? -11.164 1.146   19.648  1.00 27.88 ? 27  THR A CB  1 
ATOM   213  O  OG1 . THR A 1 27  ? -9.956  1.494   18.950  1.00 27.40 ? 27  THR A OG1 1 
ATOM   214  C  CG2 . THR A 1 27  ? -11.013 -0.234  20.338  1.00 26.84 ? 27  THR A CG2 1 
ATOM   215  N  N   . LYS A 1 28  ? -12.956 3.490   18.682  1.00 29.01 ? 28  LYS A N   1 
ATOM   216  C  CA  . LYS A 1 28  ? -12.992 4.851   18.157  1.00 29.91 ? 28  LYS A CA  1 
ATOM   217  C  C   . LYS A 1 28  ? -11.588 5.326   17.766  1.00 29.47 ? 28  LYS A C   1 
ATOM   218  O  O   . LYS A 1 28  ? -11.410 5.968   16.725  1.00 29.28 ? 28  LYS A O   1 
ATOM   219  C  CB  . LYS A 1 28  ? -13.661 5.806   19.162  1.00 30.62 ? 28  LYS A CB  1 
ATOM   220  C  CG  . LYS A 1 28  ? -13.726 7.262   18.709  1.00 34.25 ? 28  LYS A CG  1 
ATOM   221  C  CD  . LYS A 1 28  ? -14.572 7.417   17.444  1.00 39.87 ? 28  LYS A CD  1 
ATOM   222  C  CE  . LYS A 1 28  ? -14.192 8.656   16.646  1.00 41.58 ? 28  LYS A CE  1 
ATOM   223  N  NZ  . LYS A 1 28  ? -14.530 9.906   17.389  1.00 43.07 ? 28  LYS A NZ  1 
ATOM   224  N  N   . GLU A 1 29  ? -10.588 4.982   18.578  1.00 28.88 ? 29  GLU A N   1 
ATOM   225  C  CA  . GLU A 1 29  ? -9.208  5.335   18.254  1.00 28.86 ? 29  GLU A CA  1 
ATOM   226  C  C   . GLU A 1 29  ? -8.732  4.667   16.956  1.00 27.70 ? 29  GLU A C   1 
ATOM   227  O  O   . GLU A 1 29  ? -8.041  5.289   16.159  1.00 27.24 ? 29  GLU A O   1 
ATOM   228  C  CB  . GLU A 1 29  ? -8.258  4.993   19.406  1.00 29.67 ? 29  GLU A CB  1 
ATOM   229  C  CG  . GLU A 1 29  ? -6.779  5.120   19.044  1.00 32.90 ? 29  GLU A CG  1 
ATOM   230  C  CD  . GLU A 1 29  ? -5.853  4.908   20.227  1.00 38.84 ? 29  GLU A CD  1 
ATOM   231  O  OE1 . GLU A 1 29  ? -5.769  5.815   21.083  1.00 41.33 ? 29  GLU A OE1 1 
ATOM   232  O  OE2 . GLU A 1 29  ? -5.203  3.842   20.293  1.00 41.62 ? 29  GLU A OE2 1 
ATOM   233  N  N   . GLU A 1 30  ? -9.092  3.403   16.761  1.00 26.55 ? 30  GLU A N   1 
ATOM   234  C  CA  . GLU A 1 30  ? -8.709  2.691   15.537  1.00 26.12 ? 30  GLU A CA  1 
ATOM   235  C  C   . GLU A 1 30  ? -9.335  3.307   14.283  1.00 25.63 ? 30  GLU A C   1 
ATOM   236  O  O   . GLU A 1 30  ? -8.666  3.453   13.271  1.00 25.51 ? 30  GLU A O   1 
ATOM   237  C  CB  . GLU A 1 30  ? -9.043  1.208   15.648  1.00 25.72 ? 30  GLU A CB  1 
ATOM   238  C  CG  . GLU A 1 30  ? -8.048  0.466   16.521  1.00 25.39 ? 30  GLU A CG  1 
ATOM   239  C  CD  . GLU A 1 30  ? -8.550  -0.869  17.003  1.00 25.54 ? 30  GLU A CD  1 
ATOM   240  O  OE1 . GLU A 1 30  ? -9.770  -1.144  16.920  1.00 26.44 ? 30  GLU A OE1 1 
ATOM   241  O  OE2 . GLU A 1 30  ? -7.710  -1.649  17.479  1.00 26.38 ? 30  GLU A OE2 1 
ATOM   242  N  N   . LYS A 1 31  ? -10.607 3.677   14.379  1.00 25.38 ? 31  LYS A N   1 
ATOM   243  C  CA  . LYS A 1 31  ? -11.309 4.383   13.311  1.00 25.69 ? 31  LYS A CA  1 
ATOM   244  C  C   . LYS A 1 31  ? -10.619 5.699   12.986  1.00 25.84 ? 31  LYS A C   1 
ATOM   245  O  O   . LYS A 1 31  ? -10.375 6.000   11.818  1.00 25.88 ? 31  LYS A O   1 
ATOM   246  C  CB  . LYS A 1 31  ? -12.772 4.627   13.692  1.00 25.32 ? 31  LYS A CB  1 
ATOM   247  C  CG  . LYS A 1 31  ? -13.582 3.341   13.816  1.00 24.29 ? 31  LYS A CG  1 
ATOM   248  C  CD  . LYS A 1 31  ? -15.064 3.626   13.892  1.00 23.46 ? 31  LYS A CD  1 
ATOM   249  C  CE  . LYS A 1 31  ? -15.841 2.351   14.183  1.00 23.10 ? 31  LYS A CE  1 
ATOM   250  N  NZ  . LYS A 1 31  ? -17.304 2.600   14.214  1.00 25.13 ? 31  LYS A NZ  1 
ATOM   251  N  N   . GLU A 1 32  ? -10.285 6.464   14.024  1.00 26.01 ? 32  GLU A N   1 
ATOM   252  C  CA  . GLU A 1 32  ? -9.598  7.738   13.854  1.00 26.34 ? 32  GLU A CA  1 
ATOM   253  C  C   . GLU A 1 32  ? -8.255  7.567   13.172  1.00 25.14 ? 32  GLU A C   1 
ATOM   254  O  O   . GLU A 1 32  ? -7.901  8.350   12.292  1.00 24.63 ? 32  GLU A O   1 
ATOM   255  C  CB  . GLU A 1 32  ? -9.424  8.450   15.199  1.00 27.17 ? 32  GLU A CB  1 
ATOM   256  C  CG  . GLU A 1 32  ? -10.711 9.120   15.666  1.00 31.19 ? 32  GLU A CG  1 
ATOM   257  C  CD  . GLU A 1 32  ? -10.475 10.143  16.770  1.00 37.43 ? 32  GLU A CD  1 
ATOM   258  O  OE1 . GLU A 1 32  ? -11.048 11.255  16.675  1.00 41.71 ? 32  GLU A OE1 1 
ATOM   259  O  OE2 . GLU A 1 32  ? -9.713  9.845   17.719  1.00 37.69 ? 32  GLU A OE2 1 
ATOM   260  N  N   . THR A 1 33  ? -7.525  6.536   13.591  1.00 24.04 ? 33  THR A N   1 
ATOM   261  C  CA  . THR A 1 33  ? -6.242  6.182   13.009  1.00 23.55 ? 33  THR A CA  1 
ATOM   262  C  C   . THR A 1 33  ? -6.377  5.883   11.515  1.00 22.90 ? 33  THR A C   1 
ATOM   263  O  O   . THR A 1 33  ? -5.601  6.393   10.710  1.00 22.78 ? 33  THR A O   1 
ATOM   264  C  CB  . THR A 1 33  ? -5.619  4.975   13.747  1.00 23.47 ? 33  THR A CB  1 
ATOM   265  O  OG1 . THR A 1 33  ? -5.252  5.380   15.068  1.00 24.99 ? 33  THR A OG1 1 
ATOM   266  C  CG2 . THR A 1 33  ? -4.382  4.460   13.029  1.00 22.79 ? 33  THR A CG2 1 
ATOM   267  N  N   . LEU A 1 34  ? -7.363  5.063   11.159  1.00 22.15 ? 34  LEU A N   1 
ATOM   268  C  CA  . LEU A 1 34  ? -7.590  4.696   9.768   1.00 21.80 ? 34  LEU A CA  1 
ATOM   269  C  C   . LEU A 1 34  ? -8.007  5.914   8.930   1.00 21.58 ? 34  LEU A C   1 
ATOM   270  O  O   . LEU A 1 34  ? -7.483  6.119   7.834   1.00 21.05 ? 34  LEU A O   1 
ATOM   271  C  CB  . LEU A 1 34  ? -8.632  3.571   9.680   1.00 21.85 ? 34  LEU A CB  1 
ATOM   272  C  CG  . LEU A 1 34  ? -8.827  2.830   8.351   1.00 21.99 ? 34  LEU A CG  1 
ATOM   273  C  CD1 . LEU A 1 34  ? -7.504  2.414   7.712   1.00 19.98 ? 34  LEU A CD1 1 
ATOM   274  C  CD2 . LEU A 1 34  ? -9.700  1.614   8.585   1.00 23.39 ? 34  LEU A CD2 1 
ATOM   275  N  N   . ILE A 1 35  ? -8.933  6.719   9.459   1.00 21.54 ? 35  ILE A N   1 
ATOM   276  C  CA  . ILE A 1 35  ? -9.341  7.985   8.813   1.00 21.84 ? 35  ILE A CA  1 
ATOM   277  C  C   . ILE A 1 35  ? -8.158  8.941   8.596   1.00 21.82 ? 35  ILE A C   1 
ATOM   278  O  O   . ILE A 1 35  ? -8.039  9.577   7.535   1.00 21.57 ? 35  ILE A O   1 
ATOM   279  C  CB  . ILE A 1 35  ? -10.526 8.667   9.572   1.00 22.10 ? 35  ILE A CB  1 
ATOM   280  C  CG1 . ILE A 1 35  ? -11.808 7.840   9.387   1.00 22.91 ? 35  ILE A CG1 1 
ATOM   281  C  CG2 . ILE A 1 35  ? -10.756 10.135  9.101   1.00 22.08 ? 35  ILE A CG2 1 
ATOM   282  C  CD1 . ILE A 1 35  ? -12.955 8.217   10.340  1.00 24.72 ? 35  ILE A CD1 1 
ATOM   283  N  N   . ALA A 1 36  ? -7.272  9.029   9.592   1.00 21.84 ? 36  ALA A N   1 
ATOM   284  C  CA  . ALA A 1 36  ? -6.064  9.861   9.478   1.00 21.61 ? 36  ALA A CA  1 
ATOM   285  C  C   . ALA A 1 36  ? -5.063  9.309   8.454   1.00 21.67 ? 36  ALA A C   1 
ATOM   286  O  O   . ALA A 1 36  ? -4.324  10.071  7.825   1.00 22.00 ? 36  ALA A O   1 
ATOM   287  C  CB  . ALA A 1 36  ? -5.395  10.033  10.857  1.00 21.80 ? 36  ALA A CB  1 
ATOM   288  N  N   . MET A 1 37  ? -5.013  7.984   8.302   1.00 21.43 ? 37  MET A N   1 
ATOM   289  C  CA  . MET A 1 37  ? -4.156  7.375   7.279   1.00 21.43 ? 37  MET A CA  1 
ATOM   290  C  C   . MET A 1 37  ? -4.612  7.788   5.880   1.00 21.37 ? 37  MET A C   1 
ATOM   291  O  O   . MET A 1 37  ? -3.796  8.181   5.035   1.00 20.57 ? 37  MET A O   1 
ATOM   292  C  CB  . MET A 1 37  ? -4.144  5.852   7.398   1.00 21.14 ? 37  MET A CB  1 
ATOM   293  C  CG  . MET A 1 37  ? -3.365  5.366   8.607   1.00 21.50 ? 37  MET A CG  1 
ATOM   294  S  SD  . MET A 1 37  ? -3.732  3.680   9.072   1.00 22.64 ? 37  MET A SD  1 
ATOM   295  C  CE  . MET A 1 37  ? -3.327  2.814   7.538   1.00 20.07 ? 37  MET A CE  1 
ATOM   296  N  N   . ARG A 1 38  ? -5.917  7.691   5.656   1.00 21.40 ? 38  ARG A N   1 
ATOM   297  C  CA  . ARG A 1 38  ? -6.515  8.118   4.392   1.00 22.34 ? 38  ARG A CA  1 
ATOM   298  C  C   . ARG A 1 38  ? -6.261  9.618   4.200   1.00 22.56 ? 38  ARG A C   1 
ATOM   299  O  O   . ARG A 1 38  ? -5.807  10.044  3.132   1.00 22.60 ? 38  ARG A O   1 
ATOM   300  C  CB  . ARG A 1 38  ? -8.019  7.814   4.363   1.00 22.02 ? 38  ARG A CB  1 
ATOM   301  C  CG  . ARG A 1 38  ? -8.739  8.521   3.232   1.00 22.87 ? 38  ARG A CG  1 
ATOM   302  C  CD  . ARG A 1 38  ? -10.201 8.132   3.103   1.00 22.26 ? 38  ARG A CD  1 
ATOM   303  N  NE  . ARG A 1 38  ? -10.757 8.763   1.903   1.00 23.32 ? 38  ARG A NE  1 
ATOM   304  C  CZ  . ARG A 1 38  ? -11.162 10.028  1.834   1.00 24.87 ? 38  ARG A CZ  1 
ATOM   305  N  NH1 . ARG A 1 38  ? -11.091 10.826  2.902   1.00 23.69 ? 38  ARG A NH1 1 
ATOM   306  N  NH2 . ARG A 1 38  ? -11.623 10.504  0.687   1.00 24.77 ? 38  ARG A NH2 1 
ATOM   307  N  N   . GLU A 1 39  ? -6.516  10.397  5.252   1.00 22.74 ? 39  GLU A N   1 
ATOM   308  C  CA  . GLU A 1 39  ? -6.330  11.849  5.193   1.00 23.44 ? 39  GLU A CA  1 
ATOM   309  C  C   . GLU A 1 39  ? -4.900  12.234  4.839   1.00 22.65 ? 39  GLU A C   1 
ATOM   310  O  O   . GLU A 1 39  ? -4.685  13.202  4.105   1.00 21.84 ? 39  GLU A O   1 
ATOM   311  C  CB  . GLU A 1 39  ? -6.778  12.539  6.487   1.00 23.86 ? 39  GLU A CB  1 
ATOM   312  C  CG  . GLU A 1 39  ? -7.030  14.052  6.333   1.00 28.08 ? 39  GLU A CG  1 
ATOM   313  C  CD  . GLU A 1 39  ? -8.222  14.391  5.418   1.00 33.38 ? 39  GLU A CD  1 
ATOM   314  O  OE1 . GLU A 1 39  ? -9.161  13.571  5.290   1.00 37.06 ? 39  GLU A OE1 1 
ATOM   315  O  OE2 . GLU A 1 39  ? -8.236  15.500  4.839   1.00 36.06 ? 39  GLU A OE2 1 
ATOM   316  N  N   . PHE A 1 40  ? -3.931  11.468  5.349   1.00 22.29 ? 40  PHE A N   1 
ATOM   317  C  CA  . PHE A 1 40  ? -2.536  11.674  4.981   1.00 21.88 ? 40  PHE A CA  1 
ATOM   318  C  C   . PHE A 1 40  ? -2.337  11.530  3.474   1.00 21.62 ? 40  PHE A C   1 
ATOM   319  O  O   . PHE A 1 40  ? -1.615  12.324  2.850   1.00 21.08 ? 40  PHE A O   1 
ATOM   320  C  CB  . PHE A 1 40  ? -1.591  10.696  5.698   1.00 21.80 ? 40  PHE A CB  1 
ATOM   321  C  CG  . PHE A 1 40  ? -0.192  10.736  5.154   1.00 22.53 ? 40  PHE A CG  1 
ATOM   322  C  CD1 . PHE A 1 40  ? 0.745   11.635  5.672   1.00 23.26 ? 40  PHE A CD1 1 
ATOM   323  C  CD2 . PHE A 1 40  ? 0.179   9.926   4.083   1.00 22.76 ? 40  PHE A CD2 1 
ATOM   324  C  CE1 . PHE A 1 40  ? 2.025   11.705  5.139   1.00 23.05 ? 40  PHE A CE1 1 
ATOM   325  C  CE2 . PHE A 1 40  ? 1.465   9.989   3.554   1.00 21.60 ? 40  PHE A CE2 1 
ATOM   326  C  CZ  . PHE A 1 40  ? 2.388   10.880  4.086   1.00 21.93 ? 40  PHE A CZ  1 
ATOM   327  N  N   . LEU A 1 41  ? -2.950  10.495  2.900   1.00 20.95 ? 41  LEU A N   1 
ATOM   328  C  CA  . LEU A 1 41  ? -2.823  10.259  1.461   1.00 20.65 ? 41  LEU A CA  1 
ATOM   329  C  C   . LEU A 1 41  ? -3.465  11.411  0.679   1.00 20.63 ? 41  LEU A C   1 
ATOM   330  O  O   . LEU A 1 41  ? -2.850  11.946  -0.250  1.00 20.34 ? 41  LEU A O   1 
ATOM   331  C  CB  . LEU A 1 41  ? -3.407  8.898   1.062   1.00 19.97 ? 41  LEU A CB  1 
ATOM   332  C  CG  . LEU A 1 41  ? -2.716  7.638   1.616   1.00 19.54 ? 41  LEU A CG  1 
ATOM   333  C  CD1 . LEU A 1 41  ? -3.511  6.377   1.256   1.00 16.85 ? 41  LEU A CD1 1 
ATOM   334  C  CD2 . LEU A 1 41  ? -1.281  7.521   1.133   1.00 19.21 ? 41  LEU A CD2 1 
ATOM   335  N  N   . VAL A 1 42  ? -4.683  11.795  1.072   1.00 20.92 ? 42  VAL A N   1 
ATOM   336  C  CA  . VAL A 1 42  ? -5.367  12.958  0.499   1.00 21.57 ? 42  VAL A CA  1 
ATOM   337  C  C   . VAL A 1 42  ? -4.433  14.185  0.524   1.00 22.05 ? 42  VAL A C   1 
ATOM   338  O  O   . VAL A 1 42  ? -4.205  14.809  -0.503  1.00 21.69 ? 42  VAL A O   1 
ATOM   339  C  CB  . VAL A 1 42  ? -6.687  13.269  1.250   1.00 21.85 ? 42  VAL A CB  1 
ATOM   340  C  CG1 . VAL A 1 42  ? -7.313  14.614  0.780   1.00 22.00 ? 42  VAL A CG1 1 
ATOM   341  C  CG2 . VAL A 1 42  ? -7.713  12.116  1.091   1.00 22.29 ? 42  VAL A CG2 1 
ATOM   342  N  N   . ASN A 1 43  ? -3.886  14.501  1.704   1.00 22.18 ? 43  ASN A N   1 
ATOM   343  C  CA  . ASN A 1 43  ? -3.008  15.664  1.881   1.00 22.86 ? 43  ASN A CA  1 
ATOM   344  C  C   . ASN A 1 43  ? -1.742  15.588  1.057   1.00 22.87 ? 43  ASN A C   1 
ATOM   345  O  O   . ASN A 1 43  ? -1.344  16.585  0.430   1.00 22.70 ? 43  ASN A O   1 
ATOM   346  C  CB  . ASN A 1 43  ? -2.668  15.862  3.362   1.00 22.75 ? 43  ASN A CB  1 
ATOM   347  C  CG  . ASN A 1 43  ? -3.848  16.363  4.156   1.00 24.08 ? 43  ASN A CG  1 
ATOM   348  O  OD1 . ASN A 1 43  ? -4.731  17.024  3.605   1.00 24.00 ? 43  ASN A OD1 1 
ATOM   349  N  ND2 . ASN A 1 43  ? -3.884  16.042  5.454   1.00 23.14 ? 43  ASN A ND2 1 
ATOM   350  N  N   . SER A 1 44  ? -1.121  14.408  1.055   1.00 22.84 ? 44  SER A N   1 
ATOM   351  C  CA  . SER A 1 44  ? 0.102   14.161  0.302   1.00 23.75 ? 44  SER A CA  1 
ATOM   352  C  C   . SER A 1 44  ? -0.098  14.368  -1.204  1.00 24.71 ? 44  SER A C   1 
ATOM   353  O  O   . SER A 1 44  ? 0.853   14.660  -1.929  1.00 24.41 ? 44  SER A O   1 
ATOM   354  C  CB  . SER A 1 44  ? 0.618   12.742  0.569   1.00 23.75 ? 44  SER A CB  1 
ATOM   355  O  OG  . SER A 1 44  ? -0.027  11.801  -0.285  1.00 23.98 ? 44  SER A OG  1 
ATOM   356  N  N   . GLN A 1 45  ? -1.337  14.207  -1.660  1.00 26.05 ? 45  GLN A N   1 
ATOM   357  C  CA  . GLN A 1 45  ? -1.678  14.357  -3.069  1.00 28.16 ? 45  GLN A CA  1 
ATOM   358  C  C   . GLN A 1 45  ? -2.154  15.776  -3.422  1.00 29.60 ? 45  GLN A C   1 
ATOM   359  O  O   . GLN A 1 45  ? -2.246  16.129  -4.596  1.00 29.73 ? 45  GLN A O   1 
ATOM   360  C  CB  . GLN A 1 45  ? -2.730  13.319  -3.463  1.00 27.79 ? 45  GLN A CB  1 
ATOM   361  C  CG  . GLN A 1 45  ? -2.173  11.902  -3.528  1.00 28.08 ? 45  GLN A CG  1 
ATOM   362  C  CD  . GLN A 1 45  ? -3.245  10.867  -3.788  1.00 27.82 ? 45  GLN A CD  1 
ATOM   363  O  OE1 . GLN A 1 45  ? -4.286  11.176  -4.359  1.00 28.30 ? 45  GLN A OE1 1 
ATOM   364  N  NE2 . GLN A 1 45  ? -2.994  9.632   -3.372  1.00 27.31 ? 45  GLN A NE2 1 
ATOM   365  N  N   . ASP A 1 46  ? -2.474  16.570  -2.402  1.00 30.84 ? 46  ASP A N   1 
ATOM   366  C  CA  . ASP A 1 46  ? -2.806  17.974  -2.603  1.00 32.47 ? 46  ASP A CA  1 
ATOM   367  C  C   . ASP A 1 46  ? -1.493  18.774  -2.682  1.00 33.28 ? 46  ASP A C   1 
ATOM   368  O  O   . ASP A 1 46  ? -0.720  18.821  -1.720  1.00 32.89 ? 46  ASP A O   1 
ATOM   369  C  CB  . ASP A 1 46  ? -3.708  18.472  -1.470  1.00 32.94 ? 46  ASP A CB  1 
ATOM   370  C  CG  . ASP A 1 46  ? -4.175  19.910  -1.676  1.00 34.70 ? 46  ASP A CG  1 
ATOM   371  O  OD1 . ASP A 1 46  ? -3.315  20.817  -1.721  1.00 37.42 ? 46  ASP A OD1 1 
ATOM   372  O  OD2 . ASP A 1 46  ? -5.400  20.129  -1.782  1.00 34.19 ? 46  ASP A OD2 1 
ATOM   373  N  N   . GLU A 1 47  ? -1.238  19.367  -3.844  1.00 34.05 ? 47  GLU A N   1 
ATOM   374  C  CA  . GLU A 1 47  ? 0.018   20.075  -4.119  1.00 35.18 ? 47  GLU A CA  1 
ATOM   375  C  C   . GLU A 1 47  ? 0.382   21.102  -3.036  1.00 34.92 ? 47  GLU A C   1 
ATOM   376  O  O   . GLU A 1 47  ? 1.522   21.142  -2.563  1.00 35.00 ? 47  GLU A O   1 
ATOM   377  C  CB  . GLU A 1 47  ? -0.047  20.754  -5.495  1.00 35.68 ? 47  GLU A CB  1 
ATOM   378  C  CG  . GLU A 1 47  ? 1.289   21.366  -5.937  1.00 39.17 ? 47  GLU A CG  1 
ATOM   379  C  CD  . GLU A 1 47  ? 1.361   21.628  -7.434  1.00 44.09 ? 47  GLU A CD  1 
ATOM   380  O  OE1 . GLU A 1 47  ? 2.223   22.440  -7.854  1.00 45.59 ? 47  GLU A OE1 1 
ATOM   381  O  OE2 . GLU A 1 47  ? 0.568   21.012  -8.189  1.00 46.05 ? 47  GLU A OE2 1 
ATOM   382  N  N   . GLU A 1 48  ? -0.605  21.901  -2.650  1.00 34.65 ? 48  GLU A N   1 
ATOM   383  C  CA  . GLU A 1 48  ? -0.436  22.971  -1.681  1.00 34.93 ? 48  GLU A CA  1 
ATOM   384  C  C   . GLU A 1 48  ? -0.197  22.434  -0.259  1.00 33.94 ? 48  GLU A C   1 
ATOM   385  O  O   . GLU A 1 48  ? 0.757   22.849  0.409   1.00 33.57 ? 48  GLU A O   1 
ATOM   386  C  CB  . GLU A 1 48  ? -1.645  23.919  -1.740  1.00 35.00 ? 48  GLU A CB  1 
ATOM   387  C  CG  . GLU A 1 48  ? -1.846  24.779  -0.497  1.00 38.92 ? 48  GLU A CG  1 
ATOM   388  C  CD  . GLU A 1 48  ? -2.725  26.013  -0.735  1.00 43.16 ? 48  GLU A CD  1 
ATOM   389  O  OE1 . GLU A 1 48  ? -3.363  26.123  -1.811  1.00 44.51 ? 48  GLU A OE1 1 
ATOM   390  O  OE2 . GLU A 1 48  ? -2.770  26.874  0.172   1.00 44.99 ? 48  GLU A OE2 1 
ATOM   391  N  N   . ILE A 1 49  ? -1.048  21.509  0.190   1.00 32.92 ? 49  ILE A N   1 
ATOM   392  C  CA  . ILE A 1 49  ? -0.884  20.893  1.509   1.00 32.22 ? 49  ILE A CA  1 
ATOM   393  C  C   . ILE A 1 49  ? 0.436   20.113  1.623   1.00 31.81 ? 49  ILE A C   1 
ATOM   394  O  O   . ILE A 1 49  ? 1.141   20.229  2.626   1.00 31.46 ? 49  ILE A O   1 
ATOM   395  C  CB  . ILE A 1 49  ? -2.115  20.043  1.925   1.00 31.96 ? 49  ILE A CB  1 
ATOM   396  C  CG1 . ILE A 1 49  ? -3.364  20.937  1.995   1.00 32.61 ? 49  ILE A CG1 1 
ATOM   397  C  CG2 . ILE A 1 49  ? -1.867  19.353  3.272   1.00 31.68 ? 49  ILE A CG2 1 
ATOM   398  C  CD1 . ILE A 1 49  ? -4.708  20.187  1.956   1.00 32.20 ? 49  ILE A CD1 1 
ATOM   399  N  N   . ALA A 1 50  ? 0.779   19.346  0.590   1.00 31.38 ? 50  ALA A N   1 
ATOM   400  C  CA  . ALA A 1 50  ? 2.005   18.547  0.593   1.00 31.74 ? 50  ALA A CA  1 
ATOM   401  C  C   . ALA A 1 50  ? 3.256   19.418  0.688   1.00 32.20 ? 50  ALA A C   1 
ATOM   402  O  O   . ALA A 1 50  ? 4.215   19.054  1.376   1.00 31.72 ? 50  ALA A O   1 
ATOM   403  C  CB  . ALA A 1 50  ? 2.081   17.653  -0.649  1.00 31.21 ? 50  ALA A CB  1 
ATOM   404  N  N   . LYS A 1 51  ? 3.247   20.543  -0.027  1.00 32.67 ? 51  LYS A N   1 
ATOM   405  C  CA  . LYS A 1 51  ? 4.365   21.484  -0.002  1.00 33.63 ? 51  LYS A CA  1 
ATOM   406  C  C   . LYS A 1 51  ? 4.493   22.124  1.376   1.00 33.34 ? 51  LYS A C   1 
ATOM   407  O  O   . LYS A 1 51  ? 5.601   22.256  1.897   1.00 33.55 ? 51  LYS A O   1 
ATOM   408  C  CB  . LYS A 1 51  ? 4.193   22.573  -1.071  1.00 34.21 ? 51  LYS A CB  1 
ATOM   409  C  CG  . LYS A 1 51  ? 5.490   23.317  -1.416  1.00 36.85 ? 51  LYS A CG  1 
ATOM   410  C  CD  . LYS A 1 51  ? 5.265   24.344  -2.531  1.00 41.66 ? 51  LYS A CD  1 
ATOM   411  C  CE  . LYS A 1 51  ? 6.532   24.567  -3.363  1.00 43.83 ? 51  LYS A CE  1 
ATOM   412  N  NZ  . LYS A 1 51  ? 7.672   25.094  -2.550  1.00 46.51 ? 51  LYS A NZ  1 
ATOM   413  N  N   . ARG A 1 52  ? 3.353   22.509  1.949   1.00 33.12 ? 52  ARG A N   1 
ATOM   414  C  CA  . ARG A 1 52  ? 3.299   23.194  3.233   1.00 33.48 ? 52  ARG A CA  1 
ATOM   415  C  C   . ARG A 1 52  ? 3.755   22.307  4.406   1.00 33.12 ? 52  ARG A C   1 
ATOM   416  O  O   . ARG A 1 52  ? 4.413   22.795  5.329   1.00 32.88 ? 52  ARG A O   1 
ATOM   417  C  CB  . ARG A 1 52  ? 1.895   23.757  3.486   1.00 33.64 ? 52  ARG A CB  1 
ATOM   418  C  CG  . ARG A 1 52  ? 1.778   24.583  4.766   1.00 36.09 ? 52  ARG A CG  1 
ATOM   419  C  CD  . ARG A 1 52  ? 0.337   24.878  5.153   1.00 39.22 ? 52  ARG A CD  1 
ATOM   420  N  NE  . ARG A 1 52  ? -0.272  25.891  4.300   1.00 43.78 ? 52  ARG A NE  1 
ATOM   421  C  CZ  . ARG A 1 52  ? -1.289  25.669  3.467   1.00 46.24 ? 52  ARG A CZ  1 
ATOM   422  N  NH1 . ARG A 1 52  ? -1.835  24.458  3.369   1.00 47.39 ? 52  ARG A NH1 1 
ATOM   423  N  NH2 . ARG A 1 52  ? -1.771  26.666  2.733   1.00 46.95 ? 52  ARG A NH2 1 
ATOM   424  N  N   . TYR A 1 53  ? 3.413   21.017  4.364   1.00 32.40 ? 53  TYR A N   1 
ATOM   425  C  CA  . TYR A 1 53  ? 3.816   20.080  5.425   1.00 31.75 ? 53  TYR A CA  1 
ATOM   426  C  C   . TYR A 1 53  ? 4.905   19.108  5.003   1.00 31.07 ? 53  TYR A C   1 
ATOM   427  O  O   . TYR A 1 53  ? 5.163   18.124  5.697   1.00 31.34 ? 53  TYR A O   1 
ATOM   428  C  CB  . TYR A 1 53  ? 2.603   19.343  6.000   1.00 32.10 ? 53  TYR A CB  1 
ATOM   429  C  CG  . TYR A 1 53  ? 1.605   20.279  6.634   1.00 32.73 ? 53  TYR A CG  1 
ATOM   430  C  CD1 . TYR A 1 53  ? 1.750   20.690  7.965   1.00 33.99 ? 53  TYR A CD1 1 
ATOM   431  C  CD2 . TYR A 1 53  ? 0.534   20.782  5.902   1.00 33.70 ? 53  TYR A CD2 1 
ATOM   432  C  CE1 . TYR A 1 53  ? 0.843   21.570  8.549   1.00 34.49 ? 53  TYR A CE1 1 
ATOM   433  C  CE2 . TYR A 1 53  ? -0.380  21.663  6.477   1.00 34.81 ? 53  TYR A CE2 1 
ATOM   434  C  CZ  . TYR A 1 53  ? -0.216  22.052  7.803   1.00 35.42 ? 53  TYR A CZ  1 
ATOM   435  O  OH  . TYR A 1 53  ? -1.120  22.920  8.381   1.00 36.09 ? 53  TYR A OH  1 
ATOM   436  N  N   . GLY A 1 54  ? 5.566   19.397  3.885   1.00 30.50 ? 54  GLY A N   1 
ATOM   437  C  CA  . GLY A 1 54  ? 6.673   18.564  3.407   1.00 30.07 ? 54  GLY A CA  1 
ATOM   438  C  C   . GLY A 1 54  ? 6.280   17.109  3.208   1.00 30.08 ? 54  GLY A C   1 
ATOM   439  O  O   . GLY A 1 54  ? 7.051   16.197  3.531   1.00 29.70 ? 54  GLY A O   1 
ATOM   440  N  N   . LEU A 1 55  ? 5.073   16.888  2.684   1.00 29.68 ? 55  LEU A N   1 
ATOM   441  C  CA  . LEU A 1 55  ? 4.580   15.530  2.466   1.00 29.50 ? 55  LEU A CA  1 
ATOM   442  C  C   . LEU A 1 55  ? 5.092   14.952  1.164   1.00 29.76 ? 55  LEU A C   1 
ATOM   443  O  O   . LEU A 1 55  ? 5.132   15.621  0.130   1.00 30.02 ? 55  LEU A O   1 
ATOM   444  C  CB  . LEU A 1 55  ? 3.049   15.455  2.525   1.00 29.27 ? 55  LEU A CB  1 
ATOM   445  C  CG  . LEU A 1 55  ? 2.359   16.052  3.755   1.00 29.42 ? 55  LEU A CG  1 
ATOM   446  C  CD1 . LEU A 1 55  ? 0.850   15.951  3.641   1.00 28.04 ? 55  LEU A CD1 1 
ATOM   447  C  CD2 . LEU A 1 55  ? 2.868   15.433  5.079   1.00 28.07 ? 55  LEU A CD2 1 
ATOM   448  N  N   . ARG A 1 56  ? 5.520   13.702  1.236   1.00 29.99 ? 56  ARG A N   1 
ATOM   449  C  CA  . ARG A 1 56  ? 5.853   12.934  0.058   1.00 29.91 ? 56  ARG A CA  1 
ATOM   450  C  C   . ARG A 1 56  ? 4.531   12.308  -0.412  1.00 29.42 ? 56  ARG A C   1 
ATOM   451  O  O   . ARG A 1 56  ? 3.792   11.740  0.401   1.00 29.04 ? 56  ARG A O   1 
ATOM   452  C  CB  . ARG A 1 56  ? 6.881   11.879  0.451   1.00 30.50 ? 56  ARG A CB  1 
ATOM   453  C  CG  . ARG A 1 56  ? 7.350   10.992  -0.658  1.00 32.46 ? 56  ARG A CG  1 
ATOM   454  C  CD  . ARG A 1 56  ? 8.455   10.079  -0.158  1.00 35.58 ? 56  ARG A CD  1 
ATOM   455  N  NE  . ARG A 1 56  ? 8.762   9.063   -1.160  1.00 38.31 ? 56  ARG A NE  1 
ATOM   456  C  CZ  . ARG A 1 56  ? 9.585   8.040   -0.974  1.00 38.77 ? 56  ARG A CZ  1 
ATOM   457  N  NH1 . ARG A 1 56  ? 10.209  7.871   0.191   1.00 37.93 ? 56  ARG A NH1 1 
ATOM   458  N  NH2 . ARG A 1 56  ? 9.781   7.182   -1.964  1.00 39.17 ? 56  ARG A NH2 1 
ATOM   459  N  N   . SER A 1 57  ? 4.209   12.451  -1.698  1.00 28.46 ? 57  SER A N   1 
ATOM   460  C  CA  . SER A 1 57  ? 2.919   11.977  -2.205  1.00 28.51 ? 57  SER A CA  1 
ATOM   461  C  C   . SER A 1 57  ? 2.825   10.450  -2.201  1.00 27.21 ? 57  SER A C   1 
ATOM   462  O  O   . SER A 1 57  ? 3.745   9.751   -2.619  1.00 27.27 ? 57  SER A O   1 
ATOM   463  C  CB  . SER A 1 57  ? 2.632   12.519  -3.602  1.00 28.65 ? 57  SER A CB  1 
ATOM   464  O  OG  . SER A 1 57  ? 3.500   11.908  -4.529  1.00 31.83 ? 57  SER A OG  1 
ATOM   465  N  N   . GLY A 1 58  ? 1.711   9.945   -1.698  1.00 25.99 ? 58  GLY A N   1 
ATOM   466  C  CA  . GLY A 1 58  ? 1.502   8.513   -1.645  1.00 24.52 ? 58  GLY A CA  1 
ATOM   467  C  C   . GLY A 1 58  ? 0.111   8.126   -2.104  1.00 23.35 ? 58  GLY A C   1 
ATOM   468  O  O   . GLY A 1 58  ? -0.824  8.933   -2.035  1.00 22.53 ? 58  GLY A O   1 
ATOM   469  N  N   . VAL A 1 59  ? -0.008  6.883   -2.572  1.00 22.12 ? 59  VAL A N   1 
ATOM   470  C  CA  . VAL A 1 59  ? -1.288  6.303   -2.947  1.00 21.60 ? 59  VAL A CA  1 
ATOM   471  C  C   . VAL A 1 59  ? -1.718  5.190   -1.983  1.00 21.92 ? 59  VAL A C   1 
ATOM   472  O  O   . VAL A 1 59  ? -2.851  4.709   -2.045  1.00 21.99 ? 59  VAL A O   1 
ATOM   473  C  CB  . VAL A 1 59  ? -1.269  5.783   -4.414  1.00 21.70 ? 59  VAL A CB  1 
ATOM   474  C  CG1 . VAL A 1 59  ? -1.038  6.956   -5.388  1.00 20.18 ? 59  VAL A CG1 1 
ATOM   475  C  CG2 . VAL A 1 59  ? -0.198  4.673   -4.607  1.00 20.42 ? 59  VAL A CG2 1 
ATOM   476  N  N   . GLY A 1 60  ? -0.810  4.793   -1.096  1.00 21.79 ? 60  GLY A N   1 
ATOM   477  C  CA  . GLY A 1 60  ? -1.077  3.728   -0.130  1.00 21.47 ? 60  GLY A CA  1 
ATOM   478  C  C   . GLY A 1 60  ? -0.370  3.962   1.201   1.00 21.18 ? 60  GLY A C   1 
ATOM   479  O  O   . GLY A 1 60  ? 0.737   4.525   1.248   1.00 21.22 ? 60  GLY A O   1 
ATOM   480  N  N   . LEU A 1 61  ? -1.012  3.541   2.286   1.00 20.38 ? 61  LEU A N   1 
ATOM   481  C  CA  . LEU A 1 61  ? -0.398  3.607   3.612   1.00 20.26 ? 61  LEU A CA  1 
ATOM   482  C  C   . LEU A 1 61  ? -0.929  2.472   4.455   1.00 20.10 ? 61  LEU A C   1 
ATOM   483  O  O   . LEU A 1 61  ? -2.138  2.228   4.476   1.00 20.14 ? 61  LEU A O   1 
ATOM   484  C  CB  . LEU A 1 61  ? -0.662  4.959   4.307   1.00 19.83 ? 61  LEU A CB  1 
ATOM   485  C  CG  . LEU A 1 61  ? 0.042   5.251   5.649   1.00 19.79 ? 61  LEU A CG  1 
ATOM   486  C  CD1 . LEU A 1 61  ? 1.587   5.289   5.500   1.00 18.63 ? 61  LEU A CD1 1 
ATOM   487  C  CD2 . LEU A 1 61  ? -0.460  6.578   6.223   1.00 19.46 ? 61  LEU A CD2 1 
ATOM   488  N  N   . ALA A 1 62  ? -0.015  1.789   5.142   1.00 19.59 ? 62  ALA A N   1 
ATOM   489  C  CA  . ALA A 1 62  ? -0.362  0.697   6.048   1.00 19.62 ? 62  ALA A CA  1 
ATOM   490  C  C   . ALA A 1 62  ? -0.065  1.106   7.497   1.00 20.05 ? 62  ALA A C   1 
ATOM   491  O  O   . ALA A 1 62  ? 0.929   1.783   7.769   1.00 19.99 ? 62  ALA A O   1 
ATOM   492  C  CB  . ALA A 1 62  ? 0.415   -0.543  5.682   1.00 18.92 ? 62  ALA A CB  1 
ATOM   493  N  N   . ALA A 1 63  ? -0.910  0.668   8.424   1.00 20.58 ? 63  ALA A N   1 
ATOM   494  C  CA  . ALA A 1 63  ? -0.773  1.052   9.829   1.00 21.95 ? 63  ALA A CA  1 
ATOM   495  C  C   . ALA A 1 63  ? 0.639   0.826   10.414  1.00 22.64 ? 63  ALA A C   1 
ATOM   496  O  O   . ALA A 1 63  ? 1.128   1.673   11.163  1.00 23.31 ? 63  ALA A O   1 
ATOM   497  C  CB  . ALA A 1 63  ? -1.844  0.371   10.681  1.00 21.86 ? 63  ALA A CB  1 
ATOM   498  N  N   . PRO A 1 64  ? 1.311   -0.302  10.064  1.00 22.92 ? 64  PRO A N   1 
ATOM   499  C  CA  . PRO A 1 64  ? 2.667   -0.488  10.583  1.00 22.92 ? 64  PRO A CA  1 
ATOM   500  C  C   . PRO A 1 64  ? 3.616   0.661   10.260  1.00 23.33 ? 64  PRO A C   1 
ATOM   501  O  O   . PRO A 1 64  ? 4.561   0.898   11.016  1.00 23.15 ? 64  PRO A O   1 
ATOM   502  C  CB  . PRO A 1 64  ? 3.133   -1.777  9.897   1.00 22.68 ? 64  PRO A CB  1 
ATOM   503  C  CG  . PRO A 1 64  ? 1.867   -2.560  9.711   1.00 22.65 ? 64  PRO A CG  1 
ATOM   504  C  CD  . PRO A 1 64  ? 0.832   -1.511  9.358   1.00 22.68 ? 64  PRO A CD  1 
ATOM   505  N  N   . GLN A 1 65  ? 3.370   1.360   9.151   1.00 23.12 ? 65  GLN A N   1 
ATOM   506  C  CA  . GLN A 1 65  ? 4.233   2.458   8.735   1.00 22.82 ? 65  GLN A CA  1 
ATOM   507  C  C   . GLN A 1 65  ? 4.110   3.684   9.653   1.00 22.86 ? 65  GLN A C   1 
ATOM   508  O  O   . GLN A 1 65  ? 4.958   4.578   9.611   1.00 22.44 ? 65  GLN A O   1 
ATOM   509  C  CB  . GLN A 1 65  ? 3.930   2.871   7.298   1.00 22.85 ? 65  GLN A CB  1 
ATOM   510  C  CG  . GLN A 1 65  ? 4.438   1.913   6.254   1.00 22.49 ? 65  GLN A CG  1 
ATOM   511  C  CD  . GLN A 1 65  ? 4.057   2.380   4.866   1.00 22.79 ? 65  GLN A CD  1 
ATOM   512  O  OE1 . GLN A 1 65  ? 2.901   2.263   4.463   1.00 21.91 ? 65  GLN A OE1 1 
ATOM   513  N  NE2 . GLN A 1 65  ? 5.027   2.943   4.137   1.00 20.87 ? 65  GLN A NE2 1 
ATOM   514  N  N   . ILE A 1 66  ? 3.049   3.728   10.454  1.00 22.28 ? 66  ILE A N   1 
ATOM   515  C  CA  . ILE A 1 66  ? 2.925   4.744   11.509  1.00 22.68 ? 66  ILE A CA  1 
ATOM   516  C  C   . ILE A 1 66  ? 3.107   4.106   12.876  1.00 22.88 ? 66  ILE A C   1 
ATOM   517  O  O   . ILE A 1 66  ? 2.616   4.618   13.884  1.00 23.48 ? 66  ILE A O   1 
ATOM   518  C  CB  . ILE A 1 66  ? 1.628   5.601   11.403  1.00 21.72 ? 66  ILE A CB  1 
ATOM   519  C  CG1 . ILE A 1 66  ? 0.372   4.724   11.362  1.00 22.16 ? 66  ILE A CG1 1 
ATOM   520  C  CG2 . ILE A 1 66  ? 1.706   6.506   10.170  1.00 22.51 ? 66  ILE A CG2 1 
ATOM   521  C  CD1 . ILE A 1 66  ? -0.950  5.506   11.478  1.00 21.44 ? 66  ILE A CD1 1 
ATOM   522  N  N   . ASN A 1 67  ? 3.828   2.980   12.876  1.00 23.56 ? 67  ASN A N   1 
ATOM   523  C  CA  . ASN A 1 67  ? 4.193   2.228   14.079  1.00 24.65 ? 67  ASN A CA  1 
ATOM   524  C  C   . ASN A 1 67  ? 2.985   1.676   14.835  1.00 24.92 ? 67  ASN A C   1 
ATOM   525  O  O   . ASN A 1 67  ? 2.962   1.648   16.072  1.00 25.38 ? 67  ASN A O   1 
ATOM   526  C  CB  . ASN A 1 67  ? 5.082   3.089   15.001  1.00 24.82 ? 67  ASN A CB  1 
ATOM   527  C  CG  . ASN A 1 67  ? 5.808   2.275   16.051  1.00 26.11 ? 67  ASN A CG  1 
ATOM   528  O  OD1 . ASN A 1 67  ? 6.121   1.101   15.847  1.00 26.70 ? 67  ASN A OD1 1 
ATOM   529  N  ND2 . ASN A 1 67  ? 6.076   2.900   17.198  1.00 26.64 ? 67  ASN A ND2 1 
ATOM   530  N  N   . ILE A 1 68  ? 1.967   1.264   14.085  1.00 24.80 ? 68  ILE A N   1 
ATOM   531  C  CA  . ILE A 1 68  ? 0.772   0.672   14.669  1.00 24.62 ? 68  ILE A CA  1 
ATOM   532  C  C   . ILE A 1 68  ? 0.630   -0.712  14.043  1.00 24.61 ? 68  ILE A C   1 
ATOM   533  O  O   . ILE A 1 68  ? 0.291   -0.845  12.855  1.00 24.48 ? 68  ILE A O   1 
ATOM   534  C  CB  . ILE A 1 68  ? -0.472  1.559   14.437  1.00 24.43 ? 68  ILE A CB  1 
ATOM   535  C  CG1 . ILE A 1 68  ? -0.353  2.853   15.260  1.00 24.95 ? 68  ILE A CG1 1 
ATOM   536  C  CG2 . ILE A 1 68  ? -1.750  0.812   14.809  1.00 24.49 ? 68  ILE A CG2 1 
ATOM   537  C  CD1 . ILE A 1 68  ? -1.472  3.882   15.034  1.00 24.60 ? 68  ILE A CD1 1 
ATOM   538  N  N   . SER A 1 69  ? 0.927   -1.740  14.829  1.00 23.90 ? 69  SER A N   1 
ATOM   539  C  CA  . SER A 1 69  ? 1.056   -3.081  14.268  1.00 24.13 ? 69  SER A CA  1 
ATOM   540  C  C   . SER A 1 69  ? -0.318  -3.739  14.149  1.00 23.64 ? 69  SER A C   1 
ATOM   541  O  O   . SER A 1 69  ? -0.603  -4.746  14.801  1.00 23.90 ? 69  SER A O   1 
ATOM   542  C  CB  . SER A 1 69  ? 2.025   -3.934  15.094  1.00 24.25 ? 69  SER A CB  1 
ATOM   543  O  OG  . SER A 1 69  ? 2.505   -5.017  14.313  1.00 25.42 ? 69  SER A OG  1 
ATOM   544  N  N   . LYS A 1 70  ? -1.165  -3.140  13.313  1.00 22.90 ? 70  LYS A N   1 
ATOM   545  C  CA  . LYS A 1 70  ? -2.541  -3.582  13.132  1.00 22.02 ? 70  LYS A CA  1 
ATOM   546  C  C   . LYS A 1 70  ? -2.833  -3.695  11.643  1.00 21.51 ? 70  LYS A C   1 
ATOM   547  O  O   . LYS A 1 70  ? -2.244  -2.976  10.825  1.00 21.04 ? 70  LYS A O   1 
ATOM   548  C  CB  . LYS A 1 70  ? -3.523  -2.618  13.809  1.00 21.93 ? 70  LYS A CB  1 
ATOM   549  C  CG  . LYS A 1 70  ? -3.362  -2.533  15.318  1.00 23.22 ? 70  LYS A CG  1 
ATOM   550  C  CD  . LYS A 1 70  ? -4.436  -1.662  15.963  1.00 24.89 ? 70  LYS A CD  1 
ATOM   551  C  CE  . LYS A 1 70  ? -4.154  -1.491  17.467  1.00 25.02 ? 70  LYS A CE  1 
ATOM   552  N  NZ  . LYS A 1 70  ? -5.179  -0.618  18.085  1.00 26.41 ? 70  LYS A NZ  1 
ATOM   553  N  N   . ARG A 1 71  ? -3.738  -4.600  11.292  1.00 20.65 ? 71  ARG A N   1 
ATOM   554  C  CA  . ARG A 1 71  ? -3.961  -4.920  9.884   1.00 20.69 ? 71  ARG A CA  1 
ATOM   555  C  C   . ARG A 1 71  ? -4.982  -3.973  9.269   1.00 20.09 ? 71  ARG A C   1 
ATOM   556  O  O   . ARG A 1 71  ? -6.121  -4.348  8.995   1.00 20.18 ? 71  ARG A O   1 
ATOM   557  C  CB  . ARG A 1 71  ? -4.347  -6.393  9.710   1.00 20.34 ? 71  ARG A CB  1 
ATOM   558  C  CG  . ARG A 1 71  ? -3.247  -7.342  10.189  1.00 21.48 ? 71  ARG A CG  1 
ATOM   559  C  CD  . ARG A 1 71  ? -3.605  -8.810  9.951   1.00 21.68 ? 71  ARG A CD  1 
ATOM   560  N  NE  . ARG A 1 71  ? -3.213  -9.259  8.613   1.00 23.68 ? 71  ARG A NE  1 
ATOM   561  C  CZ  . ARG A 1 71  ? -1.966  -9.568  8.250   1.00 23.53 ? 71  ARG A CZ  1 
ATOM   562  N  NH1 . ARG A 1 71  ? -0.963  -9.480  9.118   1.00 23.77 ? 71  ARG A NH1 1 
ATOM   563  N  NH2 . ARG A 1 71  ? -1.721  -9.974  7.013   1.00 22.91 ? 71  ARG A NH2 1 
ATOM   564  N  N   . MET A 1 72  ? -4.565  -2.722  9.112   1.00 19.94 ? 72  MET A N   1 
ATOM   565  C  CA  . MET A 1 72  ? -5.368  -1.702  8.448   1.00 20.16 ? 72  MET A CA  1 
ATOM   566  C  C   . MET A 1 72  ? -4.499  -1.017  7.427   1.00 19.42 ? 72  MET A C   1 
ATOM   567  O  O   . MET A 1 72  ? -3.333  -0.734  7.681   1.00 19.21 ? 72  MET A O   1 
ATOM   568  C  CB  . MET A 1 72  ? -5.894  -0.635  9.409   1.00 20.49 ? 72  MET A CB  1 
ATOM   569  C  CG  . MET A 1 72  ? -6.356  -1.136  10.738  1.00 23.77 ? 72  MET A CG  1 
ATOM   570  S  SD  . MET A 1 72  ? -7.131  0.162   11.690  1.00 26.81 ? 72  MET A SD  1 
ATOM   571  C  CE  . MET A 1 72  ? -5.708  0.987   12.410  1.00 25.23 ? 72  MET A CE  1 
ATOM   572  N  N   . ILE A 1 73  ? -5.101  -0.732  6.281   1.00 19.67 ? 73  ILE A N   1 
ATOM   573  C  CA  . ILE A 1 73  ? -4.451  -0.034  5.191   1.00 19.21 ? 73  ILE A CA  1 
ATOM   574  C  C   . ILE A 1 73  ? -5.407  1.018   4.628   1.00 19.58 ? 73  ILE A C   1 
ATOM   575  O  O   . ILE A 1 73  ? -6.636  0.909   4.754   1.00 19.75 ? 73  ILE A O   1 
ATOM   576  C  CB  . ILE A 1 73  ? -4.004  -1.012  4.064   1.00 19.31 ? 73  ILE A CB  1 
ATOM   577  C  CG1 . ILE A 1 73  ? -5.210  -1.762  3.473   1.00 18.26 ? 73  ILE A CG1 1 
ATOM   578  C  CG2 . ILE A 1 73  ? -2.944  -2.000  4.584   1.00 19.17 ? 73  ILE A CG2 1 
ATOM   579  C  CD1 . ILE A 1 73  ? -4.896  -2.554  2.190   1.00 17.35 ? 73  ILE A CD1 1 
ATOM   580  N  N   . ALA A 1 74  ? -4.832  2.042   4.013   1.00 19.38 ? 74  ALA A N   1 
ATOM   581  C  CA  . ALA A 1 74  ? -5.604  3.004   3.258   1.00 19.52 ? 74  ALA A CA  1 
ATOM   582  C  C   . ALA A 1 74  ? -4.994  3.086   1.876   1.00 19.35 ? 74  ALA A C   1 
ATOM   583  O  O   . ALA A 1 74  ? -3.774  3.053   1.720   1.00 18.95 ? 74  ALA A O   1 
ATOM   584  C  CB  . ALA A 1 74  ? -5.606  4.382   3.954   1.00 19.32 ? 74  ALA A CB  1 
ATOM   585  N  N   . VAL A 1 75  ? -5.851  3.143   0.866   1.00 19.96 ? 75  VAL A N   1 
ATOM   586  C  CA  . VAL A 1 75  ? -5.395  3.283   -0.512  1.00 20.24 ? 75  VAL A CA  1 
ATOM   587  C  C   . VAL A 1 75  ? -6.189  4.403   -1.169  1.00 20.58 ? 75  VAL A C   1 
ATOM   588  O  O   . VAL A 1 75  ? -7.414  4.458   -1.045  1.00 20.27 ? 75  VAL A O   1 
ATOM   589  C  CB  . VAL A 1 75  ? -5.554  1.967   -1.322  1.00 20.39 ? 75  VAL A CB  1 
ATOM   590  C  CG1 . VAL A 1 75  ? -5.217  2.188   -2.804  1.00 19.35 ? 75  VAL A CG1 1 
ATOM   591  C  CG2 . VAL A 1 75  ? -4.677  0.867   -0.738  1.00 19.81 ? 75  VAL A CG2 1 
ATOM   592  N  N   . LEU A 1 76  ? -5.475  5.296   -1.843  1.00 21.11 ? 76  LEU A N   1 
ATOM   593  C  CA  . LEU A 1 76  ? -6.093  6.424   -2.521  1.00 22.20 ? 76  LEU A CA  1 
ATOM   594  C  C   . LEU A 1 76  ? -5.377  6.634   -3.845  1.00 22.89 ? 76  LEU A C   1 
ATOM   595  O  O   . LEU A 1 76  ? -4.321  7.276   -3.916  1.00 23.03 ? 76  LEU A O   1 
ATOM   596  C  CB  . LEU A 1 76  ? -6.025  7.691   -1.660  1.00 22.41 ? 76  LEU A CB  1 
ATOM   597  C  CG  . LEU A 1 76  ? -6.708  8.934   -2.259  1.00 22.42 ? 76  LEU A CG  1 
ATOM   598  C  CD1 . LEU A 1 76  ? -8.207  8.814   -2.210  1.00 23.45 ? 76  LEU A CD1 1 
ATOM   599  C  CD2 . LEU A 1 76  ? -6.282  10.170  -1.512  1.00 22.06 ? 76  LEU A CD2 1 
ATOM   600  N  N   . ILE A 1 77  ? -5.943  6.050   -4.890  1.00 23.62 ? 77  ILE A N   1 
ATOM   601  C  CA  . ILE A 1 77  ? -5.381  6.161   -6.216  1.00 24.66 ? 77  ILE A CA  1 
ATOM   602  C  C   . ILE A 1 77  ? -6.326  7.049   -7.006  1.00 26.02 ? 77  ILE A C   1 
ATOM   603  O  O   . ILE A 1 77  ? -7.480  6.684   -7.215  1.00 26.08 ? 77  ILE A O   1 
ATOM   604  C  CB  . ILE A 1 77  ? -5.245  4.788   -6.920  1.00 24.42 ? 77  ILE A CB  1 
ATOM   605  C  CG1 . ILE A 1 77  ? -4.378  3.841   -6.087  1.00 23.44 ? 77  ILE A CG1 1 
ATOM   606  C  CG2 . ILE A 1 77  ? -4.696  4.967   -8.364  1.00 23.49 ? 77  ILE A CG2 1 
ATOM   607  C  CD1 . ILE A 1 77  ? -4.556  2.371   -6.411  1.00 22.06 ? 77  ILE A CD1 1 
ATOM   608  N  N   . PRO A 1 78  ? -5.842  8.225   -7.434  1.00 27.68 ? 78  PRO A N   1 
ATOM   609  C  CA  . PRO A 1 78  ? -6.691  9.132   -8.207  1.00 29.08 ? 78  PRO A CA  1 
ATOM   610  C  C   . PRO A 1 78  ? -6.995  8.589   -9.612  1.00 30.27 ? 78  PRO A C   1 
ATOM   611  O  O   . PRO A 1 78  ? -6.320  7.679   -10.096 1.00 29.58 ? 78  PRO A O   1 
ATOM   612  C  CB  . PRO A 1 78  ? -5.842  10.406  -8.300  1.00 28.94 ? 78  PRO A CB  1 
ATOM   613  C  CG  . PRO A 1 78  ? -4.422  9.918   -8.198  1.00 28.74 ? 78  PRO A CG  1 
ATOM   614  C  CD  . PRO A 1 78  ? -4.491  8.779   -7.213  1.00 27.85 ? 78  PRO A CD  1 
ATOM   615  N  N   . ASP A 1 79  ? -8.017  9.161   -10.231 1.00 32.53 ? 79  ASP A N   1 
ATOM   616  C  CA  . ASP A 1 79  ? -8.392  8.899   -11.614 1.00 35.07 ? 79  ASP A CA  1 
ATOM   617  C  C   . ASP A 1 79  ? -7.231  9.193   -12.579 1.00 37.11 ? 79  ASP A C   1 
ATOM   618  O  O   . ASP A 1 79  ? -6.653  10.279  -12.541 1.00 37.66 ? 79  ASP A O   1 
ATOM   619  C  CB  . ASP A 1 79  ? -9.603  9.785   -11.942 1.00 34.98 ? 79  ASP A CB  1 
ATOM   620  C  CG  . ASP A 1 79  ? -10.322 9.375   -13.217 1.00 34.48 ? 79  ASP A CG  1 
ATOM   621  O  OD1 . ASP A 1 79  ? -9.799  8.575   -14.012 1.00 33.25 ? 79  ASP A OD1 1 
ATOM   622  O  OD2 . ASP A 1 79  ? -11.434 9.874   -13.423 1.00 36.78 ? 79  ASP A OD2 1 
ATOM   623  N  N   . ASP A 1 80  ? -6.906  8.228   -13.443 1.00 39.74 ? 80  ASP A N   1 
ATOM   624  C  CA  . ASP A 1 80  ? -5.781  8.363   -14.403 1.00 42.00 ? 80  ASP A CA  1 
ATOM   625  C  C   . ASP A 1 80  ? -5.890  9.237   -15.696 1.00 42.57 ? 80  ASP A C   1 
ATOM   626  O  O   . ASP A 1 80  ? -4.917  9.927   -16.017 1.00 43.73 ? 80  ASP A O   1 
ATOM   627  C  CB  . ASP A 1 80  ? -5.139  6.994   -14.737 1.00 42.59 ? 80  ASP A CB  1 
ATOM   628  C  CG  . ASP A 1 80  ? -6.154  5.867   -14.881 1.00 44.72 ? 80  ASP A CG  1 
ATOM   629  O  OD1 . ASP A 1 80  ? -5.774  4.697   -14.649 1.00 46.92 ? 80  ASP A OD1 1 
ATOM   630  O  OD2 . ASP A 1 80  ? -7.325  6.125   -15.225 1.00 47.65 ? 80  ASP A OD2 1 
ATOM   631  N  N   . GLY A 1 81  ? -7.004  9.270   -16.433 1.00 42.85 ? 81  GLY A N   1 
ATOM   632  C  CA  . GLY A 1 81  ? -8.287  8.739   -16.047 1.00 42.53 ? 81  GLY A CA  1 
ATOM   633  C  C   . GLY A 1 81  ? -9.077  7.971   -17.092 1.00 42.25 ? 81  GLY A C   1 
ATOM   634  O  O   . GLY A 1 81  ? -9.610  8.534   -18.055 1.00 42.34 ? 81  GLY A O   1 
ATOM   635  N  N   . SER A 1 82  ? -9.150  6.664   -16.866 1.00 41.35 ? 82  SER A N   1 
ATOM   636  C  CA  . SER A 1 82  ? -10.151 5.798   -17.461 1.00 40.36 ? 82  SER A CA  1 
ATOM   637  C  C   . SER A 1 82  ? -11.472 5.994   -16.735 1.00 39.08 ? 82  SER A C   1 
ATOM   638  O  O   . SER A 1 82  ? -12.460 5.338   -17.050 1.00 39.70 ? 82  SER A O   1 
ATOM   639  C  CB  . SER A 1 82  ? -9.714  4.341   -17.306 1.00 40.54 ? 82  SER A CB  1 
ATOM   640  O  OG  . SER A 1 82  ? -9.402  4.068   -15.944 1.00 41.78 ? 82  SER A OG  1 
ATOM   641  N  N   . GLY A 1 83  ? -11.489 6.892   -15.754 1.00 37.60 ? 83  GLY A N   1 
ATOM   642  C  CA  . GLY A 1 83  ? -12.640 7.041   -14.864 1.00 35.75 ? 83  GLY A CA  1 
ATOM   643  C  C   . GLY A 1 83  ? -12.596 6.116   -13.650 1.00 34.50 ? 83  GLY A C   1 
ATOM   644  O  O   . GLY A 1 83  ? -13.502 6.139   -12.816 1.00 34.71 ? 83  GLY A O   1 
ATOM   645  N  N   . LYS A 1 84  ? -11.546 5.307   -13.556 1.00 32.81 ? 84  LYS A N   1 
ATOM   646  C  CA  . LYS A 1 84  ? -11.339 4.399   -12.430 1.00 31.69 ? 84  LYS A CA  1 
ATOM   647  C  C   . LYS A 1 84  ? -10.519 5.092   -11.347 1.00 30.31 ? 84  LYS A C   1 
ATOM   648  O  O   . LYS A 1 84  ? -9.475  5.694   -11.630 1.00 29.83 ? 84  LYS A O   1 
ATOM   649  C  CB  . LYS A 1 84  ? -10.616 3.127   -12.889 1.00 32.11 ? 84  LYS A CB  1 
ATOM   650  C  CG  . LYS A 1 84  ? -11.442 2.212   -13.789 1.00 34.35 ? 84  LYS A CG  1 
ATOM   651  C  CD  . LYS A 1 84  ? -10.622 1.010   -14.245 1.00 38.70 ? 84  LYS A CD  1 
ATOM   652  C  CE  . LYS A 1 84  ? -11.379 0.197   -15.285 1.00 41.68 ? 84  LYS A CE  1 
ATOM   653  N  NZ  . LYS A 1 84  ? -10.444 -0.527  -16.198 1.00 44.58 ? 84  LYS A NZ  1 
ATOM   654  N  N   . SER A 1 85  ? -11.015 5.036   -10.114 1.00 28.50 ? 85  SER A N   1 
ATOM   655  C  CA  . SER A 1 85  ? -10.280 5.543   -8.953  1.00 27.10 ? 85  SER A CA  1 
ATOM   656  C  C   . SER A 1 85  ? -10.538 4.663   -7.725  1.00 26.09 ? 85  SER A C   1 
ATOM   657  O  O   . SER A 1 85  ? -11.549 3.964   -7.649  1.00 25.37 ? 85  SER A O   1 
ATOM   658  C  CB  . SER A 1 85  ? -10.626 7.011   -8.660  1.00 27.11 ? 85  SER A CB  1 
ATOM   659  O  OG  . SER A 1 85  ? -11.935 7.131   -8.143  1.00 26.96 ? 85  SER A OG  1 
ATOM   660  N  N   . TYR A 1 86  ? -9.607  4.695   -6.778  1.00 24.83 ? 86  TYR A N   1 
ATOM   661  C  CA  . TYR A 1 86  ? -9.609  3.749   -5.674  1.00 24.03 ? 86  TYR A CA  1 
ATOM   662  C  C   . TYR A 1 86  ? -9.422  4.506   -4.368  1.00 23.73 ? 86  TYR A C   1 
ATOM   663  O  O   . TYR A 1 86  ? -8.391  5.146   -4.136  1.00 24.09 ? 86  TYR A O   1 
ATOM   664  C  CB  . TYR A 1 86  ? -8.529  2.678   -5.893  1.00 23.79 ? 86  TYR A CB  1 
ATOM   665  C  CG  . TYR A 1 86  ? -8.719  1.968   -7.215  1.00 24.29 ? 86  TYR A CG  1 
ATOM   666  C  CD1 . TYR A 1 86  ? -8.180  2.492   -8.406  1.00 23.65 ? 86  TYR A CD1 1 
ATOM   667  C  CD2 . TYR A 1 86  ? -9.491  0.817   -7.294  1.00 24.01 ? 86  TYR A CD2 1 
ATOM   668  C  CE1 . TYR A 1 86  ? -8.396  1.857   -9.632  1.00 25.04 ? 86  TYR A CE1 1 
ATOM   669  C  CE2 . TYR A 1 86  ? -9.712  0.177   -8.506  1.00 24.20 ? 86  TYR A CE2 1 
ATOM   670  C  CZ  . TYR A 1 86  ? -9.168  0.697   -9.670  1.00 24.85 ? 86  TYR A CZ  1 
ATOM   671  O  OH  . TYR A 1 86  ? -9.396  0.044   -10.863 1.00 25.59 ? 86  TYR A OH  1 
ATOM   672  N  N   . ASP A 1 87  ? -10.455 4.466   -3.548  1.00 22.74 ? 87  ASP A N   1 
ATOM   673  C  CA  . ASP A 1 87  ? -10.463 5.178   -2.291  1.00 22.30 ? 87  ASP A CA  1 
ATOM   674  C  C   . ASP A 1 87  ? -10.997 4.196   -1.255  1.00 21.66 ? 87  ASP A C   1 
ATOM   675  O  O   . ASP A 1 87  ? -12.206 4.039   -1.101  1.00 21.89 ? 87  ASP A O   1 
ATOM   676  C  CB  . ASP A 1 87  ? -11.343 6.432   -2.415  1.00 22.07 ? 87  ASP A CB  1 
ATOM   677  C  CG  . ASP A 1 87  ? -11.322 7.295   -1.170  1.00 22.98 ? 87  ASP A CG  1 
ATOM   678  O  OD1 . ASP A 1 87  ? -10.928 6.806   -0.081  1.00 22.46 ? 87  ASP A OD1 1 
ATOM   679  O  OD2 . ASP A 1 87  ? -11.718 8.473   -1.284  1.00 23.91 ? 87  ASP A OD2 1 
ATOM   680  N  N   . TYR A 1 88  ? -10.078 3.507   -0.575  1.00 21.24 ? 88  TYR A N   1 
ATOM   681  C  CA  . TYR A 1 88  ? -10.441 2.395   0.307   1.00 20.56 ? 88  TYR A CA  1 
ATOM   682  C  C   . TYR A 1 88  ? -9.676  2.403   1.624   1.00 20.39 ? 88  TYR A C   1 
ATOM   683  O  O   . TYR A 1 88  ? -8.454  2.498   1.645   1.00 19.97 ? 88  TYR A O   1 
ATOM   684  C  CB  . TYR A 1 88  ? -10.207 1.048   -0.393  1.00 20.16 ? 88  TYR A CB  1 
ATOM   685  C  CG  . TYR A 1 88  ? -11.179 0.758   -1.521  1.00 20.36 ? 88  TYR A CG  1 
ATOM   686  C  CD1 . TYR A 1 88  ? -12.444 0.217   -1.259  1.00 20.26 ? 88  TYR A CD1 1 
ATOM   687  C  CD2 . TYR A 1 88  ? -10.839 1.039   -2.845  1.00 19.25 ? 88  TYR A CD2 1 
ATOM   688  C  CE1 . TYR A 1 88  ? -13.342 -0.047  -2.292  1.00 20.36 ? 88  TYR A CE1 1 
ATOM   689  C  CE2 . TYR A 1 88  ? -11.730 0.775   -3.890  1.00 18.54 ? 88  TYR A CE2 1 
ATOM   690  C  CZ  . TYR A 1 88  ? -12.976 0.238   -3.606  1.00 19.58 ? 88  TYR A CZ  1 
ATOM   691  O  OH  . TYR A 1 88  ? -13.849 -0.030  -4.630  1.00 18.56 ? 88  TYR A OH  1 
ATOM   692  N  N   . MET A 1 89  ? -10.419 2.291   2.715   1.00 19.95 ? 89  MET A N   1 
ATOM   693  C  CA  . MET A 1 89  ? -9.842  2.029   4.015   1.00 19.76 ? 89  MET A CA  1 
ATOM   694  C  C   . MET A 1 89  ? -10.256 0.611   4.368   1.00 19.20 ? 89  MET A C   1 
ATOM   695  O  O   . MET A 1 89  ? -11.446 0.336   4.529   1.00 19.16 ? 89  MET A O   1 
ATOM   696  C  CB  . MET A 1 89  ? -10.368 3.028   5.054   1.00 19.70 ? 89  MET A CB  1 
ATOM   697  C  CG  . MET A 1 89  ? -9.835  4.455   4.889   1.00 19.88 ? 89  MET A CG  1 
ATOM   698  S  SD  . MET A 1 89  ? -10.623 5.610   6.054   1.00 22.06 ? 89  MET A SD  1 
ATOM   699  C  CE  . MET A 1 89  ? -12.335 5.559   5.490   1.00 21.88 ? 89  MET A CE  1 
ATOM   700  N  N   . LEU A 1 90  ? -9.279  -0.282  4.457   1.00 18.76 ? 90  LEU A N   1 
ATOM   701  C  CA  . LEU A 1 90  ? -9.555  -1.706  4.683   1.00 19.02 ? 90  LEU A CA  1 
ATOM   702  C  C   . LEU A 1 90  ? -9.021  -2.221  6.016   1.00 18.89 ? 90  LEU A C   1 
ATOM   703  O  O   . LEU A 1 90  ? -7.910  -1.891  6.437   1.00 19.03 ? 90  LEU A O   1 
ATOM   704  C  CB  . LEU A 1 90  ? -9.009  -2.566  3.524   1.00 18.37 ? 90  LEU A CB  1 
ATOM   705  C  CG  . LEU A 1 90  ? -9.567  -2.278  2.106   1.00 18.22 ? 90  LEU A CG  1 
ATOM   706  C  CD1 . LEU A 1 90  ? -9.091  -3.333  1.118   1.00 17.24 ? 90  LEU A CD1 1 
ATOM   707  C  CD2 . LEU A 1 90  ? -11.104 -2.187  2.081   1.00 16.42 ? 90  LEU A CD2 1 
ATOM   708  N  N   . VAL A 1 91  ? -9.825  -3.062  6.645   1.00 19.53 ? 91  VAL A N   1 
ATOM   709  C  CA  . VAL A 1 91  ? -9.483  -3.720  7.898   1.00 19.71 ? 91  VAL A CA  1 
ATOM   710  C  C   . VAL A 1 91  ? -9.316  -5.211  7.609   1.00 19.91 ? 91  VAL A C   1 
ATOM   711  O  O   . VAL A 1 91  ? -10.090 -5.786  6.843   1.00 20.08 ? 91  VAL A O   1 
ATOM   712  C  CB  . VAL A 1 91  ? -10.623 -3.481  8.913   1.00 20.03 ? 91  VAL A CB  1 
ATOM   713  C  CG1 . VAL A 1 91  ? -10.460 -4.325  10.183  1.00 19.53 ? 91  VAL A CG1 1 
ATOM   714  C  CG2 . VAL A 1 91  ? -10.720 -1.988  9.242   1.00 20.14 ? 91  VAL A CG2 1 
ATOM   715  N  N   . ASN A 1 92  ? -8.294  -5.828  8.196   1.00 20.13 ? 92  ASN A N   1 
ATOM   716  C  CA  . ASN A 1 92  ? -7.996  -7.250  7.956   1.00 20.29 ? 92  ASN A CA  1 
ATOM   717  C  C   . ASN A 1 92  ? -8.130  -7.650  6.473   1.00 20.46 ? 92  ASN A C   1 
ATOM   718  O  O   . ASN A 1 92  ? -8.847  -8.622  6.158   1.00 20.00 ? 92  ASN A O   1 
ATOM   719  C  CB  . ASN A 1 92  ? -8.908  -8.150  8.810   1.00 19.77 ? 92  ASN A CB  1 
ATOM   720  C  CG  . ASN A 1 92  ? -8.846  -7.821  10.282  1.00 21.07 ? 92  ASN A CG  1 
ATOM   721  O  OD1 . ASN A 1 92  ? -7.835  -7.314  10.772  1.00 19.98 ? 92  ASN A OD1 1 
ATOM   722  N  ND2 . ASN A 1 92  ? -9.933  -8.112  11.003  1.00 19.66 ? 92  ASN A ND2 1 
ATOM   723  N  N   . PRO A 1 93  ? -7.460  -6.906  5.555   1.00 20.35 ? 93  PRO A N   1 
ATOM   724  C  CA  . PRO A 1 93  ? -7.597  -7.322  4.159   1.00 20.13 ? 93  PRO A CA  1 
ATOM   725  C  C   . PRO A 1 93  ? -6.844  -8.619  3.924   1.00 20.77 ? 93  PRO A C   1 
ATOM   726  O  O   . PRO A 1 93  ? -5.797  -8.861  4.541   1.00 20.92 ? 93  PRO A O   1 
ATOM   727  C  CB  . PRO A 1 93  ? -6.941  -6.176  3.373   1.00 19.84 ? 93  PRO A CB  1 
ATOM   728  C  CG  . PRO A 1 93  ? -5.884  -5.635  4.323   1.00 19.65 ? 93  PRO A CG  1 
ATOM   729  C  CD  . PRO A 1 93  ? -6.513  -5.778  5.708   1.00 20.30 ? 93  PRO A CD  1 
ATOM   730  N  N   . LYS A 1 94  ? -7.380  -9.443  3.036   1.00 21.24 ? 94  LYS A N   1 
ATOM   731  C  CA  . LYS A 1 94  ? -6.732  -10.680 2.684   1.00 21.97 ? 94  LYS A CA  1 
ATOM   732  C  C   . LYS A 1 94  ? -6.879  -10.932 1.186   1.00 21.21 ? 94  LYS A C   1 
ATOM   733  O  O   . LYS A 1 94  ? -7.966  -10.841 0.640   1.00 20.69 ? 94  LYS A O   1 
ATOM   734  C  CB  . LYS A 1 94  ? -7.361  -11.824 3.480   1.00 22.53 ? 94  LYS A CB  1 
ATOM   735  C  CG  . LYS A 1 94  ? -6.703  -13.180 3.270   1.00 26.62 ? 94  LYS A CG  1 
ATOM   736  C  CD  . LYS A 1 94  ? -7.321  -14.225 4.220   1.00 31.62 ? 94  LYS A CD  1 
ATOM   737  C  CE  . LYS A 1 94  ? -6.547  -15.536 4.181   1.00 35.15 ? 94  LYS A CE  1 
ATOM   738  N  NZ  . LYS A 1 94  ? -5.086  -15.311 4.410   1.00 37.17 ? 94  LYS A NZ  1 
ATOM   739  N  N   . ILE A 1 95  ? -5.772  -11.271 0.538   1.00 21.18 ? 95  ILE A N   1 
ATOM   740  C  CA  . ILE A 1 95  ? -5.823  -11.763 -0.823  1.00 20.88 ? 95  ILE A CA  1 
ATOM   741  C  C   . ILE A 1 95  ? -6.273  -13.219 -0.769  1.00 20.80 ? 95  ILE A C   1 
ATOM   742  O  O   . ILE A 1 95  ? -5.594  -14.075 -0.204  1.00 20.53 ? 95  ILE A O   1 
ATOM   743  C  CB  . ILE A 1 95  ? -4.473  -11.597 -1.548  1.00 20.81 ? 95  ILE A CB  1 
ATOM   744  C  CG1 . ILE A 1 95  ? -4.136  -10.098 -1.630  1.00 21.11 ? 95  ILE A CG1 1 
ATOM   745  C  CG2 . ILE A 1 95  ? -4.517  -12.260 -2.953  1.00 19.82 ? 95  ILE A CG2 1 
ATOM   746  C  CD1 . ILE A 1 95  ? -2.695  -9.786  -2.002  1.00 20.61 ? 95  ILE A CD1 1 
ATOM   747  N  N   . VAL A 1 96  ? -7.439  -13.474 -1.345  1.00 20.84 ? 96  VAL A N   1 
ATOM   748  C  CA  . VAL A 1 96  ? -8.042  -14.801 -1.291  1.00 20.80 ? 96  VAL A CA  1 
ATOM   749  C  C   . VAL A 1 96  ? -7.803  -15.567 -2.591  1.00 21.03 ? 96  VAL A C   1 
ATOM   750  O  O   . VAL A 1 96  ? -7.786  -16.799 -2.588  1.00 20.79 ? 96  VAL A O   1 
ATOM   751  C  CB  . VAL A 1 96  ? -9.549  -14.746 -0.949  1.00 20.89 ? 96  VAL A CB  1 
ATOM   752  C  CG1 . VAL A 1 96  ? -9.745  -14.223 0.482   1.00 20.82 ? 96  VAL A CG1 1 
ATOM   753  C  CG2 . VAL A 1 96  ? -10.327 -13.892 -1.959  1.00 20.06 ? 96  VAL A CG2 1 
ATOM   754  N  N   . SER A 1 97  ? -7.616  -14.828 -3.687  1.00 20.66 ? 97  SER A N   1 
ATOM   755  C  CA  . SER A 1 97  ? -7.267  -15.409 -4.976  1.00 20.45 ? 97  SER A CA  1 
ATOM   756  C  C   . SER A 1 97  ? -6.489  -14.415 -5.841  1.00 20.36 ? 97  SER A C   1 
ATOM   757  O  O   . SER A 1 97  ? -6.511  -13.194 -5.588  1.00 19.78 ? 97  SER A O   1 
ATOM   758  C  CB  . SER A 1 97  ? -8.513  -15.903 -5.727  1.00 20.26 ? 97  SER A CB  1 
ATOM   759  O  OG  . SER A 1 97  ? -9.350  -14.822 -6.087  1.00 21.46 ? 97  SER A OG  1 
ATOM   760  N  N   . HIS A 1 98  ? -5.798  -14.944 -6.854  1.00 19.62 ? 98  HIS A N   1 
ATOM   761  C  CA  . HIS A 1 98  ? -5.005  -14.113 -7.742  1.00 19.88 ? 98  HIS A CA  1 
ATOM   762  C  C   . HIS A 1 98  ? -4.632  -14.813 -9.039  1.00 19.84 ? 98  HIS A C   1 
ATOM   763  O  O   . HIS A 1 98  ? -4.675  -16.032 -9.142  1.00 19.33 ? 98  HIS A O   1 
ATOM   764  C  CB  . HIS A 1 98  ? -3.733  -13.595 -7.040  1.00 19.45 ? 98  HIS A CB  1 
ATOM   765  C  CG  . HIS A 1 98  ? -2.821  -14.682 -6.570  1.00 20.07 ? 98  HIS A CG  1 
ATOM   766  N  ND1 . HIS A 1 98  ? -1.968  -15.354 -7.418  1.00 19.28 ? 98  HIS A ND1 1 
ATOM   767  C  CD2 . HIS A 1 98  ? -2.632  -15.216 -5.341  1.00 19.47 ? 98  HIS A CD2 1 
ATOM   768  C  CE1 . HIS A 1 98  ? -1.292  -16.257 -6.731  1.00 20.41 ? 98  HIS A CE1 1 
ATOM   769  N  NE2 . HIS A 1 98  ? -1.675  -16.191 -5.469  1.00 20.84 ? 98  HIS A NE2 1 
ATOM   770  N  N   . SER A 1 99  ? -4.249  -14.009 -10.022 1.00 19.96 ? 99  SER A N   1 
ATOM   771  C  CA  . SER A 1 99  ? -3.791  -14.517 -11.302 1.00 19.78 ? 99  SER A CA  1 
ATOM   772  C  C   . SER A 1 99  ? -2.441  -15.194 -11.124 1.00 20.07 ? 99  SER A C   1 
ATOM   773  O  O   . SER A 1 99  ? -1.681  -14.874 -10.202 1.00 19.82 ? 99  SER A O   1 
ATOM   774  C  CB  . SER A 1 99  ? -3.685  -13.358 -12.298 1.00 19.53 ? 99  SER A CB  1 
ATOM   775  O  OG  . SER A 1 99  ? -2.707  -12.426 -11.849 1.00 18.18 ? 99  SER A OG  1 
ATOM   776  N  N   . VAL A 1 100 ? -2.154  -16.161 -11.984 1.00 20.41 ? 100 VAL A N   1 
ATOM   777  C  CA  . VAL A 1 100 ? -0.794  -16.673 -12.120 1.00 21.12 ? 100 VAL A CA  1 
ATOM   778  C  C   . VAL A 1 100 ? 0.060   -15.578 -12.789 1.00 21.89 ? 100 VAL A C   1 
ATOM   779  O  O   . VAL A 1 100 ? 1.200   -15.319 -12.387 1.00 22.48 ? 100 VAL A O   1 
ATOM   780  C  CB  . VAL A 1 100 ? -0.793  -17.987 -12.939 1.00 21.15 ? 100 VAL A CB  1 
ATOM   781  C  CG1 . VAL A 1 100 ? 0.608   -18.320 -13.504 1.00 20.70 ? 100 VAL A CG1 1 
ATOM   782  C  CG2 . VAL A 1 100 ? -1.367  -19.136 -12.078 1.00 20.79 ? 100 VAL A CG2 1 
ATOM   783  N  N   . GLN A 1 101 ? -0.507  -14.920 -13.792 1.00 22.71 ? 101 GLN A N   1 
ATOM   784  C  CA  . GLN A 1 101 ? 0.205   -13.860 -14.495 1.00 23.98 ? 101 GLN A CA  1 
ATOM   785  C  C   . GLN A 1 101 ? 0.663   -12.745 -13.553 1.00 24.07 ? 101 GLN A C   1 
ATOM   786  O  O   . GLN A 1 101 ? -0.104  -12.266 -12.697 1.00 23.59 ? 101 GLN A O   1 
ATOM   787  C  CB  . GLN A 1 101 ? -0.653  -13.267 -15.606 1.00 24.74 ? 101 GLN A CB  1 
ATOM   788  C  CG  . GLN A 1 101 ? 0.092   -12.245 -16.432 1.00 26.45 ? 101 GLN A CG  1 
ATOM   789  C  CD  . GLN A 1 101 ? -0.540  -12.031 -17.763 1.00 29.13 ? 101 GLN A CD  1 
ATOM   790  O  OE1 . GLN A 1 101 ? -1.691  -11.589 -17.857 1.00 32.69 ? 101 GLN A OE1 1 
ATOM   791  N  NE2 . GLN A 1 101 ? 0.203   -12.329 -18.815 1.00 28.66 ? 101 GLN A NE2 1 
ATOM   792  N  N   . GLU A 1 102 ? 1.917   -12.346 -13.729 1.00 23.83 ? 102 GLU A N   1 
ATOM   793  C  CA  . GLU A 1 102 ? 2.516   -11.312 -12.910 1.00 24.25 ? 102 GLU A CA  1 
ATOM   794  C  C   . GLU A 1 102 ? 2.464   -9.968  -13.619 1.00 24.24 ? 102 GLU A C   1 
ATOM   795  O  O   . GLU A 1 102 ? 2.222   -9.898  -14.828 1.00 24.05 ? 102 GLU A O   1 
ATOM   796  C  CB  . GLU A 1 102 ? 3.955   -11.676 -12.559 1.00 24.40 ? 102 GLU A CB  1 
ATOM   797  C  CG  . GLU A 1 102 ? 4.080   -12.906 -11.671 1.00 25.86 ? 102 GLU A CG  1 
ATOM   798  C  CD  . GLU A 1 102 ? 5.514   -13.204 -11.306 1.00 28.53 ? 102 GLU A CD  1 
ATOM   799  O  OE1 . GLU A 1 102 ? 6.349   -13.339 -12.215 1.00 29.81 ? 102 GLU A OE1 1 
ATOM   800  O  OE2 . GLU A 1 102 ? 5.816   -13.307 -10.104 1.00 32.56 ? 102 GLU A OE2 1 
ATOM   801  N  N   . ALA A 1 103 ? 2.660   -8.908  -12.845 1.00 23.96 ? 103 ALA A N   1 
ATOM   802  C  CA  . ALA A 1 103 ? 2.775   -7.551  -13.370 1.00 23.71 ? 103 ALA A CA  1 
ATOM   803  C  C   . ALA A 1 103 ? 3.861   -6.812  -12.587 1.00 23.84 ? 103 ALA A C   1 
ATOM   804  O  O   . ALA A 1 103 ? 4.217   -7.209  -11.473 1.00 23.24 ? 103 ALA A O   1 
ATOM   805  C  CB  . ALA A 1 103 ? 1.456   -6.822  -13.258 1.00 23.33 ? 103 ALA A CB  1 
ATOM   806  N  N   . TYR A 1 104 ? 4.385   -5.741  -13.177 1.00 23.91 ? 104 TYR A N   1 
ATOM   807  C  CA  . TYR A 1 104 ? 5.417   -4.938  -12.531 1.00 24.24 ? 104 TYR A CA  1 
ATOM   808  C  C   . TYR A 1 104 ? 5.339   -3.530  -13.095 1.00 24.66 ? 104 TYR A C   1 
ATOM   809  O  O   . TYR A 1 104 ? 4.997   -3.335  -14.269 1.00 24.46 ? 104 TYR A O   1 
ATOM   810  C  CB  . TYR A 1 104 ? 6.812   -5.530  -12.761 1.00 23.84 ? 104 TYR A CB  1 
ATOM   811  C  CG  . TYR A 1 104 ? 7.219   -5.521  -14.212 1.00 25.00 ? 104 TYR A CG  1 
ATOM   812  C  CD1 . TYR A 1 104 ? 7.943   -4.449  -14.753 1.00 24.97 ? 104 TYR A CD1 1 
ATOM   813  C  CD2 . TYR A 1 104 ? 6.854   -6.571  -15.062 1.00 25.85 ? 104 TYR A CD2 1 
ATOM   814  C  CE1 . TYR A 1 104 ? 8.295   -4.425  -16.106 1.00 25.47 ? 104 TYR A CE1 1 
ATOM   815  C  CE2 . TYR A 1 104 ? 7.204   -6.567  -16.405 1.00 27.08 ? 104 TYR A CE2 1 
ATOM   816  C  CZ  . TYR A 1 104 ? 7.922   -5.493  -16.921 1.00 26.94 ? 104 TYR A CZ  1 
ATOM   817  O  OH  . TYR A 1 104 ? 8.246   -5.504  -18.244 1.00 28.48 ? 104 TYR A OH  1 
ATOM   818  N  N   . LEU A 1 105 ? 5.624   -2.553  -12.240 1.00 24.87 ? 105 LEU A N   1 
ATOM   819  C  CA  . LEU A 1 105 ? 5.865   -1.189  -12.687 1.00 25.26 ? 105 LEU A CA  1 
ATOM   820  C  C   . LEU A 1 105 ? 7.296   -1.137  -13.245 1.00 25.39 ? 105 LEU A C   1 
ATOM   821  O  O   . LEU A 1 105 ? 8.230   -1.612  -12.592 1.00 25.01 ? 105 LEU A O   1 
ATOM   822  C  CB  . LEU A 1 105 ? 5.681   -0.204  -11.524 1.00 25.20 ? 105 LEU A CB  1 
ATOM   823  C  CG  . LEU A 1 105 ? 4.348   -0.326  -10.764 1.00 24.81 ? 105 LEU A CG  1 
ATOM   824  C  CD1 . LEU A 1 105 ? 4.311   0.601   -9.548  1.00 24.28 ? 105 LEU A CD1 1 
ATOM   825  C  CD2 . LEU A 1 105 ? 3.143   -0.072  -11.687 1.00 24.46 ? 105 LEU A CD2 1 
ATOM   826  N  N   . PRO A 1 106 ? 7.472   -0.567  -14.456 1.00 26.09 ? 106 PRO A N   1 
ATOM   827  C  CA  . PRO A 1 106 ? 8.779   -0.618  -15.137 1.00 26.53 ? 106 PRO A CA  1 
ATOM   828  C  C   . PRO A 1 106 ? 9.881   0.149   -14.391 1.00 27.06 ? 106 PRO A C   1 
ATOM   829  O  O   . PRO A 1 106 ? 11.051  -0.171  -14.545 1.00 27.13 ? 106 PRO A O   1 
ATOM   830  C  CB  . PRO A 1 106 ? 8.489   0.001   -16.511 1.00 26.48 ? 106 PRO A CB  1 
ATOM   831  C  CG  . PRO A 1 106 ? 7.300   0.915   -16.272 1.00 26.25 ? 106 PRO A CG  1 
ATOM   832  C  CD  . PRO A 1 106 ? 6.478   0.216   -15.217 1.00 26.46 ? 106 PRO A CD  1 
ATOM   833  N  N   . THR A 1 107 ? 9.516   1.123   -13.560 1.00 27.72 ? 107 THR A N   1 
ATOM   834  C  CA  . THR A 1 107 ? 10.527  1.845   -12.767 1.00 28.89 ? 107 THR A CA  1 
ATOM   835  C  C   . THR A 1 107 ? 10.655  1.326   -11.342 1.00 28.32 ? 107 THR A C   1 
ATOM   836  O  O   . THR A 1 107 ? 11.353  1.918   -10.515 1.00 29.19 ? 107 THR A O   1 
ATOM   837  C  CB  . THR A 1 107 ? 10.275  3.367   -12.729 1.00 29.09 ? 107 THR A CB  1 
ATOM   838  O  OG1 . THR A 1 107 ? 8.966   3.606   -12.208 1.00 32.03 ? 107 THR A OG1 1 
ATOM   839  C  CG2 . THR A 1 107 ? 10.370  3.967   -14.135 1.00 30.19 ? 107 THR A CG2 1 
ATOM   840  N  N   . GLY A 1 108 ? 10.005  0.205   -11.059 1.00 27.43 ? 108 GLY A N   1 
ATOM   841  C  CA  . GLY A 1 108 ? 10.072  -0.376  -9.731  1.00 25.80 ? 108 GLY A CA  1 
ATOM   842  C  C   . GLY A 1 108 ? 9.078   0.303   -8.825  1.00 24.85 ? 108 GLY A C   1 
ATOM   843  O  O   . GLY A 1 108 ? 8.129   0.918   -9.286  1.00 24.41 ? 108 GLY A O   1 
ATOM   844  N  N   . GLU A 1 109 ? 9.287   0.180   -7.526  1.00 24.48 ? 109 GLU A N   1 
ATOM   845  C  CA  . GLU A 1 109 ? 8.364   0.768   -6.575  1.00 24.46 ? 109 GLU A CA  1 
ATOM   846  C  C   . GLU A 1 109 ? 9.099   1.685   -5.607  1.00 24.92 ? 109 GLU A C   1 
ATOM   847  O  O   . GLU A 1 109 ? 10.329  1.694   -5.554  1.00 24.82 ? 109 GLU A O   1 
ATOM   848  C  CB  . GLU A 1 109 ? 7.599   -0.330  -5.826  1.00 24.38 ? 109 GLU A CB  1 
ATOM   849  C  CG  . GLU A 1 109 ? 6.618   -1.108  -6.716  1.00 23.46 ? 109 GLU A CG  1 
ATOM   850  C  CD  . GLU A 1 109 ? 5.906   -2.248  -5.983  1.00 23.52 ? 109 GLU A CD  1 
ATOM   851  O  OE1 . GLU A 1 109 ? 5.860   -2.225  -4.728  1.00 22.42 ? 109 GLU A OE1 1 
ATOM   852  O  OE2 . GLU A 1 109 ? 5.391   -3.162  -6.671  1.00 18.97 ? 109 GLU A OE2 1 
ATOM   853  N  N   . GLY A 1 110 ? 8.333   2.478   -4.872  1.00 25.25 ? 110 GLY A N   1 
ATOM   854  C  CA  . GLY A 1 110 ? 8.877   3.330   -3.832  1.00 26.03 ? 110 GLY A CA  1 
ATOM   855  C  C   . GLY A 1 110 ? 8.082   3.099   -2.571  1.00 26.46 ? 110 GLY A C   1 
ATOM   856  O  O   . GLY A 1 110 ? 7.089   2.358   -2.580  1.00 26.37 ? 110 GLY A O   1 
HETATM 857  N  N   . CSD A 1 111 ? 8.510   3.736   -1.487  1.00 26.45 ? 111 CSD A N   1 
HETATM 858  C  CA  . CSD A 1 111 ? 7.923   3.504   -0.173  1.00 26.52 ? 111 CSD A CA  1 
HETATM 859  C  CB  . CSD A 1 111 ? 8.565   2.260   0.447   1.00 26.73 ? 111 CSD A CB  1 
HETATM 860  S  SG  . CSD A 1 111 ? 7.582   1.568   1.767   1.00 24.31 ? 111 CSD A SG  1 
HETATM 861  C  C   . CSD A 1 111 ? 8.150   4.703   0.711   1.00 27.24 ? 111 CSD A C   1 
HETATM 862  O  O   . CSD A 1 111 ? 9.267   5.216   0.790   1.00 26.98 ? 111 CSD A O   1 
HETATM 863  O  OD1 . CSD A 1 111 ? 8.441   0.088   2.255   1.00 29.52 ? 111 CSD A OD1 1 
HETATM 864  O  OD2 . CSD A 1 111 ? 7.401   2.727   3.093   1.00 31.40 ? 111 CSD A OD2 1 
ATOM   865  N  N   . LEU A 1 112 ? 7.083   5.153   1.367   1.00 27.88 ? 112 LEU A N   1 
ATOM   866  C  CA  . LEU A 1 112 ? 7.111   6.288   2.300   1.00 29.22 ? 112 LEU A CA  1 
ATOM   867  C  C   . LEU A 1 112 ? 8.105   6.088   3.455   1.00 30.07 ? 112 LEU A C   1 
ATOM   868  O  O   . LEU A 1 112 ? 8.632   7.059   4.001   1.00 30.53 ? 112 LEU A O   1 
ATOM   869  C  CB  . LEU A 1 112 ? 5.709   6.540   2.874   1.00 28.76 ? 112 LEU A CB  1 
ATOM   870  C  CG  . LEU A 1 112 ? 4.645   7.109   1.937   1.00 29.12 ? 112 LEU A CG  1 
ATOM   871  C  CD1 . LEU A 1 112 ? 3.256   6.923   2.512   1.00 28.64 ? 112 LEU A CD1 1 
ATOM   872  C  CD2 . LEU A 1 112 ? 4.912   8.580   1.643   1.00 28.75 ? 112 LEU A CD2 1 
ATOM   873  N  N   . SER A 1 113 ? 8.359   4.829   3.809   1.00 30.79 ? 113 SER A N   1 
ATOM   874  C  CA  . SER A 1 113 ? 9.270   4.485   4.905   1.00 31.67 ? 113 SER A CA  1 
ATOM   875  C  C   . SER A 1 113 ? 10.723  4.355   4.433   1.00 32.81 ? 113 SER A C   1 
ATOM   876  O  O   . SER A 1 113 ? 11.651  4.316   5.256   1.00 32.74 ? 113 SER A O   1 
ATOM   877  C  CB  . SER A 1 113 ? 8.821   3.187   5.584   1.00 31.35 ? 113 SER A CB  1 
ATOM   878  O  OG  . SER A 1 113 ? 7.559   3.355   6.209   1.00 30.45 ? 113 SER A OG  1 
ATOM   879  N  N   . VAL A 1 114 ? 10.906  4.292   3.115   1.00 33.76 ? 114 VAL A N   1 
ATOM   880  C  CA  . VAL A 1 114 ? 12.223  4.124   2.514   1.00 34.98 ? 114 VAL A CA  1 
ATOM   881  C  C   . VAL A 1 114 ? 12.660  5.426   1.846   1.00 36.39 ? 114 VAL A C   1 
ATOM   882  O  O   . VAL A 1 114 ? 12.062  5.859   0.857   1.00 36.01 ? 114 VAL A O   1 
ATOM   883  C  CB  . VAL A 1 114 ? 12.238  2.964   1.480   1.00 35.01 ? 114 VAL A CB  1 
ATOM   884  C  CG1 . VAL A 1 114 ? 13.627  2.784   0.888   1.00 33.82 ? 114 VAL A CG1 1 
ATOM   885  C  CG2 . VAL A 1 114 ? 11.751  1.656   2.118   1.00 34.09 ? 114 VAL A CG2 1 
ATOM   886  N  N   . ASP A 1 115 ? 13.709  6.037   2.387   1.00 38.39 ? 115 ASP A N   1 
ATOM   887  C  CA  . ASP A 1 115 ? 14.223  7.303   1.857   1.00 40.66 ? 115 ASP A CA  1 
ATOM   888  C  C   . ASP A 1 115 ? 14.870  7.248   0.475   1.00 41.31 ? 115 ASP A C   1 
ATOM   889  O  O   . ASP A 1 115 ? 14.578  8.096   -0.377  1.00 42.09 ? 115 ASP A O   1 
ATOM   890  C  CB  . ASP A 1 115 ? 15.178  7.963   2.849   1.00 41.34 ? 115 ASP A CB  1 
ATOM   891  C  CG  . ASP A 1 115 ? 14.517  9.088   3.602   1.00 43.61 ? 115 ASP A CG  1 
ATOM   892  O  OD1 . ASP A 1 115 ? 14.176  8.886   4.789   1.00 47.11 ? 115 ASP A OD1 1 
ATOM   893  O  OD2 . ASP A 1 115 ? 14.311  10.166  2.992   1.00 45.53 ? 115 ASP A OD2 1 
ATOM   894  N  N   . ASP A 1 116 ? 15.750  6.274   0.257   1.00 41.89 ? 116 ASP A N   1 
ATOM   895  C  CA  . ASP A 1 116 ? 16.451  6.163   -1.018  1.00 42.56 ? 116 ASP A CA  1 
ATOM   896  C  C   . ASP A 1 116 ? 15.626  5.367   -2.018  1.00 42.52 ? 116 ASP A C   1 
ATOM   897  O  O   . ASP A 1 116 ? 15.001  4.362   -1.655  1.00 43.19 ? 116 ASP A O   1 
ATOM   898  C  CB  . ASP A 1 116 ? 17.827  5.505   -0.842  1.00 43.00 ? 116 ASP A CB  1 
ATOM   899  C  CG  . ASP A 1 116 ? 18.773  6.315   0.053   1.00 45.26 ? 116 ASP A CG  1 
ATOM   900  O  OD1 . ASP A 1 116 ? 18.525  7.521   0.304   1.00 47.19 ? 116 ASP A OD1 1 
ATOM   901  O  OD2 . ASP A 1 116 ? 19.780  5.734   0.510   1.00 47.68 ? 116 ASP A OD2 1 
ATOM   902  N  N   . ASN A 1 117 ? 15.631  5.821   -3.271  1.00 41.55 ? 117 ASN A N   1 
ATOM   903  C  CA  . ASN A 1 117 ? 15.041  5.077   -4.374  1.00 40.88 ? 117 ASN A CA  1 
ATOM   904  C  C   . ASN A 1 117 ? 15.759  3.748   -4.546  1.00 39.93 ? 117 ASN A C   1 
ATOM   905  O  O   . ASN A 1 117 ? 16.986  3.704   -4.539  1.00 40.62 ? 117 ASN A O   1 
ATOM   906  C  CB  . ASN A 1 117 ? 15.134  5.881   -5.670  1.00 41.19 ? 117 ASN A CB  1 
ATOM   907  C  CG  . ASN A 1 117 ? 14.233  7.097   -5.673  1.00 42.11 ? 117 ASN A CG  1 
ATOM   908  O  OD1 . ASN A 1 117 ? 14.697  8.230   -5.820  1.00 43.80 ? 117 ASN A OD1 1 
ATOM   909  N  ND2 . ASN A 1 117 ? 12.938  6.872   -5.513  1.00 43.47 ? 117 ASN A ND2 1 
ATOM   910  N  N   . VAL A 1 118 ? 15.001  2.662   -4.661  1.00 38.44 ? 118 VAL A N   1 
ATOM   911  C  CA  . VAL A 1 118 ? 15.597  1.345   -4.875  1.00 36.81 ? 118 VAL A CA  1 
ATOM   912  C  C   . VAL A 1 118 ? 15.226  0.885   -6.280  1.00 36.03 ? 118 VAL A C   1 
ATOM   913  O  O   . VAL A 1 118 ? 14.037  0.831   -6.637  1.00 35.60 ? 118 VAL A O   1 
ATOM   914  C  CB  . VAL A 1 118 ? 15.163  0.296   -3.806  1.00 37.08 ? 118 VAL A CB  1 
ATOM   915  C  CG1 . VAL A 1 118 ? 15.921  -1.010  -3.997  1.00 36.33 ? 118 VAL A CG1 1 
ATOM   916  C  CG2 . VAL A 1 118 ? 15.385  0.831   -2.377  1.00 36.64 ? 118 VAL A CG2 1 
ATOM   917  N  N   . ALA A 1 119 ? 16.255  0.593   -7.073  1.00 34.32 ? 119 ALA A N   1 
ATOM   918  C  CA  . ALA A 1 119 ? 16.074  0.148   -8.447  1.00 32.77 ? 119 ALA A CA  1 
ATOM   919  C  C   . ALA A 1 119 ? 15.806  -1.352  -8.482  1.00 31.16 ? 119 ALA A C   1 
ATOM   920  O  O   . ALA A 1 119 ? 16.446  -2.121  -7.763  1.00 31.03 ? 119 ALA A O   1 
ATOM   921  C  CB  . ALA A 1 119 ? 17.306  0.482   -9.288  1.00 33.01 ? 119 ALA A CB  1 
ATOM   922  N  N   . GLY A 1 120 ? 14.866  -1.755  -9.330  1.00 28.90 ? 120 GLY A N   1 
ATOM   923  C  CA  . GLY A 1 120 ? 14.566  -3.160  -9.502  1.00 27.07 ? 120 GLY A CA  1 
ATOM   924  C  C   . GLY A 1 120 ? 13.082  -3.429  -9.640  1.00 25.64 ? 120 GLY A C   1 
ATOM   925  O  O   . GLY A 1 120 ? 12.240  -2.761  -9.034  1.00 25.02 ? 120 GLY A O   1 
ATOM   926  N  N   . LEU A 1 121 ? 12.765  -4.415  -10.456 1.00 24.73 ? 121 LEU A N   1 
ATOM   927  C  CA  . LEU A 1 121 ? 11.380  -4.755  -10.715 1.00 23.93 ? 121 LEU A CA  1 
ATOM   928  C  C   . LEU A 1 121 ? 10.814  -5.532  -9.538  1.00 23.10 ? 121 LEU A C   1 
ATOM   929  O  O   . LEU A 1 121 ? 11.491  -6.387  -8.948  1.00 22.69 ? 121 LEU A O   1 
ATOM   930  C  CB  . LEU A 1 121 ? 11.258  -5.533  -12.029 1.00 23.73 ? 121 LEU A CB  1 
ATOM   931  C  CG  . LEU A 1 121 ? 11.877  -4.831  -13.248 1.00 23.86 ? 121 LEU A CG  1 
ATOM   932  C  CD1 . LEU A 1 121 ? 11.764  -5.717  -14.481 1.00 23.59 ? 121 LEU A CD1 1 
ATOM   933  C  CD2 . LEU A 1 121 ? 11.252  -3.440  -13.513 1.00 23.47 ? 121 LEU A CD2 1 
ATOM   934  N  N   . VAL A 1 122 ? 9.578   -5.200  -9.182  1.00 22.74 ? 122 VAL A N   1 
ATOM   935  C  CA  . VAL A 1 122 ? 8.857   -5.916  -8.131  1.00 22.45 ? 122 VAL A CA  1 
ATOM   936  C  C   . VAL A 1 122 ? 7.678   -6.632  -8.797  1.00 22.21 ? 122 VAL A C   1 
ATOM   937  O  O   . VAL A 1 122 ? 6.660   -6.019  -9.128  1.00 21.83 ? 122 VAL A O   1 
ATOM   938  C  CB  . VAL A 1 122 ? 8.390   -4.966  -7.006  1.00 22.19 ? 122 VAL A CB  1 
ATOM   939  C  CG1 . VAL A 1 122 ? 7.638   -5.724  -5.906  1.00 22.25 ? 122 VAL A CG1 1 
ATOM   940  C  CG2 . VAL A 1 122 ? 9.583   -4.191  -6.427  1.00 21.83 ? 122 VAL A CG2 1 
ATOM   941  N  N   . HIS A 1 123 ? 7.839   -7.934  -9.001  1.00 21.82 ? 123 HIS A N   1 
ATOM   942  C  CA  . HIS A 1 123 ? 6.804   -8.734  -9.640  1.00 21.83 ? 123 HIS A CA  1 
ATOM   943  C  C   . HIS A 1 123 ? 5.713   -9.065  -8.652  1.00 21.33 ? 123 HIS A C   1 
ATOM   944  O  O   . HIS A 1 123 ? 5.978   -9.589  -7.581  1.00 21.46 ? 123 HIS A O   1 
ATOM   945  C  CB  . HIS A 1 123 ? 7.401   -10.006 -10.222 1.00 21.77 ? 123 HIS A CB  1 
ATOM   946  C  CG  . HIS A 1 123 ? 8.332   -9.742  -11.357 1.00 22.97 ? 123 HIS A CG  1 
ATOM   947  N  ND1 . HIS A 1 123 ? 9.690   -9.583  -11.181 1.00 24.23 ? 123 HIS A ND1 1 
ATOM   948  C  CD2 . HIS A 1 123 ? 8.093   -9.547  -12.674 1.00 23.95 ? 123 HIS A CD2 1 
ATOM   949  C  CE1 . HIS A 1 123 ? 10.255  -9.343  -12.353 1.00 25.42 ? 123 HIS A CE1 1 
ATOM   950  N  NE2 . HIS A 1 123 ? 9.306   -9.311  -13.273 1.00 25.58 ? 123 HIS A NE2 1 
ATOM   951  N  N   . ARG A 1 124 ? 4.494   -8.724  -9.030  1.00 20.89 ? 124 ARG A N   1 
ATOM   952  C  CA  . ARG A 1 124 ? 3.314   -8.926  -8.211  1.00 21.10 ? 124 ARG A CA  1 
ATOM   953  C  C   . ARG A 1 124 ? 2.305   -9.653  -9.088  1.00 20.92 ? 124 ARG A C   1 
ATOM   954  O  O   . ARG A 1 124 ? 2.578   -9.850  -10.273 1.00 20.88 ? 124 ARG A O   1 
ATOM   955  C  CB  . ARG A 1 124 ? 2.782   -7.558  -7.773  1.00 21.13 ? 124 ARG A CB  1 
ATOM   956  C  CG  . ARG A 1 124 ? 3.839   -6.750  -6.984  1.00 22.08 ? 124 ARG A CG  1 
ATOM   957  C  CD  . ARG A 1 124 ? 3.193   -5.870  -5.968  1.00 22.30 ? 124 ARG A CD  1 
ATOM   958  N  NE  . ARG A 1 124 ? 4.157   -5.102  -5.181  1.00 22.13 ? 124 ARG A NE  1 
ATOM   959  C  CZ  . ARG A 1 124 ? 4.591   -5.434  -3.968  1.00 22.62 ? 124 ARG A CZ  1 
ATOM   960  N  NH1 . ARG A 1 124 ? 5.448   -4.628  -3.339  1.00 21.78 ? 124 ARG A NH1 1 
ATOM   961  N  NH2 . ARG A 1 124 ? 4.172   -6.556  -3.376  1.00 20.68 ? 124 ARG A NH2 1 
ATOM   962  N  N   . HIS A 1 125 ? 1.166   -10.069 -8.531  1.00 20.19 ? 125 HIS A N   1 
ATOM   963  C  CA  . HIS A 1 125 ? 0.110   -10.673 -9.350  1.00 19.92 ? 125 HIS A CA  1 
ATOM   964  C  C   . HIS A 1 125 ? -0.612  -9.580  -10.106 1.00 19.96 ? 125 HIS A C   1 
ATOM   965  O  O   . HIS A 1 125 ? -0.901  -8.518  -9.541  1.00 19.70 ? 125 HIS A O   1 
ATOM   966  C  CB  . HIS A 1 125 ? -0.881  -11.477 -8.497  1.00 20.05 ? 125 HIS A CB  1 
ATOM   967  C  CG  . HIS A 1 125 ? -0.216  -12.392 -7.520  1.00 20.40 ? 125 HIS A CG  1 
ATOM   968  N  ND1 . HIS A 1 125 ? 0.570   -13.453 -7.916  1.00 20.75 ? 125 HIS A ND1 1 
ATOM   969  C  CD2 . HIS A 1 125 ? -0.196  -12.392 -6.167  1.00 21.05 ? 125 HIS A CD2 1 
ATOM   970  C  CE1 . HIS A 1 125 ? 1.047   -14.067 -6.848  1.00 21.37 ? 125 HIS A CE1 1 
ATOM   971  N  NE2 . HIS A 1 125 ? 0.602   -13.441 -5.776  1.00 22.93 ? 125 HIS A NE2 1 
ATOM   972  N  N   . ASN A 1 126 ? -0.900  -9.833  -11.382 1.00 19.78 ? 126 ASN A N   1 
ATOM   973  C  CA  . ASN A 1 126 ? -1.597  -8.857  -12.206 1.00 19.81 ? 126 ASN A CA  1 
ATOM   974  C  C   . ASN A 1 126 ? -3.031  -8.637  -11.750 1.00 19.80 ? 126 ASN A C   1 
ATOM   975  O  O   . ASN A 1 126 ? -3.540  -7.523  -11.825 1.00 19.26 ? 126 ASN A O   1 
ATOM   976  C  CB  . ASN A 1 126 ? -1.574  -9.243  -13.693 1.00 20.12 ? 126 ASN A CB  1 
ATOM   977  C  CG  . ASN A 1 126 ? -2.090  -8.117  -14.590 1.00 21.05 ? 126 ASN A CG  1 
ATOM   978  O  OD1 . ASN A 1 126 ? -1.758  -6.944  -14.390 1.00 23.38 ? 126 ASN A OD1 1 
ATOM   979  N  ND2 . ASN A 1 126 ? -2.924  -8.465  -15.558 1.00 22.09 ? 126 ASN A ND2 1 
ATOM   980  N  N   . ARG A 1 127 ? -3.672  -9.705  -11.280 1.00 20.12 ? 127 ARG A N   1 
ATOM   981  C  CA  . ARG A 1 127 ? -5.045  -9.631  -10.779 1.00 20.98 ? 127 ARG A CA  1 
ATOM   982  C  C   . ARG A 1 127 ? -5.128  -10.234 -9.393  1.00 19.86 ? 127 ARG A C   1 
ATOM   983  O  O   . ARG A 1 127 ? -4.507  -11.258 -9.116  1.00 19.67 ? 127 ARG A O   1 
ATOM   984  C  CB  . ARG A 1 127 ? -6.028  -10.393 -11.682 1.00 21.50 ? 127 ARG A CB  1 
ATOM   985  C  CG  . ARG A 1 127 ? -6.104  -9.887  -13.125 1.00 26.30 ? 127 ARG A CG  1 
ATOM   986  C  CD  . ARG A 1 127 ? -7.192  -10.654 -13.862 1.00 33.05 ? 127 ARG A CD  1 
ATOM   987  N  NE  . ARG A 1 127 ? -7.224  -10.368 -15.294 1.00 40.27 ? 127 ARG A NE  1 
ATOM   988  C  CZ  . ARG A 1 127 ? -8.079  -9.532  -15.885 1.00 43.17 ? 127 ARG A CZ  1 
ATOM   989  N  NH1 . ARG A 1 127 ? -8.026  -9.355  -17.201 1.00 44.11 ? 127 ARG A NH1 1 
ATOM   990  N  NH2 . ARG A 1 127 ? -8.983  -8.870  -15.169 1.00 44.47 ? 127 ARG A NH2 1 
ATOM   991  N  N   . ILE A 1 128 ? -5.920  -9.608  -8.535  1.00 19.12 ? 128 ILE A N   1 
ATOM   992  C  CA  . ILE A 1 128 ? -6.153  -10.132 -7.190  1.00 18.32 ? 128 ILE A CA  1 
ATOM   993  C  C   . ILE A 1 128 ? -7.598  -9.933  -6.783  1.00 17.90 ? 128 ILE A C   1 
ATOM   994  O  O   . ILE A 1 128 ? -8.277  -9.013  -7.255  1.00 17.29 ? 128 ILE A O   1 
ATOM   995  C  CB  . ILE A 1 128 ? -5.222  -9.470  -6.125  1.00 18.46 ? 128 ILE A CB  1 
ATOM   996  C  CG1 . ILE A 1 128 ? -5.486  -7.952  -6.017  1.00 17.63 ? 128 ILE A CG1 1 
ATOM   997  C  CG2 . ILE A 1 128 ? -3.746  -9.782  -6.418  1.00 17.72 ? 128 ILE A CG2 1 
ATOM   998  C  CD1 . ILE A 1 128 ? -4.663  -7.266  -4.908  1.00 15.71 ? 128 ILE A CD1 1 
ATOM   999  N  N   . THR A 1 129 ? -8.062  -10.813 -5.907  1.00 17.58 ? 129 THR A N   1 
ATOM   1000 C  CA  . THR A 1 129 ? -9.326  -10.614 -5.231  1.00 17.45 ? 129 THR A CA  1 
ATOM   1001 C  C   . THR A 1 129 ? -8.994  -10.475 -3.750  1.00 17.49 ? 129 THR A C   1 
ATOM   1002 O  O   . THR A 1 129 ? -8.273  -11.310 -3.177  1.00 16.91 ? 129 THR A O   1 
ATOM   1003 C  CB  . THR A 1 129 ? -10.306 -11.780 -5.488  1.00 17.81 ? 129 THR A CB  1 
ATOM   1004 O  OG1 . THR A 1 129 ? -10.572 -11.872 -6.893  1.00 17.93 ? 129 THR A OG1 1 
ATOM   1005 C  CG2 . THR A 1 129 ? -11.622 -11.568 -4.749  1.00 17.81 ? 129 THR A CG2 1 
ATOM   1006 N  N   . ILE A 1 130 ? -9.504  -9.403  -3.144  1.00 17.60 ? 130 ILE A N   1 
ATOM   1007 C  CA  . ILE A 1 130 ? -9.298  -9.140  -1.722  1.00 18.24 ? 130 ILE A CA  1 
ATOM   1008 C  C   . ILE A 1 130 ? -10.637 -9.220  -0.999  1.00 18.42 ? 130 ILE A C   1 
ATOM   1009 O  O   . ILE A 1 130 ? -11.635 -8.711  -1.494  1.00 18.07 ? 130 ILE A O   1 
ATOM   1010 C  CB  . ILE A 1 130 ? -8.681  -7.736  -1.479  1.00 18.25 ? 130 ILE A CB  1 
ATOM   1011 C  CG1 . ILE A 1 130 ? -7.220  -7.699  -1.948  1.00 18.82 ? 130 ILE A CG1 1 
ATOM   1012 C  CG2 . ILE A 1 130 ? -8.770  -7.328  0.013   1.00 17.23 ? 130 ILE A CG2 1 
ATOM   1013 C  CD1 . ILE A 1 130 ? -6.641  -6.278  -1.982  1.00 19.40 ? 130 ILE A CD1 1 
ATOM   1014 N  N   . LYS A 1 131 ? -10.657 -9.894  0.146   1.00 18.61 ? 131 LYS A N   1 
ATOM   1015 C  CA  . LYS A 1 131 ? -11.768 -9.743  1.075   1.00 19.60 ? 131 LYS A CA  1 
ATOM   1016 C  C   . LYS A 1 131 ? -11.277 -8.947  2.261   1.00 19.19 ? 131 LYS A C   1 
ATOM   1017 O  O   . LYS A 1 131 ? -10.163 -9.161  2.749   1.00 19.73 ? 131 LYS A O   1 
ATOM   1018 C  CB  . LYS A 1 131 ? -12.319 -11.089 1.536   1.00 20.27 ? 131 LYS A CB  1 
ATOM   1019 C  CG  . LYS A 1 131 ? -13.084 -11.845 0.465   1.00 22.59 ? 131 LYS A CG  1 
ATOM   1020 C  CD  . LYS A 1 131 ? -13.685 -13.106 1.081   1.00 27.72 ? 131 LYS A CD  1 
ATOM   1021 C  CE  . LYS A 1 131 ? -14.362 -13.957 0.029   1.00 30.66 ? 131 LYS A CE  1 
ATOM   1022 N  NZ  . LYS A 1 131 ? -15.153 -15.052 0.680   1.00 34.03 ? 131 LYS A NZ  1 
ATOM   1023 N  N   . ALA A 1 132 ? -12.108 -8.022  2.721   1.00 19.13 ? 132 ALA A N   1 
ATOM   1024 C  CA  . ALA A 1 132 ? -11.745 -7.182  3.857   1.00 19.20 ? 132 ALA A CA  1 
ATOM   1025 C  C   . ALA A 1 132 ? -12.996 -6.750  4.598   1.00 18.76 ? 132 ALA A C   1 
ATOM   1026 O  O   . ALA A 1 132 ? -14.111 -7.072  4.194   1.00 18.75 ? 132 ALA A O   1 
ATOM   1027 C  CB  . ALA A 1 132 ? -10.948 -5.944  3.386   1.00 18.13 ? 132 ALA A CB  1 
ATOM   1028 N  N   . LYS A 1 133 ? -12.797 -6.052  5.705   1.00 19.05 ? 133 LYS A N   1 
ATOM   1029 C  CA  . LYS A 1 133 ? -13.883 -5.324  6.351   1.00 19.97 ? 133 LYS A CA  1 
ATOM   1030 C  C   . LYS A 1 133 ? -13.651 -3.858  6.055   1.00 19.49 ? 133 LYS A C   1 
ATOM   1031 O  O   . LYS A 1 133 ? -12.532 -3.469  5.747   1.00 19.99 ? 133 LYS A O   1 
ATOM   1032 C  CB  . LYS A 1 133 ? -13.873 -5.547  7.857   1.00 20.09 ? 133 LYS A CB  1 
ATOM   1033 C  CG  . LYS A 1 133 ? -13.973 -7.008  8.261   1.00 22.68 ? 133 LYS A CG  1 
ATOM   1034 C  CD  . LYS A 1 133 ? -15.358 -7.557  7.989   1.00 24.23 ? 133 LYS A CD  1 
ATOM   1035 C  CE  . LYS A 1 133 ? -15.479 -8.956  8.576   1.00 26.34 ? 133 LYS A CE  1 
ATOM   1036 N  NZ  . LYS A 1 133 ? -16.865 -9.425  8.472   1.00 28.25 ? 133 LYS A NZ  1 
ATOM   1037 N  N   . ASP A 1 134 ? -14.693 -3.046  6.128   1.00 19.34 ? 134 ASP A N   1 
ATOM   1038 C  CA  . ASP A 1 134 ? -14.468 -1.612  6.105   1.00 19.73 ? 134 ASP A CA  1 
ATOM   1039 C  C   . ASP A 1 134 ? -14.400 -1.054  7.546   1.00 20.13 ? 134 ASP A C   1 
ATOM   1040 O  O   . ASP A 1 134 ? -14.395 -1.815  8.523   1.00 19.91 ? 134 ASP A O   1 
ATOM   1041 C  CB  . ASP A 1 134 ? -15.479 -0.877  5.207   1.00 19.65 ? 134 ASP A CB  1 
ATOM   1042 C  CG  . ASP A 1 134 ? -16.887 -0.861  5.767   1.00 19.98 ? 134 ASP A CG  1 
ATOM   1043 O  OD1 . ASP A 1 134 ? -17.109 -1.257  6.929   1.00 20.37 ? 134 ASP A OD1 1 
ATOM   1044 O  OD2 . ASP A 1 134 ? -17.794 -0.435  5.026   1.00 21.40 ? 134 ASP A OD2 1 
ATOM   1045 N  N   . ILE A 1 135 ? -14.342 0.264   7.661   1.00 20.43 ? 135 ILE A N   1 
ATOM   1046 C  CA  . ILE A 1 135 ? -14.159 0.932   8.945   1.00 21.02 ? 135 ILE A CA  1 
ATOM   1047 C  C   . ILE A 1 135 ? -15.322 0.660   9.908   1.00 21.04 ? 135 ILE A C   1 
ATOM   1048 O  O   . ILE A 1 135 ? -15.149 0.668   11.130  1.00 21.18 ? 135 ILE A O   1 
ATOM   1049 C  CB  . ILE A 1 135 ? -13.904 2.448   8.723   1.00 21.56 ? 135 ILE A CB  1 
ATOM   1050 C  CG1 . ILE A 1 135 ? -13.370 3.117   9.991   1.00 22.25 ? 135 ILE A CG1 1 
ATOM   1051 C  CG2 . ILE A 1 135 ? -15.147 3.165   8.114   1.00 20.35 ? 135 ILE A CG2 1 
ATOM   1052 C  CD1 . ILE A 1 135 ? -12.670 4.432   9.701   1.00 21.53 ? 135 ILE A CD1 1 
ATOM   1053 N  N   . GLU A 1 136 ? -16.496 0.382   9.348   1.00 20.90 ? 136 GLU A N   1 
ATOM   1054 C  CA  . GLU A 1 136 ? -17.670 0.059   10.148  1.00 20.62 ? 136 GLU A CA  1 
ATOM   1055 C  C   . GLU A 1 136 ? -17.880 -1.432  10.308  1.00 20.52 ? 136 GLU A C   1 
ATOM   1056 O  O   . GLU A 1 136 ? -18.932 -1.869  10.784  1.00 20.38 ? 136 GLU A O   1 
ATOM   1057 C  CB  . GLU A 1 136 ? -18.919 0.732   9.554   1.00 20.97 ? 136 GLU A CB  1 
ATOM   1058 C  CG  . GLU A 1 136 ? -18.923 2.247   9.820   1.00 22.13 ? 136 GLU A CG  1 
ATOM   1059 C  CD  . GLU A 1 136 ? -18.884 2.548   11.318  1.00 23.48 ? 136 GLU A CD  1 
ATOM   1060 O  OE1 . GLU A 1 136 ? -19.584 1.842   12.077  1.00 23.76 ? 136 GLU A OE1 1 
ATOM   1061 O  OE2 . GLU A 1 136 ? -18.150 3.466   11.734  1.00 23.35 ? 136 GLU A OE2 1 
ATOM   1062 N  N   . GLY A 1 137 ? -16.888 -2.223  9.897   1.00 20.15 ? 137 GLY A N   1 
ATOM   1063 C  CA  . GLY A 1 137 ? -16.993 -3.672  10.029  1.00 20.48 ? 137 GLY A CA  1 
ATOM   1064 C  C   . GLY A 1 137 ? -17.912 -4.325  9.005   1.00 20.71 ? 137 GLY A C   1 
ATOM   1065 O  O   . GLY A 1 137 ? -18.299 -5.481  9.174   1.00 20.45 ? 137 GLY A O   1 
ATOM   1066 N  N   . ASN A 1 138 ? -18.276 -3.591  7.953   1.00 20.35 ? 138 ASN A N   1 
ATOM   1067 C  CA  . ASN A 1 138 ? -19.046 -4.181  6.852   1.00 20.73 ? 138 ASN A CA  1 
ATOM   1068 C  C   . ASN A 1 138 ? -18.121 -4.914  5.867   1.00 20.93 ? 138 ASN A C   1 
ATOM   1069 O  O   . ASN A 1 138 ? -16.914 -4.712  5.896   1.00 20.59 ? 138 ASN A O   1 
ATOM   1070 C  CB  . ASN A 1 138 ? -19.929 -3.128  6.170   1.00 20.09 ? 138 ASN A CB  1 
ATOM   1071 C  CG  . ASN A 1 138 ? -21.035 -2.623  7.092   1.00 20.57 ? 138 ASN A CG  1 
ATOM   1072 O  OD1 . ASN A 1 138 ? -21.775 -3.416  7.679   1.00 19.00 ? 138 ASN A OD1 1 
ATOM   1073 N  ND2 . ASN A 1 138 ? -21.150 -1.304  7.224   1.00 20.19 ? 138 ASN A ND2 1 
ATOM   1074 N  N   . ASP A 1 139 ? -18.685 -5.777  5.023   1.00 21.71 ? 139 ASP A N   1 
ATOM   1075 C  CA  . ASP A 1 139 ? -17.872 -6.660  4.173   1.00 22.67 ? 139 ASP A CA  1 
ATOM   1076 C  C   . ASP A 1 139 ? -17.585 -6.042  2.809   1.00 23.22 ? 139 ASP A C   1 
ATOM   1077 O  O   . ASP A 1 139 ? -18.490 -5.524  2.163   1.00 23.55 ? 139 ASP A O   1 
ATOM   1078 C  CB  . ASP A 1 139 ? -18.558 -8.017  3.982   1.00 22.54 ? 139 ASP A CB  1 
ATOM   1079 C  CG  . ASP A 1 139 ? -18.878 -8.706  5.297   1.00 23.98 ? 139 ASP A CG  1 
ATOM   1080 O  OD1 . ASP A 1 139 ? -18.169 -8.485  6.302   1.00 24.69 ? 139 ASP A OD1 1 
ATOM   1081 O  OD2 . ASP A 1 139 ? -19.861 -9.464  5.321   1.00 26.14 ? 139 ASP A OD2 1 
ATOM   1082 N  N   . ILE A 1 140 ? -16.322 -6.095  2.389   1.00 23.48 ? 140 ILE A N   1 
ATOM   1083 C  CA  . ILE A 1 140 ? -15.919 -5.614  1.067   1.00 24.39 ? 140 ILE A CA  1 
ATOM   1084 C  C   . ILE A 1 140 ? -15.163 -6.727  0.352   1.00 23.38 ? 140 ILE A C   1 
ATOM   1085 O  O   . ILE A 1 140 ? -14.290 -7.366  0.938   1.00 23.36 ? 140 ILE A O   1 
ATOM   1086 C  CB  . ILE A 1 140 ? -14.964 -4.379  1.120   1.00 24.93 ? 140 ILE A CB  1 
ATOM   1087 C  CG1 . ILE A 1 140 ? -15.320 -3.409  2.255   1.00 27.80 ? 140 ILE A CG1 1 
ATOM   1088 C  CG2 . ILE A 1 140 ? -14.915 -3.661  -0.252  1.00 25.82 ? 140 ILE A CG2 1 
ATOM   1089 C  CD1 . ILE A 1 140 ? -16.653 -2.620  2.077   1.00 29.32 ? 140 ILE A CD1 1 
ATOM   1090 N  N   . GLN A 1 141 ? -15.499 -6.961  -0.907  1.00 23.06 ? 141 GLN A N   1 
ATOM   1091 C  CA  . GLN A 1 141 ? -14.659 -7.801  -1.755  1.00 23.01 ? 141 GLN A CA  1 
ATOM   1092 C  C   . GLN A 1 141 ? -14.230 -7.019  -3.002  1.00 21.98 ? 141 GLN A C   1 
ATOM   1093 O  O   . GLN A 1 141 ? -15.061 -6.509  -3.742  1.00 21.40 ? 141 GLN A O   1 
ATOM   1094 C  CB  . GLN A 1 141 ? -15.364 -9.108  -2.115  1.00 23.45 ? 141 GLN A CB  1 
ATOM   1095 C  CG  . GLN A 1 141 ? -14.462 -10.134 -2.787  1.00 26.91 ? 141 GLN A CG  1 
ATOM   1096 C  CD  . GLN A 1 141 ? -15.154 -11.484 -3.003  1.00 32.32 ? 141 GLN A CD  1 
ATOM   1097 O  OE1 . GLN A 1 141 ? -15.218 -11.989 -4.119  1.00 34.91 ? 141 GLN A OE1 1 
ATOM   1098 N  NE2 . GLN A 1 141 ? -15.695 -12.054 -1.933  1.00 35.94 ? 141 GLN A NE2 1 
ATOM   1099 N  N   . LEU A 1 142 ? -12.923 -6.908  -3.205  1.00 21.10 ? 142 LEU A N   1 
ATOM   1100 C  CA  . LEU A 1 142 ? -12.397 -6.139  -4.336  1.00 20.70 ? 142 LEU A CA  1 
ATOM   1101 C  C   . LEU A 1 142 ? -11.797 -7.059  -5.382  1.00 20.11 ? 142 LEU A C   1 
ATOM   1102 O  O   . LEU A 1 142 ? -11.068 -7.999  -5.052  1.00 19.50 ? 142 LEU A O   1 
ATOM   1103 C  CB  . LEU A 1 142 ? -11.330 -5.135  -3.879  1.00 20.71 ? 142 LEU A CB  1 
ATOM   1104 C  CG  . LEU A 1 142 ? -11.724 -4.056  -2.853  1.00 21.56 ? 142 LEU A CG  1 
ATOM   1105 C  CD1 . LEU A 1 142 ? -11.686 -4.637  -1.452  1.00 23.16 ? 142 LEU A CD1 1 
ATOM   1106 C  CD2 . LEU A 1 142 ? -10.742 -2.904  -2.934  1.00 21.84 ? 142 LEU A CD2 1 
ATOM   1107 N  N   . ARG A 1 143 ? -12.097 -6.764  -6.635  1.00 19.19 ? 143 ARG A N   1 
ATOM   1108 C  CA  . ARG A 1 143 ? -11.431 -7.399  -7.762  1.00 20.26 ? 143 ARG A CA  1 
ATOM   1109 C  C   . ARG A 1 143 ? -10.584 -6.327  -8.432  1.00 20.06 ? 143 ARG A C   1 
ATOM   1110 O  O   . ARG A 1 143 ? -11.107 -5.321  -8.924  1.00 19.53 ? 143 ARG A O   1 
ATOM   1111 C  CB  . ARG A 1 143 ? -12.455 -8.009  -8.731  1.00 19.81 ? 143 ARG A CB  1 
ATOM   1112 C  CG  . ARG A 1 143 ? -13.141 -9.278  -8.171  1.00 21.38 ? 143 ARG A CG  1 
ATOM   1113 C  CD  . ARG A 1 143 ? -14.435 -9.618  -8.930  1.00 22.69 ? 143 ARG A CD  1 
ATOM   1114 N  NE  . ARG A 1 143 ? -15.427 -8.556  -8.746  1.00 23.96 ? 143 ARG A NE  1 
ATOM   1115 C  CZ  . ARG A 1 143 ? -16.339 -8.525  -7.777  1.00 24.14 ? 143 ARG A CZ  1 
ATOM   1116 N  NH1 . ARG A 1 143 ? -16.433 -9.519  -6.892  1.00 23.13 ? 143 ARG A NH1 1 
ATOM   1117 N  NH2 . ARG A 1 143 ? -17.171 -7.500  -7.703  1.00 24.87 ? 143 ARG A NH2 1 
ATOM   1118 N  N   . LEU A 1 144 ? -9.272  -6.538  -8.407  1.00 20.13 ? 144 LEU A N   1 
ATOM   1119 C  CA  . LEU A 1 144 ? -8.312  -5.529  -8.831  1.00 20.18 ? 144 LEU A CA  1 
ATOM   1120 C  C   . LEU A 1 144 ? -7.400  -6.081  -9.908  1.00 20.60 ? 144 LEU A C   1 
ATOM   1121 O  O   . LEU A 1 144 ? -7.038  -7.258  -9.886  1.00 20.14 ? 144 LEU A O   1 
ATOM   1122 C  CB  . LEU A 1 144 ? -7.478  -5.050  -7.634  1.00 19.75 ? 144 LEU A CB  1 
ATOM   1123 C  CG  . LEU A 1 144 ? -8.322  -4.499  -6.469  1.00 20.62 ? 144 LEU A CG  1 
ATOM   1124 C  CD1 . LEU A 1 144 ? -7.584  -4.565  -5.142  1.00 20.18 ? 144 LEU A CD1 1 
ATOM   1125 C  CD2 . LEU A 1 144 ? -8.783  -3.076  -6.754  1.00 20.66 ? 144 LEU A CD2 1 
ATOM   1126 N  N   . LYS A 1 145 ? -7.016  -5.206  -10.830 1.00 20.98 ? 145 LYS A N   1 
ATOM   1127 C  CA  . LYS A 1 145 ? -6.147  -5.570  -11.925 1.00 22.62 ? 145 LYS A CA  1 
ATOM   1128 C  C   . LYS A 1 145 ? -5.087  -4.485  -12.115 1.00 22.28 ? 145 LYS A C   1 
ATOM   1129 O  O   . LYS A 1 145 ? -5.383  -3.299  -12.004 1.00 22.78 ? 145 LYS A O   1 
ATOM   1130 C  CB  . LYS A 1 145 ? -6.990  -5.730  -13.193 1.00 23.09 ? 145 LYS A CB  1 
ATOM   1131 C  CG  . LYS A 1 145 ? -6.215  -6.000  -14.476 1.00 26.94 ? 145 LYS A CG  1 
ATOM   1132 C  CD  . LYS A 1 145 ? -7.192  -5.886  -15.670 1.00 32.43 ? 145 LYS A CD  1 
ATOM   1133 C  CE  . LYS A 1 145 ? -6.473  -5.750  -17.014 1.00 36.35 ? 145 LYS A CE  1 
ATOM   1134 N  NZ  . LYS A 1 145 ? -5.980  -7.069  -17.492 1.00 37.00 ? 145 LYS A NZ  1 
ATOM   1135 N  N   . GLY A 1 146 ? -3.862  -4.890  -12.416 1.00 21.87 ? 146 GLY A N   1 
ATOM   1136 C  CA  . GLY A 1 146 ? -2.835  -3.947  -12.837 1.00 22.17 ? 146 GLY A CA  1 
ATOM   1137 C  C   . GLY A 1 146 ? -2.367  -3.048  -11.708 1.00 22.20 ? 146 GLY A C   1 
ATOM   1138 O  O   . GLY A 1 146 ? -2.069  -3.521  -10.609 1.00 21.72 ? 146 GLY A O   1 
ATOM   1139 N  N   . TYR A 1 147 ? -2.333  -1.744  -11.976 1.00 22.40 ? 147 TYR A N   1 
ATOM   1140 C  CA  . TYR A 1 147 ? -1.767  -0.781  -11.035 1.00 22.33 ? 147 TYR A CA  1 
ATOM   1141 C  C   . TYR A 1 147 ? -2.388  -0.848  -9.625  1.00 21.72 ? 147 TYR A C   1 
ATOM   1142 O  O   . TYR A 1 147 ? -1.662  -0.961  -8.641  1.00 21.53 ? 147 TYR A O   1 
ATOM   1143 C  CB  . TYR A 1 147 ? -1.812  0.656   -11.606 1.00 22.76 ? 147 TYR A CB  1 
ATOM   1144 C  CG  . TYR A 1 147 ? -1.195  1.663   -10.662 1.00 22.94 ? 147 TYR A CG  1 
ATOM   1145 C  CD1 . TYR A 1 147 ? 0.176   1.691   -10.447 1.00 24.28 ? 147 TYR A CD1 1 
ATOM   1146 C  CD2 . TYR A 1 147 ? -1.992  2.562   -9.957  1.00 24.74 ? 147 TYR A CD2 1 
ATOM   1147 C  CE1 . TYR A 1 147 ? 0.753   2.597   -9.549  1.00 24.75 ? 147 TYR A CE1 1 
ATOM   1148 C  CE2 . TYR A 1 147 ? -1.430  3.476   -9.065  1.00 24.52 ? 147 TYR A CE2 1 
ATOM   1149 C  CZ  . TYR A 1 147 ? -0.065  3.490   -8.872  1.00 25.05 ? 147 TYR A CZ  1 
ATOM   1150 O  OH  . TYR A 1 147 ? 0.479   4.386   -7.986  1.00 27.23 ? 147 TYR A OH  1 
ATOM   1151 N  N   . PRO A 1 148 ? -3.728  -0.765  -9.519  1.00 21.52 ? 148 PRO A N   1 
ATOM   1152 C  CA  . PRO A 1 148 ? -4.315  -0.891  -8.170  1.00 21.10 ? 148 PRO A CA  1 
ATOM   1153 C  C   . PRO A 1 148 ? -4.021  -2.237  -7.489  1.00 20.70 ? 148 PRO A C   1 
ATOM   1154 O  O   . PRO A 1 148 ? -3.813  -2.279  -6.273  1.00 20.47 ? 148 PRO A O   1 
ATOM   1155 C  CB  . PRO A 1 148 ? -5.815  -0.727  -8.411  1.00 21.04 ? 148 PRO A CB  1 
ATOM   1156 C  CG  . PRO A 1 148 ? -6.001  -0.950  -9.918  1.00 22.33 ? 148 PRO A CG  1 
ATOM   1157 C  CD  . PRO A 1 148 ? -4.742  -0.428  -10.536 1.00 21.17 ? 148 PRO A CD  1 
ATOM   1158 N  N   . ALA A 1 149 ? -3.997  -3.319  -8.267  1.00 19.73 ? 149 ALA A N   1 
ATOM   1159 C  CA  . ALA A 1 149 ? -3.593  -4.618  -7.736  1.00 19.46 ? 149 ALA A CA  1 
ATOM   1160 C  C   . ALA A 1 149 ? -2.197  -4.525  -7.120  1.00 18.77 ? 149 ALA A C   1 
ATOM   1161 O  O   . ALA A 1 149 ? -1.943  -5.044  -6.032  1.00 18.66 ? 149 ALA A O   1 
ATOM   1162 C  CB  . ALA A 1 149 ? -3.645  -5.701  -8.837  1.00 18.90 ? 149 ALA A CB  1 
ATOM   1163 N  N   . ILE A 1 150 ? -1.292  -3.860  -7.825  1.00 18.18 ? 150 ILE A N   1 
ATOM   1164 C  CA  . ILE A 1 150 ? 0.076   -3.710  -7.355  1.00 17.84 ? 150 ILE A CA  1 
ATOM   1165 C  C   . ILE A 1 150 ? 0.112   -2.916  -6.037  1.00 17.77 ? 150 ILE A C   1 
ATOM   1166 O  O   . ILE A 1 150 ? 0.792   -3.309  -5.090  1.00 17.63 ? 150 ILE A O   1 
ATOM   1167 C  CB  . ILE A 1 150 ? 0.959   -3.068  -8.457  1.00 18.00 ? 150 ILE A CB  1 
ATOM   1168 C  CG1 . ILE A 1 150 ? 1.256   -4.113  -9.560  1.00 17.95 ? 150 ILE A CG1 1 
ATOM   1169 C  CG2 . ILE A 1 150 ? 2.240   -2.496  -7.874  1.00 17.58 ? 150 ILE A CG2 1 
ATOM   1170 C  CD1 . ILE A 1 150 ? 1.844   -3.531  -10.851 1.00 18.44 ? 150 ILE A CD1 1 
ATOM   1171 N  N   . VAL A 1 151 ? -0.646  -1.823  -5.987  1.00 17.54 ? 151 VAL A N   1 
ATOM   1172 C  CA  . VAL A 1 151 ? -0.649  -0.938  -4.838  1.00 17.98 ? 151 VAL A CA  1 
ATOM   1173 C  C   . VAL A 1 151 ? -1.156  -1.670  -3.583  1.00 18.05 ? 151 VAL A C   1 
ATOM   1174 O  O   . VAL A 1 151 ? -0.548  -1.564  -2.527  1.00 17.35 ? 151 VAL A O   1 
ATOM   1175 C  CB  . VAL A 1 151 ? -1.499  0.348   -5.089  1.00 18.01 ? 151 VAL A CB  1 
ATOM   1176 C  CG1 . VAL A 1 151 ? -1.686  1.127   -3.772  1.00 18.07 ? 151 VAL A CG1 1 
ATOM   1177 C  CG2 . VAL A 1 151 ? -0.829  1.231   -6.135  1.00 17.45 ? 151 VAL A CG2 1 
ATOM   1178 N  N   . PHE A 1 152 ? -2.267  -2.399  -3.722  1.00 17.60 ? 152 PHE A N   1 
ATOM   1179 C  CA  . PHE A 1 152 ? -2.840  -3.142  -2.602  1.00 18.20 ? 152 PHE A CA  1 
ATOM   1180 C  C   . PHE A 1 152 ? -1.907  -4.259  -2.129  1.00 18.43 ? 152 PHE A C   1 
ATOM   1181 O  O   . PHE A 1 152 ? -1.807  -4.505  -0.930  1.00 18.92 ? 152 PHE A O   1 
ATOM   1182 C  CB  . PHE A 1 152 ? -4.227  -3.711  -2.945  1.00 17.85 ? 152 PHE A CB  1 
ATOM   1183 C  CG  . PHE A 1 152 ? -5.354  -2.724  -2.789  1.00 18.29 ? 152 PHE A CG  1 
ATOM   1184 C  CD1 . PHE A 1 152 ? -5.725  -1.896  -3.848  1.00 19.63 ? 152 PHE A CD1 1 
ATOM   1185 C  CD2 . PHE A 1 152 ? -6.063  -2.632  -1.586  1.00 18.14 ? 152 PHE A CD2 1 
ATOM   1186 C  CE1 . PHE A 1 152 ? -6.790  -0.981  -3.719  1.00 20.51 ? 152 PHE A CE1 1 
ATOM   1187 C  CE2 . PHE A 1 152 ? -7.122  -1.723  -1.440  1.00 18.42 ? 152 PHE A CE2 1 
ATOM   1188 C  CZ  . PHE A 1 152 ? -7.494  -0.900  -2.506  1.00 19.69 ? 152 PHE A CZ  1 
ATOM   1189 N  N   . GLN A 1 153 ? -1.220  -4.923  -3.059  1.00 18.29 ? 153 GLN A N   1 
ATOM   1190 C  CA  . GLN A 1 153 ? -0.251  -5.941  -2.676  1.00 18.87 ? 153 GLN A CA  1 
ATOM   1191 C  C   . GLN A 1 153 ? 0.924   -5.348  -1.890  1.00 19.42 ? 153 GLN A C   1 
ATOM   1192 O  O   . GLN A 1 153 ? 1.416   -5.955  -0.933  1.00 18.75 ? 153 GLN A O   1 
ATOM   1193 C  CB  . GLN A 1 153 ? 0.241   -6.726  -3.891  1.00 18.73 ? 153 GLN A CB  1 
ATOM   1194 C  CG  . GLN A 1 153 ? -0.821  -7.645  -4.503  1.00 18.91 ? 153 GLN A CG  1 
ATOM   1195 C  CD  . GLN A 1 153 ? -0.386  -8.205  -5.850  1.00 18.97 ? 153 GLN A CD  1 
ATOM   1196 O  OE1 . GLN A 1 153 ? 0.380   -9.174  -5.911  1.00 19.31 ? 153 GLN A OE1 1 
ATOM   1197 N  NE2 . GLN A 1 153 ? -0.857  -7.584  -6.937  1.00 16.42 ? 153 GLN A NE2 1 
ATOM   1198 N  N   . HIS A 1 154 ? 1.351   -4.152  -2.291  1.00 19.49 ? 154 HIS A N   1 
ATOM   1199 C  CA  . HIS A 1 154 ? 2.415   -3.431  -1.598  1.00 19.89 ? 154 HIS A CA  1 
ATOM   1200 C  C   . HIS A 1 154 ? 1.977   -3.157  -0.145  1.00 19.74 ? 154 HIS A C   1 
ATOM   1201 O  O   . HIS A 1 154 ? 2.714   -3.452  0.790   1.00 19.38 ? 154 HIS A O   1 
ATOM   1202 C  CB  . HIS A 1 154 ? 2.743   -2.144  -2.388  1.00 19.90 ? 154 HIS A CB  1 
ATOM   1203 C  CG  . HIS A 1 154 ? 3.838   -1.306  -1.802  1.00 20.45 ? 154 HIS A CG  1 
ATOM   1204 N  ND1 . HIS A 1 154 ? 5.055   -1.130  -2.426  1.00 20.63 ? 154 HIS A ND1 1 
ATOM   1205 C  CD2 . HIS A 1 154 ? 3.874   -0.532  -0.691  1.00 20.81 ? 154 HIS A CD2 1 
ATOM   1206 C  CE1 . HIS A 1 154 ? 5.806   -0.311  -1.712  1.00 21.01 ? 154 HIS A CE1 1 
ATOM   1207 N  NE2 . HIS A 1 154 ? 5.111   0.072   -0.656  1.00 21.80 ? 154 HIS A NE2 1 
ATOM   1208 N  N   . GLU A 1 155 ? 0.760   -2.644  0.031   1.00 19.82 ? 155 GLU A N   1 
ATOM   1209 C  CA  . GLU A 1 155 ? 0.204   -2.371  1.358   1.00 20.08 ? 155 GLU A CA  1 
ATOM   1210 C  C   . GLU A 1 155 ? 0.014   -3.594  2.246   1.00 20.38 ? 155 GLU A C   1 
ATOM   1211 O  O   . GLU A 1 155 ? 0.394   -3.579  3.426   1.00 19.87 ? 155 GLU A O   1 
ATOM   1212 C  CB  . GLU A 1 155 ? -1.117  -1.611  1.259   1.00 19.79 ? 155 GLU A CB  1 
ATOM   1213 C  CG  . GLU A 1 155 ? -0.984  -0.207  0.693   1.00 20.52 ? 155 GLU A CG  1 
ATOM   1214 C  CD  . GLU A 1 155 ? 0.284   0.507   1.148   1.00 22.13 ? 155 GLU A CD  1 
ATOM   1215 O  OE1 . GLU A 1 155 ? 0.616   0.497   2.361   1.00 19.88 ? 155 GLU A OE1 1 
ATOM   1216 O  OE2 . GLU A 1 155 ? 0.950   1.095   0.270   1.00 25.27 ? 155 GLU A OE2 1 
ATOM   1217 N  N   . ILE A 1 156 ? -0.580  -4.643  1.685   1.00 20.47 ? 156 ILE A N   1 
ATOM   1218 C  CA  . ILE A 1 156 ? -0.765  -5.883  2.424   1.00 20.88 ? 156 ILE A CA  1 
ATOM   1219 C  C   . ILE A 1 156 ? 0.588   -6.477  2.835   1.00 21.02 ? 156 ILE A C   1 
ATOM   1220 O  O   . ILE A 1 156 ? 0.742   -6.951  3.963   1.00 20.56 ? 156 ILE A O   1 
ATOM   1221 C  CB  . ILE A 1 156 ? -1.668  -6.888  1.656   1.00 21.33 ? 156 ILE A CB  1 
ATOM   1222 C  CG1 . ILE A 1 156 ? -3.080  -6.313  1.560   1.00 21.21 ? 156 ILE A CG1 1 
ATOM   1223 C  CG2 . ILE A 1 156 ? -1.673  -8.273  2.357   1.00 20.95 ? 156 ILE A CG2 1 
ATOM   1224 C  CD1 . ILE A 1 156 ? -4.010  -7.014  0.568   1.00 22.77 ? 156 ILE A CD1 1 
ATOM   1225 N  N   . ASP A 1 157 ? 1.574   -6.407  1.940   1.00 21.21 ? 157 ASP A N   1 
ATOM   1226 C  CA  . ASP A 1 157 ? 2.949   -6.805  2.274   1.00 21.34 ? 157 ASP A CA  1 
ATOM   1227 C  C   . ASP A 1 157 ? 3.422   -6.195  3.603   1.00 21.65 ? 157 ASP A C   1 
ATOM   1228 O  O   . ASP A 1 157 ? 4.038   -6.889  4.427   1.00 21.47 ? 157 ASP A O   1 
ATOM   1229 C  CB  . ASP A 1 157 ? 3.923   -6.431  1.147   1.00 21.14 ? 157 ASP A CB  1 
ATOM   1230 C  CG  . ASP A 1 157 ? 4.131   -7.557  0.136   1.00 22.38 ? 157 ASP A CG  1 
ATOM   1231 O  OD1 . ASP A 1 157 ? 3.464   -8.606  0.251   1.00 23.11 ? 157 ASP A OD1 1 
ATOM   1232 O  OD2 . ASP A 1 157 ? 4.969   -7.395  -0.784  1.00 22.05 ? 157 ASP A OD2 1 
ATOM   1233 N  N   . HIS A 1 158 ? 3.127   -4.907  3.809   1.00 21.33 ? 158 HIS A N   1 
ATOM   1234 C  CA  . HIS A 1 158 ? 3.504   -4.222  5.051   1.00 21.49 ? 158 HIS A CA  1 
ATOM   1235 C  C   . HIS A 1 158 ? 2.948   -4.892  6.303   1.00 22.04 ? 158 HIS A C   1 
ATOM   1236 O  O   . HIS A 1 158 ? 3.605   -4.895  7.346   1.00 22.49 ? 158 HIS A O   1 
ATOM   1237 C  CB  . HIS A 1 158 ? 3.045   -2.771  5.044   1.00 21.06 ? 158 HIS A CB  1 
ATOM   1238 C  CG  . HIS A 1 158 ? 3.985   -1.855  4.340   1.00 20.40 ? 158 HIS A CG  1 
ATOM   1239 N  ND1 . HIS A 1 158 ? 5.333   -1.815  4.618   1.00 20.01 ? 158 HIS A ND1 1 
ATOM   1240 C  CD2 . HIS A 1 158 ? 3.773   -0.948  3.359   1.00 18.96 ? 158 HIS A CD2 1 
ATOM   1241 C  CE1 . HIS A 1 158 ? 5.913   -0.924  3.830   1.00 19.61 ? 158 HIS A CE1 1 
ATOM   1242 N  NE2 . HIS A 1 158 ? 4.985   -0.385  3.061   1.00 19.32 ? 158 HIS A NE2 1 
ATOM   1243 N  N   . LEU A 1 159 ? 1.737   -5.438  6.188   1.00 21.99 ? 159 LEU A N   1 
ATOM   1244 C  CA  . LEU A 1 159 ? 1.063   -6.115  7.296   1.00 22.11 ? 159 LEU A CA  1 
ATOM   1245 C  C   . LEU A 1 159 ? 1.707   -7.457  7.640   1.00 22.38 ? 159 LEU A C   1 
ATOM   1246 O  O   . LEU A 1 159 ? 1.503   -7.984  8.733   1.00 21.79 ? 159 LEU A O   1 
ATOM   1247 C  CB  . LEU A 1 159 ? -0.424  -6.307  6.988   1.00 22.14 ? 159 LEU A CB  1 
ATOM   1248 C  CG  . LEU A 1 159 ? -1.216  -5.073  6.526   1.00 22.20 ? 159 LEU A CG  1 
ATOM   1249 C  CD1 . LEU A 1 159 ? -2.662  -5.445  6.249   1.00 21.39 ? 159 LEU A CD1 1 
ATOM   1250 C  CD2 . LEU A 1 159 ? -1.124  -3.905  7.521   1.00 20.92 ? 159 LEU A CD2 1 
ATOM   1251 N  N   . ASN A 1 160 ? 2.477   -7.997  6.694   1.00 22.67 ? 160 ASN A N   1 
ATOM   1252 C  CA  . ASN A 1 160 ? 3.230   -9.238  6.884   1.00 23.23 ? 160 ASN A CA  1 
ATOM   1253 C  C   . ASN A 1 160 ? 4.727   -9.029  7.091   1.00 23.13 ? 160 ASN A C   1 
ATOM   1254 O  O   . ASN A 1 160 ? 5.497   -9.990  7.077   1.00 23.45 ? 160 ASN A O   1 
ATOM   1255 C  CB  . ASN A 1 160 ? 2.984   -10.186 5.707   1.00 23.24 ? 160 ASN A CB  1 
ATOM   1256 C  CG  . ASN A 1 160 ? 1.534   -10.598 5.604   1.00 24.72 ? 160 ASN A CG  1 
ATOM   1257 O  OD1 . ASN A 1 160 ? 0.864   -10.785 6.624   1.00 24.66 ? 160 ASN A OD1 1 
ATOM   1258 N  ND2 . ASN A 1 160 ? 1.027   -10.722 4.373   1.00 24.40 ? 160 ASN A ND2 1 
ATOM   1259 N  N   . GLY A 1 161 ? 5.141   -7.778  7.266   1.00 23.23 ? 161 GLY A N   1 
ATOM   1260 C  CA  . GLY A 1 161 ? 6.546   -7.467  7.528   1.00 23.44 ? 161 GLY A CA  1 
ATOM   1261 C  C   . GLY A 1 161 ? 7.413   -7.569  6.291   1.00 23.58 ? 161 GLY A C   1 
ATOM   1262 O  O   . GLY A 1 161 ? 8.623   -7.761  6.400   1.00 23.39 ? 161 GLY A O   1 
ATOM   1263 N  N   . VAL A 1 162 ? 6.791   -7.424  5.119   1.00 23.83 ? 162 VAL A N   1 
ATOM   1264 C  CA  . VAL A 1 162 ? 7.483   -7.520  3.831   1.00 23.57 ? 162 VAL A CA  1 
ATOM   1265 C  C   . VAL A 1 162 ? 7.610   -6.143  3.170   1.00 23.75 ? 162 VAL A C   1 
ATOM   1266 O  O   . VAL A 1 162 ? 6.626   -5.392  3.066   1.00 23.59 ? 162 VAL A O   1 
ATOM   1267 C  CB  . VAL A 1 162 ? 6.774   -8.528  2.869   1.00 24.27 ? 162 VAL A CB  1 
ATOM   1268 C  CG1 . VAL A 1 162 ? 7.460   -8.560  1.485   1.00 23.00 ? 162 VAL A CG1 1 
ATOM   1269 C  CG2 . VAL A 1 162 ? 6.736   -9.946  3.482   1.00 23.72 ? 162 VAL A CG2 1 
ATOM   1270 N  N   . MET A 1 163 ? 8.827   -5.837  2.721   1.00 23.41 ? 163 MET A N   1 
ATOM   1271 C  CA  . MET A 1 163 ? 9.164   -4.580  2.060   1.00 23.73 ? 163 MET A CA  1 
ATOM   1272 C  C   . MET A 1 163 ? 9.360   -4.843  0.578   1.00 23.40 ? 163 MET A C   1 
ATOM   1273 O  O   . MET A 1 163 ? 9.784   -5.934  0.191   1.00 23.33 ? 163 MET A O   1 
ATOM   1274 C  CB  . MET A 1 163 ? 10.457  -3.982  2.642   1.00 23.66 ? 163 MET A CB  1 
ATOM   1275 C  CG  . MET A 1 163 ? 10.408  -3.703  4.146   1.00 25.25 ? 163 MET A CG  1 
ATOM   1276 S  SD  . MET A 1 163 ? 9.268   -2.379  4.617   1.00 29.40 ? 163 MET A SD  1 
ATOM   1277 C  CE  . MET A 1 163 ? 10.248  -0.940  4.182   1.00 27.12 ? 163 MET A CE  1 
ATOM   1278 N  N   . PHE A 1 164 ? 9.072   -3.837  -0.245  1.00 23.30 ? 164 PHE A N   1 
ATOM   1279 C  CA  . PHE A 1 164 ? 9.037   -4.024  -1.694  1.00 23.26 ? 164 PHE A CA  1 
ATOM   1280 C  C   . PHE A 1 164 ? 10.355  -4.566  -2.251  1.00 23.61 ? 164 PHE A C   1 
ATOM   1281 O  O   . PHE A 1 164 ? 10.350  -5.403  -3.164  1.00 22.99 ? 164 PHE A O   1 
ATOM   1282 C  CB  . PHE A 1 164 ? 8.607   -2.735  -2.419  1.00 23.38 ? 164 PHE A CB  1 
ATOM   1283 C  CG  . PHE A 1 164 ? 9.682   -1.677  -2.498  1.00 23.58 ? 164 PHE A CG  1 
ATOM   1284 C  CD1 . PHE A 1 164 ? 10.526  -1.606  -3.599  1.00 23.98 ? 164 PHE A CD1 1 
ATOM   1285 C  CD2 . PHE A 1 164 ? 9.841   -0.746  -1.471  1.00 23.83 ? 164 PHE A CD2 1 
ATOM   1286 C  CE1 . PHE A 1 164 ? 11.521  -0.631  -3.671  1.00 23.59 ? 164 PHE A CE1 1 
ATOM   1287 C  CE2 . PHE A 1 164 ? 10.830  0.229   -1.535  1.00 23.43 ? 164 PHE A CE2 1 
ATOM   1288 C  CZ  . PHE A 1 164 ? 11.669  0.284   -2.637  1.00 24.23 ? 164 PHE A CZ  1 
ATOM   1289 N  N   . TYR A 1 165 ? 11.475  -4.099  -1.686  1.00 23.77 ? 165 TYR A N   1 
ATOM   1290 C  CA  . TYR A 1 165 ? 12.791  -4.482  -2.183  1.00 24.04 ? 165 TYR A CA  1 
ATOM   1291 C  C   . TYR A 1 165 ? 13.139  -5.935  -1.877  1.00 23.85 ? 165 TYR A C   1 
ATOM   1292 O  O   . TYR A 1 165 ? 14.096  -6.460  -2.434  1.00 23.39 ? 165 TYR A O   1 
ATOM   1293 C  CB  . TYR A 1 165 ? 13.904  -3.532  -1.679  1.00 24.47 ? 165 TYR A CB  1 
ATOM   1294 C  CG  . TYR A 1 165 ? 14.004  -3.418  -0.176  1.00 24.34 ? 165 TYR A CG  1 
ATOM   1295 C  CD1 . TYR A 1 165 ? 14.655  -4.391  0.590   1.00 24.99 ? 165 TYR A CD1 1 
ATOM   1296 C  CD2 . TYR A 1 165 ? 13.450  -2.330  0.482   1.00 25.45 ? 165 TYR A CD2 1 
ATOM   1297 C  CE1 . TYR A 1 165 ? 14.735  -4.275  1.991   1.00 24.75 ? 165 TYR A CE1 1 
ATOM   1298 C  CE2 . TYR A 1 165 ? 13.526  -2.203  1.860   1.00 25.62 ? 165 TYR A CE2 1 
ATOM   1299 C  CZ  . TYR A 1 165 ? 14.164  -3.172  2.609   1.00 25.67 ? 165 TYR A CZ  1 
ATOM   1300 O  OH  . TYR A 1 165 ? 14.216  -3.002  3.978   1.00 26.52 ? 165 TYR A OH  1 
ATOM   1301 N  N   . ASP A 1 166 ? 12.363  -6.577  -1.000  1.00 24.26 ? 166 ASP A N   1 
ATOM   1302 C  CA  . ASP A 1 166 ? 12.520  -8.014  -0.731  1.00 24.63 ? 166 ASP A CA  1 
ATOM   1303 C  C   . ASP A 1 166 ? 12.290  -8.812  -2.010  1.00 24.94 ? 166 ASP A C   1 
ATOM   1304 O  O   . ASP A 1 166 ? 12.830  -9.905  -2.163  1.00 25.11 ? 166 ASP A O   1 
ATOM   1305 C  CB  . ASP A 1 166 ? 11.515  -8.515  0.315   1.00 24.63 ? 166 ASP A CB  1 
ATOM   1306 C  CG  . ASP A 1 166 ? 11.708  -7.901  1.687   1.00 25.17 ? 166 ASP A CG  1 
ATOM   1307 O  OD1 . ASP A 1 166 ? 12.757  -7.266  1.951   1.00 25.64 ? 166 ASP A OD1 1 
ATOM   1308 O  OD2 . ASP A 1 166 ? 10.787  -8.061  2.518   1.00 25.82 ? 166 ASP A OD2 1 
ATOM   1309 N  N   . HIS A 1 167 ? 11.476  -8.265  -2.913  1.00 25.22 ? 167 HIS A N   1 
ATOM   1310 C  CA  . HIS A 1 167 ? 11.062  -8.970  -4.137  1.00 26.09 ? 167 HIS A CA  1 
ATOM   1311 C  C   . HIS A 1 167 ? 12.058  -8.787  -5.288  1.00 26.59 ? 167 HIS A C   1 
ATOM   1312 O  O   . HIS A 1 167 ? 11.943  -9.444  -6.325  1.00 26.58 ? 167 HIS A O   1 
ATOM   1313 C  CB  . HIS A 1 167 ? 9.671   -8.498  -4.600  1.00 25.44 ? 167 HIS A CB  1 
ATOM   1314 C  CG  . HIS A 1 167 ? 8.587   -8.708  -3.584  1.00 27.10 ? 167 HIS A CG  1 
ATOM   1315 N  ND1 . HIS A 1 167 ? 8.134   -9.960  -3.227  1.00 28.71 ? 167 HIS A ND1 1 
ATOM   1316 C  CD2 . HIS A 1 167 ? 7.860   -7.825  -2.858  1.00 26.39 ? 167 HIS A CD2 1 
ATOM   1317 C  CE1 . HIS A 1 167 ? 7.180   -9.841  -2.319  1.00 29.03 ? 167 HIS A CE1 1 
ATOM   1318 N  NE2 . HIS A 1 167 ? 6.996   -8.556  -2.076  1.00 28.58 ? 167 HIS A NE2 1 
ATOM   1319 N  N   . ILE A 1 168 ? 13.011  -7.876  -5.106  1.00 27.11 ? 168 ILE A N   1 
ATOM   1320 C  CA  . ILE A 1 168 ? 13.934  -7.504  -6.179  1.00 28.10 ? 168 ILE A CA  1 
ATOM   1321 C  C   . ILE A 1 168 ? 15.048  -8.537  -6.318  1.00 29.02 ? 168 ILE A C   1 
ATOM   1322 O  O   . ILE A 1 168 ? 15.670  -8.929  -5.333  1.00 28.69 ? 168 ILE A O   1 
ATOM   1323 C  CB  . ILE A 1 168 ? 14.498  -6.072  -5.969  1.00 27.82 ? 168 ILE A CB  1 
ATOM   1324 C  CG1 . ILE A 1 168 ? 13.344  -5.047  -6.018  1.00 27.43 ? 168 ILE A CG1 1 
ATOM   1325 C  CG2 . ILE A 1 168 ? 15.588  -5.752  -7.009  1.00 27.67 ? 168 ILE A CG2 1 
ATOM   1326 C  CD1 . ILE A 1 168 ? 13.716  -3.609  -5.638  1.00 25.07 ? 168 ILE A CD1 1 
ATOM   1327 N  N   . ASP A 1 169 ? 15.259  -9.005  -7.544  1.00 30.60 ? 169 ASP A N   1 
ATOM   1328 C  CA  . ASP A 1 169 ? 16.345  -9.931  -7.847  1.00 32.89 ? 169 ASP A CA  1 
ATOM   1329 C  C   . ASP A 1 169 ? 17.685  -9.199  -7.691  1.00 33.89 ? 169 ASP A C   1 
ATOM   1330 O  O   . ASP A 1 169 ? 17.878  -8.126  -8.255  1.00 33.56 ? 169 ASP A O   1 
ATOM   1331 C  CB  . ASP A 1 169 ? 16.178  -10.482 -9.271  1.00 33.08 ? 169 ASP A CB  1 
ATOM   1332 C  CG  . ASP A 1 169 ? 17.160  -11.606 -9.585  1.00 35.34 ? 169 ASP A CG  1 
ATOM   1333 O  OD1 . ASP A 1 169 ? 16.701  -12.748 -9.742  1.00 38.44 ? 169 ASP A OD1 1 
ATOM   1334 O  OD2 . ASP A 1 169 ? 18.383  -11.359 -9.666  1.00 37.78 ? 169 ASP A OD2 1 
ATOM   1335 N  N   . LYS A 1 170 ? 18.595  -9.763  -6.903  1.00 35.68 ? 170 LYS A N   1 
ATOM   1336 C  CA  . LYS A 1 170 ? 19.883  -9.097  -6.636  1.00 37.78 ? 170 LYS A CA  1 
ATOM   1337 C  C   . LYS A 1 170 ? 20.836  -9.093  -7.846  1.00 38.01 ? 170 LYS A C   1 
ATOM   1338 O  O   . LYS A 1 170 ? 21.586  -8.135  -8.039  1.00 38.65 ? 170 LYS A O   1 
ATOM   1339 C  CB  . LYS A 1 170 ? 20.581  -9.691  -5.400  1.00 38.25 ? 170 LYS A CB  1 
ATOM   1340 C  CG  . LYS A 1 170 ? 19.699  -9.703  -4.139  1.00 41.39 ? 170 LYS A CG  1 
ATOM   1341 C  CD  . LYS A 1 170 ? 20.466  -10.126 -2.883  1.00 44.85 ? 170 LYS A CD  1 
ATOM   1342 C  CE  . LYS A 1 170 ? 19.545  -10.798 -1.862  1.00 46.78 ? 170 LYS A CE  1 
ATOM   1343 N  NZ  . LYS A 1 170 ? 18.231  -10.098 -1.698  1.00 47.79 ? 170 LYS A NZ  1 
ATOM   1344 N  N   . ASP A 1 171 ? 20.787  -10.143 -8.662  1.00 38.03 ? 171 ASP A N   1 
ATOM   1345 C  CA  . ASP A 1 171 ? 21.702  -10.279 -9.802  1.00 38.31 ? 171 ASP A CA  1 
ATOM   1346 C  C   . ASP A 1 171 ? 21.213  -9.553  -11.046 1.00 37.70 ? 171 ASP A C   1 
ATOM   1347 O  O   . ASP A 1 171 ? 21.998  -8.898  -11.737 1.00 37.46 ? 171 ASP A O   1 
ATOM   1348 C  CB  . ASP A 1 171 ? 21.943  -11.759 -10.131 1.00 38.77 ? 171 ASP A CB  1 
ATOM   1349 C  CG  . ASP A 1 171 ? 22.680  -12.487 -9.031  1.00 40.71 ? 171 ASP A CG  1 
ATOM   1350 O  OD1 . ASP A 1 171 ? 22.281  -13.625 -8.697  1.00 43.70 ? 171 ASP A OD1 1 
ATOM   1351 O  OD2 . ASP A 1 171 ? 23.652  -11.916 -8.491  1.00 43.51 ? 171 ASP A OD2 1 
ATOM   1352 N  N   . HIS A 1 172 ? 19.917  -9.683  -11.330 1.00 36.99 ? 172 HIS A N   1 
ATOM   1353 C  CA  . HIS A 1 172 ? 19.299  -9.047  -12.493 1.00 36.40 ? 172 HIS A CA  1 
ATOM   1354 C  C   . HIS A 1 172 ? 18.050  -8.262  -12.058 1.00 35.36 ? 172 HIS A C   1 
ATOM   1355 O  O   . HIS A 1 172 ? 16.923  -8.622  -12.426 1.00 34.41 ? 172 HIS A O   1 
ATOM   1356 C  CB  . HIS A 1 172 ? 18.960  -10.090 -13.567 1.00 36.56 ? 172 HIS A CB  1 
ATOM   1357 C  CG  . HIS A 1 172 ? 20.093  -11.018 -13.886 1.00 39.05 ? 172 HIS A CG  1 
ATOM   1358 N  ND1 . HIS A 1 172 ? 21.140  -10.662 -14.712 1.00 41.40 ? 172 HIS A ND1 1 
ATOM   1359 C  CD2 . HIS A 1 172 ? 20.351  -12.285 -13.480 1.00 40.89 ? 172 HIS A CD2 1 
ATOM   1360 C  CE1 . HIS A 1 172 ? 21.991  -11.669 -14.801 1.00 41.87 ? 172 HIS A CE1 1 
ATOM   1361 N  NE2 . HIS A 1 172 ? 21.538  -12.665 -14.062 1.00 41.83 ? 172 HIS A NE2 1 
ATOM   1362 N  N   . PRO A 1 173 ? 18.249  -7.179  -11.273 1.00 34.69 ? 173 PRO A N   1 
ATOM   1363 C  CA  . PRO A 1 173 ? 17.119  -6.413  -10.734 1.00 33.81 ? 173 PRO A CA  1 
ATOM   1364 C  C   . PRO A 1 173 ? 16.157  -5.892  -11.803 1.00 33.22 ? 173 PRO A C   1 
ATOM   1365 O  O   . PRO A 1 173 ? 14.968  -5.747  -11.528 1.00 32.74 ? 173 PRO A O   1 
ATOM   1366 C  CB  . PRO A 1 173 ? 17.800  -5.245  -10.006 1.00 33.88 ? 173 PRO A CB  1 
ATOM   1367 C  CG  . PRO A 1 173 ? 19.158  -5.138  -10.655 1.00 34.63 ? 173 PRO A CG  1 
ATOM   1368 C  CD  . PRO A 1 173 ? 19.540  -6.559  -10.909 1.00 34.34 ? 173 PRO A CD  1 
ATOM   1369 N  N   . LEU A 1 174 ? 16.648  -5.624  -13.008 1.00 32.86 ? 174 LEU A N   1 
ATOM   1370 C  CA  . LEU A 1 174 ? 15.790  -5.009  -14.020 1.00 33.09 ? 174 LEU A CA  1 
ATOM   1371 C  C   . LEU A 1 174 ? 15.303  -5.953  -15.118 1.00 33.26 ? 174 LEU A C   1 
ATOM   1372 O  O   . LEU A 1 174 ? 14.726  -5.510  -16.102 1.00 33.11 ? 174 LEU A O   1 
ATOM   1373 C  CB  . LEU A 1 174 ? 16.438  -3.744  -14.602 1.00 33.10 ? 174 LEU A CB  1 
ATOM   1374 C  CG  . LEU A 1 174 ? 16.536  -2.540  -13.647 1.00 33.82 ? 174 LEU A CG  1 
ATOM   1375 C  CD1 . LEU A 1 174 ? 17.154  -1.339  -14.367 1.00 34.67 ? 174 LEU A CD1 1 
ATOM   1376 C  CD2 . LEU A 1 174 ? 15.180  -2.162  -13.083 1.00 32.90 ? 174 LEU A CD2 1 
ATOM   1377 N  N   . GLN A 1 175 ? 15.513  -7.250  -14.932 1.00 33.65 ? 175 GLN A N   1 
ATOM   1378 C  CA  . GLN A 1 175 ? 15.033  -8.240  -15.886 1.00 34.80 ? 175 GLN A CA  1 
ATOM   1379 C  C   . GLN A 1 175 ? 13.587  -8.675  -15.596 1.00 34.35 ? 175 GLN A C   1 
ATOM   1380 O  O   . GLN A 1 175 ? 13.300  -9.220  -14.536 1.00 34.03 ? 175 GLN A O   1 
ATOM   1381 C  CB  . GLN A 1 175 ? 15.972  -9.451  -15.914 1.00 35.21 ? 175 GLN A CB  1 
ATOM   1382 C  CG  . GLN A 1 175 ? 15.457  -10.607 -16.746 1.00 38.79 ? 175 GLN A CG  1 
ATOM   1383 C  CD  . GLN A 1 175 ? 16.446  -11.052 -17.803 1.00 43.83 ? 175 GLN A CD  1 
ATOM   1384 O  OE1 . GLN A 1 175 ? 17.647  -11.196 -17.538 1.00 45.92 ? 175 GLN A OE1 1 
ATOM   1385 N  NE2 . GLN A 1 175 ? 15.946  -11.278 -19.016 1.00 45.37 ? 175 GLN A NE2 1 
ATOM   1386 N  N   . PRO A 1 176 ? 12.673  -8.428  -16.543 1.00 34.61 ? 176 PRO A N   1 
ATOM   1387 C  CA  . PRO A 1 176 ? 11.300  -8.885  -16.350 1.00 34.96 ? 176 PRO A CA  1 
ATOM   1388 C  C   . PRO A 1 176 ? 11.219  -10.407 -16.379 1.00 35.41 ? 176 PRO A C   1 
ATOM   1389 O  O   . PRO A 1 176 ? 11.971  -11.054 -17.115 1.00 35.41 ? 176 PRO A O   1 
ATOM   1390 C  CB  . PRO A 1 176 ? 10.551  -8.299  -17.556 1.00 34.72 ? 176 PRO A CB  1 
ATOM   1391 C  CG  . PRO A 1 176 ? 11.477  -7.284  -18.159 1.00 34.65 ? 176 PRO A CG  1 
ATOM   1392 C  CD  . PRO A 1 176 ? 12.853  -7.738  -17.832 1.00 34.61 ? 176 PRO A CD  1 
ATOM   1393 N  N   . HIS A 1 177 ? 10.333  -10.972 -15.566 1.00 35.81 ? 177 HIS A N   1 
ATOM   1394 C  CA  . HIS A 1 177 ? 9.982   -12.383 -15.700 1.00 36.15 ? 177 HIS A CA  1 
ATOM   1395 C  C   . HIS A 1 177 ? 9.283   -12.589 -17.036 1.00 36.56 ? 177 HIS A C   1 
ATOM   1396 O  O   . HIS A 1 177 ? 8.611   -11.684 -17.533 1.00 36.53 ? 177 HIS A O   1 
ATOM   1397 C  CB  . HIS A 1 177 ? 9.081   -12.844 -14.554 1.00 35.69 ? 177 HIS A CB  1 
ATOM   1398 C  CG  . HIS A 1 177 ? 9.766   -12.881 -13.225 1.00 34.86 ? 177 HIS A CG  1 
ATOM   1399 N  ND1 . HIS A 1 177 ? 9.077   -12.972 -12.038 1.00 33.99 ? 177 HIS A ND1 1 
ATOM   1400 C  CD2 . HIS A 1 177 ? 11.078  -12.826 -12.895 1.00 33.95 ? 177 HIS A CD2 1 
ATOM   1401 C  CE1 . HIS A 1 177 ? 9.934   -12.983 -11.032 1.00 34.13 ? 177 HIS A CE1 1 
ATOM   1402 N  NE2 . HIS A 1 177 ? 11.155  -12.894 -11.528 1.00 34.30 ? 177 HIS A NE2 1 
ATOM   1403 N  N   . THR A 1 178 ? 9.464   -13.771 -17.623 1.00 37.62 ? 178 THR A N   1 
ATOM   1404 C  CA  . THR A 1 178 ? 8.814   -14.112 -18.895 1.00 38.32 ? 178 THR A CA  1 
ATOM   1405 C  C   . THR A 1 178 ? 7.309   -13.956 -18.741 1.00 38.53 ? 178 THR A C   1 
ATOM   1406 O  O   . THR A 1 178 ? 6.731   -14.414 -17.745 1.00 38.84 ? 178 THR A O   1 
ATOM   1407 C  CB  . THR A 1 178 ? 9.153   -15.561 -19.342 1.00 38.49 ? 178 THR A CB  1 
ATOM   1408 O  OG1 . THR A 1 178 ? 10.574  -15.716 -19.418 1.00 39.35 ? 178 THR A OG1 1 
ATOM   1409 C  CG2 . THR A 1 178 ? 8.553   -15.872 -20.712 1.00 39.18 ? 178 THR A CG2 1 
ATOM   1410 N  N   . ASP A 1 179 ? 6.701   -13.270 -19.711 1.00 38.71 ? 179 ASP A N   1 
ATOM   1411 C  CA  . ASP A 1 179 ? 5.247   -13.089 -19.813 1.00 38.99 ? 179 ASP A CA  1 
ATOM   1412 C  C   . ASP A 1 179 ? 4.631   -12.133 -18.771 1.00 38.31 ? 179 ASP A C   1 
ATOM   1413 O  O   . ASP A 1 179 ? 3.415   -11.910 -18.783 1.00 38.12 ? 179 ASP A O   1 
ATOM   1414 C  CB  . ASP A 1 179 ? 4.507   -14.447 -19.831 1.00 39.77 ? 179 ASP A CB  1 
ATOM   1415 C  CG  . ASP A 1 179 ? 4.979   -15.378 -20.965 1.00 42.23 ? 179 ASP A CG  1 
ATOM   1416 O  OD1 . ASP A 1 179 ? 4.782   -16.607 -20.829 1.00 45.09 ? 179 ASP A OD1 1 
ATOM   1417 O  OD2 . ASP A 1 179 ? 5.537   -14.897 -21.983 1.00 43.81 ? 179 ASP A OD2 1 
ATOM   1418 N  N   . ALA A 1 180 ? 5.457   -11.566 -17.888 1.00 37.49 ? 180 ALA A N   1 
ATOM   1419 C  CA  . ALA A 1 180 ? 4.986   -10.554 -16.934 1.00 36.96 ? 180 ALA A CA  1 
ATOM   1420 C  C   . ALA A 1 180 ? 4.485   -9.304  -17.666 1.00 36.83 ? 180 ALA A C   1 
ATOM   1421 O  O   . ALA A 1 180 ? 5.047   -8.896  -18.681 1.00 36.69 ? 180 ALA A O   1 
ATOM   1422 C  CB  . ALA A 1 180 ? 6.079   -10.193 -15.939 1.00 36.80 ? 180 ALA A CB  1 
ATOM   1423 N  N   . VAL A 1 181 ? 3.413   -8.714  -17.161 1.00 36.68 ? 181 VAL A N   1 
ATOM   1424 C  CA  . VAL A 1 181 ? 2.817   -7.550  -17.795 1.00 37.07 ? 181 VAL A CA  1 
ATOM   1425 C  C   . VAL A 1 181 ? 3.435   -6.271  -17.237 1.00 37.17 ? 181 VAL A C   1 
ATOM   1426 O  O   . VAL A 1 181 ? 3.450   -6.056  -16.021 1.00 36.59 ? 181 VAL A O   1 
ATOM   1427 C  CB  . VAL A 1 181 ? 1.265   -7.531  -17.615 1.00 37.17 ? 181 VAL A CB  1 
ATOM   1428 C  CG1 . VAL A 1 181 ? 0.679   -6.128  -17.836 1.00 37.42 ? 181 VAL A CG1 1 
ATOM   1429 C  CG2 . VAL A 1 181 ? 0.609   -8.534  -18.558 1.00 37.66 ? 181 VAL A CG2 1 
ATOM   1430 N  N   . GLU A 1 182 ? 3.936   -5.428  -18.135 1.00 37.29 ? 182 GLU A N   1 
ATOM   1431 C  CA  . GLU A 1 182 ? 4.369   -4.097  -17.759 1.00 37.81 ? 182 GLU A CA  1 
ATOM   1432 C  C   . GLU A 1 182 ? 3.160   -3.206  -17.514 1.00 38.12 ? 182 GLU A C   1 
ATOM   1433 O  O   . GLU A 1 182 ? 2.312   -3.036  -18.391 1.00 37.56 ? 182 GLU A O   1 
ATOM   1434 C  CB  . GLU A 1 182 ? 5.268   -3.486  -18.832 1.00 37.86 ? 182 GLU A CB  1 
ATOM   1435 C  CG  . GLU A 1 182 ? 6.165   -2.387  -18.282 1.00 39.16 ? 182 GLU A CG  1 
ATOM   1436 C  CD  . GLU A 1 182 ? 7.172   -1.898  -19.293 1.00 40.70 ? 182 GLU A CD  1 
ATOM   1437 O  OE1 . GLU A 1 182 ? 8.343   -2.331  -19.221 1.00 42.89 ? 182 GLU A OE1 1 
ATOM   1438 O  OE2 . GLU A 1 182 ? 6.784   -1.102  -20.168 1.00 41.26 ? 182 GLU A OE2 1 
ATOM   1439 N  N   . VAL A 1 183 ? 3.089   -2.651  -16.309 1.00 38.74 ? 183 VAL A N   1 
ATOM   1440 C  CA  . VAL A 1 183 ? 2.005   -1.758  -15.914 1.00 39.92 ? 183 VAL A CA  1 
ATOM   1441 C  C   . VAL A 1 183 ? 2.485   -0.306  -15.932 1.00 41.36 ? 183 VAL A C   1 
ATOM   1442 O  O   . VAL A 1 183 ? 3.469   0.035   -15.279 1.00 41.19 ? 183 VAL A O   1 
ATOM   1443 C  CB  . VAL A 1 183 ? 1.475   -2.107  -14.492 1.00 39.49 ? 183 VAL A CB  1 
ATOM   1444 C  CG1 . VAL A 1 183 ? 0.450   -1.081  -14.021 1.00 38.43 ? 183 VAL A CG1 1 
ATOM   1445 C  CG2 . VAL A 1 183 ? 0.880   -3.498  -14.473 1.00 39.17 ? 183 VAL A CG2 1 
ATOM   1446 N  N   . LEU A 1 184 ? 1.781   0.548   -16.662 1.00 43.59 ? 184 LEU A N   1 
ATOM   1447 C  CA  . LEU A 1 184 ? 2.119   1.975   -16.692 1.00 45.90 ? 184 LEU A CA  1 
ATOM   1448 C  C   . LEU A 1 184 ? 1.505   2.716   -15.497 1.00 47.40 ? 184 LEU A C   1 
ATOM   1449 O  O   . LEU A 1 184 ? 0.300   2.602   -15.229 1.00 47.58 ? 184 LEU A O   1 
ATOM   1450 C  CB  . LEU A 1 184 ? 1.708   2.612   -18.026 1.00 46.06 ? 184 LEU A CB  1 
ATOM   1451 C  CG  . LEU A 1 184 ? 2.265   2.050   -19.356 1.00 46.89 ? 184 LEU A CG  1 
ATOM   1452 C  CD1 . LEU A 1 184 ? 3.755   1.661   -19.265 1.00 47.71 ? 184 LEU A CD1 1 
ATOM   1453 C  CD2 . LEU A 1 184 ? 1.435   0.878   -19.897 1.00 48.01 ? 184 LEU A CD2 1 
ATOM   1454 N  N   . GLU A 1 185 ? 2.348   3.462   -14.776 1.00 48.87 ? 185 GLU A N   1 
ATOM   1455 C  CA  . GLU A 1 185 ? 1.926   4.205   -13.582 1.00 50.19 ? 185 GLU A CA  1 
ATOM   1456 C  C   . GLU A 1 185 ? 1.033   5.415   -13.908 1.00 50.63 ? 185 GLU A C   1 
ATOM   1457 O  O   . GLU A 1 185 ? 1.371   6.259   -14.748 1.00 51.04 ? 185 GLU A O   1 
ATOM   1458 C  CB  . GLU A 1 185 ? 3.153   4.633   -12.768 1.00 50.63 ? 185 GLU A CB  1 
ATOM   1459 C  CG  . GLU A 1 185 ? 2.854   5.085   -11.334 1.00 52.66 ? 185 GLU A CG  1 
ATOM   1460 C  CD  . GLU A 1 185 ? 4.022   4.844   -10.390 1.00 55.38 ? 185 GLU A CD  1 
ATOM   1461 O  OE1 . GLU A 1 185 ? 5.033   4.251   -10.829 1.00 57.03 ? 185 GLU A OE1 1 
ATOM   1462 O  OE2 . GLU A 1 185 ? 3.928   5.239   -9.205  1.00 56.28 ? 185 GLU A OE2 1 
HETATM 1463 ZN ZN  . ZN  B 2 .   ? 5.487   1.145   1.351   1.00 53.12 ? 350 ZN  A ZN  1 
HETATM 1464 C  C   . FHF C 3 .   ? 3.543   5.421   -2.742  1.00 57.29 ? 192 FHF A C   1 
HETATM 1465 N  N   . FHF C 3 .   ? 4.055   7.202   -4.342  1.00 58.64 ? 192 FHF A N   1 
HETATM 1466 O  O   . FHF C 3 .   ? 2.376   5.722   -2.811  1.00 57.26 ? 192 FHF A O   1 
HETATM 1467 C  CA  . FHF C 3 .   ? 4.618   6.048   -3.681  1.00 57.91 ? 192 FHF A CA  1 
HETATM 1468 C  CB  . FHF C 3 .   ? 5.773   6.811   -3.048  1.00 58.02 ? 192 FHF A CB  1 
HETATM 1469 C  CAA . FHF C 3 .   ? 3.163   1.074   -5.376  1.00 55.20 ? 192 FHF A CAA 1 
HETATM 1470 O  OAD . FHF C 3 .   ? 3.603   1.743   1.615   1.00 51.91 ? 192 FHF A OAD 1 
HETATM 1471 O  OAE . FHF C 3 .   ? 2.905   6.183   -5.847  1.00 59.27 ? 192 FHF A OAE 1 
HETATM 1472 O  OAG . FHF C 3 .   ? 5.011   3.731   0.986   1.00 48.98 ? 192 FHF A OAG 1 
HETATM 1473 F  FAH . FHF C 3 .   ? 1.285   9.982   -5.569  1.00 62.29 ? 192 FHF A FAH 1 
HETATM 1474 C  CAI . FHF C 3 .   ? 3.182   2.635   0.920   1.00 52.44 ? 192 FHF A CAI 1 
HETATM 1475 C  CAJ . FHF C 3 .   ? -0.171  9.077   -8.272  1.00 63.33 ? 192 FHF A CAJ 1 
HETATM 1476 C  CAK . FHF C 3 .   ? 0.729   8.089   -8.626  1.00 63.18 ? 192 FHF A CAK 1 
HETATM 1477 C  CAL . FHF C 3 .   ? 0.021   9.811   -7.129  1.00 62.96 ? 192 FHF A CAL 1 
HETATM 1478 C  CAM . FHF C 3 .   ? 1.827   7.800   -7.837  1.00 62.23 ? 192 FHF A CAM 1 
HETATM 1479 C  CAN . FHF C 3 .   ? 3.140   1.234   -3.897  1.00 55.69 ? 192 FHF A CAN 1 
HETATM 1480 C  CAO . FHF C 3 .   ? 3.617   2.622   -3.594  1.00 56.44 ? 192 FHF A CAO 1 
HETATM 1481 C  CAP . FHF C 3 .   ? 3.165   3.053   -2.211  1.00 57.13 ? 192 FHF A CAP 1 
HETATM 1482 C  CAQ . FHF C 3 .   ? 3.512   4.686   -0.379  1.00 55.30 ? 192 FHF A CAQ 1 
HETATM 1483 N  NAR . FHF C 3 .   ? 2.951   8.421   -5.816  1.00 60.03 ? 192 FHF A NAR 1 
HETATM 1484 C  CAT . FHF C 3 .   ? 3.275   7.218   -5.367  1.00 58.88 ? 192 FHF A CAT 1 
HETATM 1485 C  CAV . FHF C 3 .   ? 1.122   9.524   -6.362  1.00 62.37 ? 192 FHF A CAV 1 
HETATM 1486 C  CAW . FHF C 3 .   ? 2.018   8.558   -6.713  1.00 61.91 ? 192 FHF A CAW 1 
HETATM 1487 C  CAY . FHF C 3 .   ? 3.922   4.315   -1.793  1.00 57.00 ? 192 FHF A CAY 1 
HETATM 1488 N  NBA . FHF C 3 .   ? 3.956   3.663   0.551   1.00 52.70 ? 192 FHF A NBA 1 
HETATM 1489 C  CG1 . FHF C 3 .   ? 7.082   6.278   -3.600  1.00 57.83 ? 192 FHF A CG1 1 
HETATM 1490 C  CG2 . FHF C 3 .   ? 5.702   6.900   -1.539  1.00 57.89 ? 192 FHF A CG2 1 
HETATM 1491 O  O   . HOH D 4 .   ? -3.010  -11.532 1.979   1.00 16.03 ? 193 HOH A O   1 
HETATM 1492 O  O   . HOH D 4 .   ? 6.165   -5.069  -0.748  1.00 20.72 ? 194 HOH A O   1 
HETATM 1493 O  O   . HOH D 4 .   ? 3.794   -4.154  12.200  1.00 24.65 ? 195 HOH A O   1 
HETATM 1494 O  O   . HOH D 4 .   ? -13.555 1.745   5.336   1.00 19.96 ? 196 HOH A O   1 
HETATM 1495 O  O   . HOH D 4 .   ? -4.937  2.355   16.384  1.00 17.04 ? 197 HOH A O   1 
HETATM 1496 O  O   . HOH D 4 .   ? 8.324   -2.967  -10.234 1.00 18.75 ? 198 HOH A O   1 
HETATM 1497 O  O   . HOH D 4 .   ? -2.243  14.193  7.026   1.00 20.77 ? 199 HOH A O   1 
HETATM 1498 O  O   . HOH D 4 .   ? -8.249  -18.320 -0.618  1.00 16.86 ? 200 HOH A O   1 
HETATM 1499 O  O   . HOH D 4 .   ? 12.033  -0.918  -7.060  1.00 25.15 ? 201 HOH A O   1 
HETATM 1500 O  O   . HOH D 4 .   ? -8.640  5.764   1.497   1.00 24.10 ? 202 HOH A O   1 
HETATM 1501 O  O   . HOH D 4 .   ? -8.611  -2.843  -10.952 1.00 22.84 ? 203 HOH A O   1 
HETATM 1502 O  O   . HOH D 4 .   ? 12.626  -2.463  9.489   1.00 34.41 ? 204 HOH A O   1 
HETATM 1503 O  O   . HOH D 4 .   ? -11.445 -9.724  6.559   1.00 30.06 ? 205 HOH A O   1 
HETATM 1504 O  O   . HOH D 4 .   ? -6.994  -11.350 8.072   1.00 33.70 ? 206 HOH A O   1 
HETATM 1505 O  O   . HOH D 4 .   ? -12.072 -9.705  9.745   1.00 29.40 ? 207 HOH A O   1 
HETATM 1506 O  O   . HOH D 4 .   ? -8.153  -12.808 -8.885  1.00 31.99 ? 208 HOH A O   1 
HETATM 1507 O  O   . HOH D 4 .   ? -3.383  -0.650  -14.402 1.00 24.19 ? 209 HOH A O   1 
HETATM 1508 O  O   . HOH D 4 .   ? -1.854  -13.825 7.166   1.00 56.66 ? 210 HOH A O   1 
HETATM 1509 O  O   . HOH D 4 .   ? 5.759   -3.554  -9.239  1.00 18.56 ? 211 HOH A O   1 
HETATM 1510 O  O   . HOH D 4 .   ? 12.845  -12.864 -9.815  1.00 45.77 ? 212 HOH A O   1 
HETATM 1511 O  O   . HOH D 4 .   ? 9.608   4.265   17.799  1.00 35.60 ? 213 HOH A O   1 
HETATM 1512 O  O   . HOH D 4 .   ? 5.519   -3.457  1.367   1.00 24.31 ? 214 HOH A O   1 
HETATM 1513 O  O   . HOH D 4 .   ? -13.791 2.949   21.530  1.00 27.76 ? 215 HOH A O   1 
HETATM 1514 O  O   . HOH D 4 .   ? 0.405   -8.846  -1.075  1.00 29.04 ? 216 HOH A O   1 
HETATM 1515 O  O   . HOH D 4 .   ? -11.171 4.157   21.608  1.00 26.84 ? 217 HOH A O   1 
HETATM 1516 O  O   . HOH D 4 .   ? 12.281  3.208   -4.637  1.00 27.04 ? 218 HOH A O   1 
HETATM 1517 O  O   . HOH D 4 .   ? -22.835 -0.976  9.635   1.00 22.06 ? 219 HOH A O   1 
HETATM 1518 O  O   . HOH D 4 .   ? 6.145   -3.434  6.740   1.00 26.24 ? 220 HOH A O   1 
HETATM 1519 O  O   . HOH D 4 .   ? -2.934  -5.179  -16.044 1.00 27.64 ? 221 HOH A O   1 
HETATM 1520 O  O   . HOH D 4 .   ? -5.700  15.361  -2.448  1.00 25.05 ? 222 HOH A O   1 
HETATM 1521 O  O   . HOH D 4 .   ? 2.887   14.921  12.516  1.00 35.76 ? 223 HOH A O   1 
HETATM 1522 O  O   . HOH D 4 .   ? 13.637  -8.016  -9.615  1.00 34.64 ? 224 HOH A O   1 
HETATM 1523 O  O   . HOH D 4 .   ? -12.480 5.626   1.798   1.00 25.57 ? 225 HOH A O   1 
HETATM 1524 O  O   . HOH D 4 .   ? 0.988   -1.350  17.572  1.00 36.20 ? 226 HOH A O   1 
HETATM 1525 O  O   . HOH D 4 .   ? -16.028 -1.152  13.203  1.00 26.22 ? 227 HOH A O   1 
HETATM 1526 O  O   . HOH D 4 .   ? 3.355   -5.498  10.067  1.00 29.50 ? 228 HOH A O   1 
HETATM 1527 O  O   . HOH D 4 .   ? 3.632   -13.672 -15.697 1.00 29.19 ? 229 HOH A O   1 
HETATM 1528 O  O   . HOH D 4 .   ? -9.879  10.772  5.697   1.00 25.86 ? 230 HOH A O   1 
HETATM 1529 O  O   . HOH D 4 .   ? 11.030  4.981   -1.694  1.00 26.60 ? 231 HOH A O   1 
HETATM 1530 O  O   . HOH D 4 .   ? -13.303 2.726   2.318   1.00 32.06 ? 232 HOH A O   1 
HETATM 1531 O  O   . HOH D 4 .   ? -11.953 -15.471 -5.277  1.00 32.64 ? 233 HOH A O   1 
HETATM 1532 O  O   . HOH D 4 .   ? -3.657  -10.463 5.076   1.00 30.20 ? 234 HOH A O   1 
HETATM 1533 O  O   . HOH D 4 .   ? -13.942 -9.459  15.148  1.00 41.41 ? 235 HOH A O   1 
HETATM 1534 O  O   . HOH D 4 .   ? -11.126 13.779  2.803   1.00 41.30 ? 236 HOH A O   1 
HETATM 1535 O  O   . HOH D 4 .   ? 11.227  -15.543 -15.753 1.00 52.56 ? 237 HOH A O   1 
HETATM 1536 O  O   . HOH D 4 .   ? -9.201  -9.017  -10.440 1.00 24.81 ? 238 HOH A O   1 
HETATM 1537 O  O   . HOH D 4 .   ? 19.162  -6.129  -14.273 1.00 25.63 ? 239 HOH A O   1 
HETATM 1538 O  O   . HOH D 4 .   ? -5.159  3.146   -11.721 1.00 36.07 ? 240 HOH A O   1 
HETATM 1539 O  O   . HOH D 4 .   ? -0.921  -4.633  17.598  1.00 37.26 ? 241 HOH A O   1 
HETATM 1540 O  O   . HOH D 4 .   ? 13.797  0.180   -10.930 1.00 42.46 ? 242 HOH A O   1 
HETATM 1541 O  O   . HOH D 4 .   ? 7.456   -1.798  0.756   1.00 23.46 ? 243 HOH A O   1 
HETATM 1542 O  O   . HOH D 4 .   ? -16.751 0.754   -0.772  1.00 37.11 ? 244 HOH A O   1 
HETATM 1543 O  O   . HOH D 4 .   ? 2.546   -10.382 1.940   1.00 36.17 ? 245 HOH A O   1 
HETATM 1544 O  O   . HOH D 4 .   ? -18.003 -7.056  11.399  1.00 35.60 ? 246 HOH A O   1 
HETATM 1545 O  O   . HOH D 4 .   ? 19.211  0.945   -6.450  1.00 40.90 ? 247 HOH A O   1 
HETATM 1546 O  O   . HOH D 4 .   ? 18.135  7.220   -3.952  1.00 40.53 ? 248 HOH A O   1 
HETATM 1547 O  O   . HOH D 4 .   ? -3.816  12.620  8.768   1.00 19.98 ? 249 HOH A O   1 
HETATM 1548 O  O   . HOH D 4 .   ? -12.644 -13.070 -7.724  1.00 25.80 ? 250 HOH A O   1 
HETATM 1549 O  O   . HOH D 4 .   ? -7.505  1.280   20.307  1.00 35.44 ? 251 HOH A O   1 
HETATM 1550 O  O   . HOH D 4 .   ? 15.326  -7.847  1.666   1.00 33.91 ? 252 HOH A O   1 
HETATM 1551 O  O   . HOH D 4 .   ? 6.143   13.469  -3.645  1.00 34.34 ? 253 HOH A O   1 
HETATM 1552 O  O   . HOH D 4 .   ? 8.119   -11.306 -6.951  1.00 39.59 ? 254 HOH A O   1 
HETATM 1553 O  O   . HOH D 4 .   ? -15.351 -9.416  3.292   1.00 35.45 ? 255 HOH A O   1 
HETATM 1554 O  O   . HOH D 4 .   ? -21.234 -3.703  10.389  1.00 32.72 ? 256 HOH A O   1 
HETATM 1555 O  O   . HOH D 4 .   ? -0.194  -10.914 0.485   1.00 35.77 ? 257 HOH A O   1 
HETATM 1556 O  O   . HOH D 4 .   ? -7.202  -1.759  -13.379 1.00 38.92 ? 258 HOH A O   1 
HETATM 1557 O  O   . HOH D 4 .   ? -18.494 0.101   13.909  1.00 36.35 ? 259 HOH A O   1 
HETATM 1558 O  O   . HOH D 4 .   ? -14.672 7.238   1.373   0.50 39.10 ? 260 HOH A O   1 
HETATM 1559 O  O   . HOH D 4 .   ? -5.867  13.811  9.688   1.00 31.40 ? 261 HOH A O   1 
HETATM 1560 O  O   . HOH D 4 .   ? -17.052 -9.863  1.028   1.00 35.23 ? 262 HOH A O   1 
HETATM 1561 O  O   . HOH D 4 .   ? -13.239 3.929   -4.732  1.00 33.32 ? 263 HOH A O   1 
HETATM 1562 O  O   . HOH D 4 .   ? 3.157   -9.214  -4.162  1.00 32.35 ? 264 HOH A O   1 
HETATM 1563 O  O   . HOH D 4 .   ? 6.154   16.156  7.145   1.00 31.96 ? 265 HOH A O   1 
HETATM 1564 O  O   . HOH D 4 .   ? -14.643 4.467   -15.761 1.00 46.03 ? 266 HOH A O   1 
HETATM 1565 O  O   . HOH D 4 .   ? -5.562  -9.292  7.369   1.00 28.06 ? 267 HOH A O   1 
HETATM 1566 O  O   . HOH D 4 .   ? 6.906   16.701  9.626   1.00 35.26 ? 268 HOH A O   1 
HETATM 1567 O  O   . HOH D 4 .   ? 10.099  -9.507  -8.435  1.00 26.96 ? 269 HOH A O   1 
HETATM 1568 O  O   . HOH D 4 .   ? -14.929 -11.964 -6.644  1.00 32.65 ? 270 HOH A O   1 
HETATM 1569 O  O   . HOH D 4 .   ? 14.498  2.437   14.544  1.00 44.80 ? 271 HOH A O   1 
HETATM 1570 O  O   . HOH D 4 .   ? -9.938  10.596  -8.649  1.00 38.49 ? 272 HOH A O   1 
HETATM 1571 O  O   . HOH D 4 .   ? 10.132  -12.636 -1.571  1.00 54.00 ? 273 HOH A O   1 
HETATM 1572 O  O   . HOH D 4 .   ? -12.799 -16.871 -0.034  1.00 47.30 ? 274 HOH A O   1 
HETATM 1573 O  O   . HOH D 4 .   ? -15.733 -6.350  -10.472 1.00 29.15 ? 275 HOH A O   1 
HETATM 1574 O  O   . HOH D 4 .   ? 9.323   4.294   -7.320  1.00 47.79 ? 276 HOH A O   1 
HETATM 1575 O  O   . HOH D 4 .   ? 6.824   2.813   -12.569 1.00 46.61 ? 277 HOH A O   1 
HETATM 1576 O  O   . HOH D 4 .   ? -18.653 -7.707  0.210   0.50 44.83 ? 278 HOH A O   1 
HETATM 1577 O  O   . HOH D 4 .   ? 8.566   10.775  -3.744  1.00 56.60 ? 279 HOH A O   1 
HETATM 1578 O  O   . HOH D 4 .   ? -1.593  -16.868 -17.147 1.00 40.95 ? 280 HOH A O   1 
HETATM 1579 O  O   . HOH D 4 .   ? -12.318 -3.941  19.977  1.00 56.83 ? 281 HOH A O   1 
HETATM 1580 O  O   . HOH D 4 .   ? 11.894  5.362   12.550  1.00 23.20 ? 282 HOH A O   1 
HETATM 1581 O  O   . HOH D 4 .   ? -14.880 4.298   -3.033  1.00 58.98 ? 283 HOH A O   1 
HETATM 1582 O  O   . HOH D 4 .   ? -8.166  -3.186  19.673  1.00 38.87 ? 284 HOH A O   1 
HETATM 1583 O  O   . HOH D 4 .   ? -17.365 1.068   17.516  1.00 58.68 ? 285 HOH A O   1 
HETATM 1584 O  O   . HOH D 4 .   ? 8.446   -9.939  -19.930 1.00 47.62 ? 286 HOH A O   1 
HETATM 1585 O  O   . HOH D 4 .   ? 2.158   -7.286  15.990  1.00 47.59 ? 287 HOH A O   1 
HETATM 1586 O  O   . HOH D 4 .   ? 13.008  10.193  -1.482  1.00 49.60 ? 288 HOH A O   1 
HETATM 1587 O  O   . HOH D 4 .   ? -5.167  -13.688 -15.678 1.00 46.22 ? 289 HOH A O   1 
HETATM 1588 O  O   . HOH D 4 .   ? -8.855  10.933  12.397  1.00 31.61 ? 290 HOH A O   1 
HETATM 1589 O  O   . HOH D 4 .   ? -8.381  -5.183  17.755  1.00 39.62 ? 291 HOH A O   1 
HETATM 1590 O  O   . HOH D 4 .   ? -13.338 9.034   -3.106  1.00 44.42 ? 292 HOH A O   1 
HETATM 1591 O  O   . HOH D 4 .   ? -3.203  7.348   -10.960 1.00 42.89 ? 293 HOH A O   1 
HETATM 1592 O  O   . HOH D 4 .   ? 3.946   -0.938  17.770  1.00 52.85 ? 294 HOH A O   1 
HETATM 1593 O  O   . HOH D 4 .   ? -3.537  -11.457 14.735  1.00 35.40 ? 295 HOH A O   1 
HETATM 1594 O  O   . HOH D 4 .   ? -12.040 -0.922  -10.686 1.00 36.97 ? 296 HOH A O   1 
HETATM 1595 O  O   . HOH D 4 .   ? 4.500   -10.589 -1.046  1.00 34.49 ? 297 HOH A O   1 
HETATM 1596 O  O   . HOH D 4 .   ? 1.283   -10.410 -2.881  1.00 36.06 ? 298 HOH A O   1 
HETATM 1597 O  O   . HOH D 4 .   ? -3.501  -6.996  -18.085 1.00 39.59 ? 299 HOH A O   1 
HETATM 1598 O  O   . HOH D 4 .   ? -10.483 -3.585  17.648  1.00 32.67 ? 300 HOH A O   1 
HETATM 1599 O  O   . HOH D 4 .   ? 15.088  4.883   4.736   1.00 44.76 ? 301 HOH A O   1 
HETATM 1600 O  O   . HOH D 4 .   ? -14.424 5.860   -9.053  1.00 34.46 ? 302 HOH A O   1 
HETATM 1601 O  O   . HOH D 4 .   ? -16.516 2.261   3.520   1.00 63.68 ? 303 HOH A O   1 
HETATM 1602 O  O   . HOH D 4 .   ? -0.584  -17.441 -3.287  1.00 38.66 ? 304 HOH A O   1 
HETATM 1603 O  O   . HOH D 4 .   ? -0.380  -13.275 -2.295  1.00 43.84 ? 305 HOH A O   1 
# 
